data_7US9
# 
_entry.id   7US9 
# 
_audit_conform.dict_name       mmcif_pdbx.dic 
_audit_conform.dict_version    5.397 
_audit_conform.dict_location   http://mmcif.pdb.org/dictionaries/ascii/mmcif_pdbx.dic 
# 
loop_
_database_2.database_id 
_database_2.database_code 
_database_2.pdbx_database_accession 
_database_2.pdbx_DOI 
PDB   7US9         pdb_00007us9 10.2210/pdb7us9/pdb 
WWPDB D_1000264801 ?            ?                   
EMDB  EMD-26729    ?            ?                   
# 
loop_
_pdbx_audit_revision_history.ordinal 
_pdbx_audit_revision_history.data_content_type 
_pdbx_audit_revision_history.major_revision 
_pdbx_audit_revision_history.minor_revision 
_pdbx_audit_revision_history.revision_date 
1 'Structure model' 1 0 2022-08-24 
2 'Structure model' 1 1 2024-10-30 
# 
_pdbx_audit_revision_details.ordinal             1 
_pdbx_audit_revision_details.revision_ordinal    1 
_pdbx_audit_revision_details.data_content_type   'Structure model' 
_pdbx_audit_revision_details.provider            repository 
_pdbx_audit_revision_details.type                'Initial release' 
_pdbx_audit_revision_details.description         ? 
_pdbx_audit_revision_details.details             ? 
# 
loop_
_pdbx_audit_revision_group.ordinal 
_pdbx_audit_revision_group.revision_ordinal 
_pdbx_audit_revision_group.data_content_type 
_pdbx_audit_revision_group.group 
1 2 'Structure model' 'Data collection'   
2 2 'Structure model' 'Structure summary' 
# 
loop_
_pdbx_audit_revision_category.ordinal 
_pdbx_audit_revision_category.revision_ordinal 
_pdbx_audit_revision_category.data_content_type 
_pdbx_audit_revision_category.category 
1 2 'Structure model' chem_comp_atom            
2 2 'Structure model' chem_comp_bond            
3 2 'Structure model' em_admin                  
4 2 'Structure model' pdbx_entry_details        
5 2 'Structure model' pdbx_modification_feature 
# 
loop_
_pdbx_audit_revision_item.ordinal 
_pdbx_audit_revision_item.revision_ordinal 
_pdbx_audit_revision_item.data_content_type 
_pdbx_audit_revision_item.item 
1 2 'Structure model' '_em_admin.last_update'                        
2 2 'Structure model' '_pdbx_entry_details.has_protein_modification' 
# 
_pdbx_database_status.status_code                     REL 
_pdbx_database_status.status_code_sf                  ? 
_pdbx_database_status.status_code_mr                  ? 
_pdbx_database_status.entry_id                        7US9 
_pdbx_database_status.recvd_initial_deposition_date   2022-04-23 
_pdbx_database_status.SG_entry                        Y 
_pdbx_database_status.deposit_site                    RCSB 
_pdbx_database_status.process_site                    RCSB 
_pdbx_database_status.status_code_cs                  ? 
_pdbx_database_status.status_code_nmr_data            ? 
_pdbx_database_status.methods_development_category    ? 
_pdbx_database_status.pdb_format_compatible           Y 
# 
_pdbx_database_related.db_name        EMDB 
_pdbx_database_related.details        'CCoV-HuPn-2018 D0 in proximal conformation' 
_pdbx_database_related.db_id          EMD-26729 
_pdbx_database_related.content_type   'associated EM volume' 
# 
_pdbx_contact_author.id                 3 
_pdbx_contact_author.email              dveesler@uw.edu 
_pdbx_contact_author.name_first         David 
_pdbx_contact_author.name_last          Veesler 
_pdbx_contact_author.name_mi            ? 
_pdbx_contact_author.role               'principal investigator/group leader' 
_pdbx_contact_author.identifier_ORCID   0000-0002-6019-8675 
# 
loop_
_audit_author.name 
_audit_author.pdbx_ordinal 
_audit_author.identifier_ORCID 
'Tortorici, M.A.'                                                    1 0000-0002-2260-2577 
'Veesler, D.'                                                        2 0000-0002-6019-8675 
'Seattle Structural Genomics Center for Infectious Disease (SSGCID)' 3 ?                   
# 
_citation.abstract                  ? 
_citation.abstract_id_CAS           ? 
_citation.book_id_ISBN              ? 
_citation.book_publisher            ? 
_citation.book_publisher_city       ? 
_citation.book_title                ? 
_citation.coordinate_linkage        ? 
_citation.country                   ? 
_citation.database_id_Medline       ? 
_citation.details                   ? 
_citation.id                        primary 
_citation.journal_abbrev            Cell 
_citation.journal_id_ASTM           ? 
_citation.journal_id_CSD            ? 
_citation.journal_id_ISSN           1097-4172 
_citation.journal_full              ? 
_citation.journal_issue             ? 
_citation.journal_volume            185 
_citation.language                  ? 
_citation.page_first                2279 
_citation.page_last                 2291.e17 
_citation.title                     
'Structure, receptor recognition, and antigenicity of the human coronavirus CCoV-HuPn-2018 spike glycoprotein.' 
_citation.year                      2022 
_citation.database_id_CSD           ? 
_citation.pdbx_database_id_DOI      10.1016/j.cell.2022.05.019 
_citation.pdbx_database_id_PubMed   35700730 
_citation.pdbx_database_id_patent   ? 
_citation.unpublished_flag          ? 
# 
loop_
_citation_author.citation_id 
_citation_author.name 
_citation_author.ordinal 
_citation_author.identifier_ORCID 
primary 'Tortorici, M.A.'   1  ? 
primary 'Walls, A.C.'       2  ? 
primary 'Joshi, A.'         3  ? 
primary 'Park, Y.J.'        4  ? 
primary 'Eguia, R.T.'       5  ? 
primary 'Miranda, M.C.'     6  ? 
primary 'Kepl, E.'          7  ? 
primary 'Dosey, A.'         8  ? 
primary 'Stevens-Ayers, T.' 9  ? 
primary 'Boeckh, M.J.'      10 ? 
primary 'Telenti, A.'       11 ? 
primary 'Lanzavecchia, A.'  12 ? 
primary 'King, N.P.'        13 ? 
primary 'Corti, D.'         14 ? 
primary 'Bloom, J.D.'       15 ? 
primary 'Veesler, D.'       16 ? 
# 
loop_
_entity.id 
_entity.type 
_entity.src_method 
_entity.pdbx_description 
_entity.formula_weight 
_entity.pdbx_number_of_molecules 
_entity.pdbx_ec 
_entity.pdbx_mutation 
_entity.pdbx_fragment 
_entity.details 
1 polymer     man 'Spike glycoprotein'                                                                      29960.043 1 ? ? 
'CCoV-HuPn-2018 Spike domain 0 in proximal conformation' ? 
2 branched    man '2-acetamido-2-deoxy-beta-D-glucopyranose-(1-4)-2-acetamido-2-deoxy-beta-D-glucopyranose' 424.401   1 ? ? ? ? 
3 non-polymer syn 2-acetamido-2-deoxy-beta-D-glucopyranose                                                  221.208   2 ? ? ? ? 
# 
_entity_name_com.entity_id   1 
_entity_name_com.name        'S glycoprotein,E2,Peplomer protein' 
# 
_entity_poly.entity_id                      1 
_entity_poly.type                           'polypeptide(L)' 
_entity_poly.nstd_linkage                   no 
_entity_poly.nstd_monomer                   no 
_entity_poly.pdbx_seq_one_letter_code       
;MGILPSPGMPALLSLVSLLSVLLMGCVAETGTDNFPCSKFLNRTIGNHWNLIENFLLNYSIRLPPNSDVVLGDYFPTVQP
WFNCIRNNNNSLYVTMENLKALYWDYATENITSDHRQRLHVVVKGKPYSITVTTTRNFDAAEGAIICICKGSPPTTTTGN
LDCNWGSDCRLNHKFPICPSNSQANCGNMLYGLQWFTDEVVAYLHGAIYRISFENKWFGTVTLGDMRATTLQTAGALVDL
WWFNPVYDVTYYRVNNKNGTTIVSNCT
;
_entity_poly.pdbx_seq_one_letter_code_can   
;MGILPSPGMPALLSLVSLLSVLLMGCVAETGTDNFPCSKFLNRTIGNHWNLIENFLLNYSIRLPPNSDVVLGDYFPTVQP
WFNCIRNNNNSLYVTMENLKALYWDYATENITSDHRQRLHVVVKGKPYSITVTTTRNFDAAEGAIICICKGSPPTTTTGN
LDCNWGSDCRLNHKFPICPSNSQANCGNMLYGLQWFTDEVVAYLHGAIYRISFENKWFGTVTLGDMRATTLQTAGALVDL
WWFNPVYDVTYYRVNNKNGTTIVSNCT
;
_entity_poly.pdbx_strand_id                 A 
_entity_poly.pdbx_target_identifier         ? 
# 
_pdbx_entity_nonpoly.entity_id   3 
_pdbx_entity_nonpoly.name        2-acetamido-2-deoxy-beta-D-glucopyranose 
_pdbx_entity_nonpoly.comp_id     NAG 
# 
loop_
_entity_poly_seq.entity_id 
_entity_poly_seq.num 
_entity_poly_seq.mon_id 
_entity_poly_seq.hetero 
1 1   MET n 
1 2   GLY n 
1 3   ILE n 
1 4   LEU n 
1 5   PRO n 
1 6   SER n 
1 7   PRO n 
1 8   GLY n 
1 9   MET n 
1 10  PRO n 
1 11  ALA n 
1 12  LEU n 
1 13  LEU n 
1 14  SER n 
1 15  LEU n 
1 16  VAL n 
1 17  SER n 
1 18  LEU n 
1 19  LEU n 
1 20  SER n 
1 21  VAL n 
1 22  LEU n 
1 23  LEU n 
1 24  MET n 
1 25  GLY n 
1 26  CYS n 
1 27  VAL n 
1 28  ALA n 
1 29  GLU n 
1 30  THR n 
1 31  GLY n 
1 32  THR n 
1 33  ASP n 
1 34  ASN n 
1 35  PHE n 
1 36  PRO n 
1 37  CYS n 
1 38  SER n 
1 39  LYS n 
1 40  PHE n 
1 41  LEU n 
1 42  ASN n 
1 43  ARG n 
1 44  THR n 
1 45  ILE n 
1 46  GLY n 
1 47  ASN n 
1 48  HIS n 
1 49  TRP n 
1 50  ASN n 
1 51  LEU n 
1 52  ILE n 
1 53  GLU n 
1 54  ASN n 
1 55  PHE n 
1 56  LEU n 
1 57  LEU n 
1 58  ASN n 
1 59  TYR n 
1 60  SER n 
1 61  ILE n 
1 62  ARG n 
1 63  LEU n 
1 64  PRO n 
1 65  PRO n 
1 66  ASN n 
1 67  SER n 
1 68  ASP n 
1 69  VAL n 
1 70  VAL n 
1 71  LEU n 
1 72  GLY n 
1 73  ASP n 
1 74  TYR n 
1 75  PHE n 
1 76  PRO n 
1 77  THR n 
1 78  VAL n 
1 79  GLN n 
1 80  PRO n 
1 81  TRP n 
1 82  PHE n 
1 83  ASN n 
1 84  CYS n 
1 85  ILE n 
1 86  ARG n 
1 87  ASN n 
1 88  ASN n 
1 89  ASN n 
1 90  ASN n 
1 91  SER n 
1 92  LEU n 
1 93  TYR n 
1 94  VAL n 
1 95  THR n 
1 96  MET n 
1 97  GLU n 
1 98  ASN n 
1 99  LEU n 
1 100 LYS n 
1 101 ALA n 
1 102 LEU n 
1 103 TYR n 
1 104 TRP n 
1 105 ASP n 
1 106 TYR n 
1 107 ALA n 
1 108 THR n 
1 109 GLU n 
1 110 ASN n 
1 111 ILE n 
1 112 THR n 
1 113 SER n 
1 114 ASP n 
1 115 HIS n 
1 116 ARG n 
1 117 GLN n 
1 118 ARG n 
1 119 LEU n 
1 120 HIS n 
1 121 VAL n 
1 122 VAL n 
1 123 VAL n 
1 124 LYS n 
1 125 GLY n 
1 126 LYS n 
1 127 PRO n 
1 128 TYR n 
1 129 SER n 
1 130 ILE n 
1 131 THR n 
1 132 VAL n 
1 133 THR n 
1 134 THR n 
1 135 THR n 
1 136 ARG n 
1 137 ASN n 
1 138 PHE n 
1 139 ASP n 
1 140 ALA n 
1 141 ALA n 
1 142 GLU n 
1 143 GLY n 
1 144 ALA n 
1 145 ILE n 
1 146 ILE n 
1 147 CYS n 
1 148 ILE n 
1 149 CYS n 
1 150 LYS n 
1 151 GLY n 
1 152 SER n 
1 153 PRO n 
1 154 PRO n 
1 155 THR n 
1 156 THR n 
1 157 THR n 
1 158 THR n 
1 159 GLY n 
1 160 ASN n 
1 161 LEU n 
1 162 ASP n 
1 163 CYS n 
1 164 ASN n 
1 165 TRP n 
1 166 GLY n 
1 167 SER n 
1 168 ASP n 
1 169 CYS n 
1 170 ARG n 
1 171 LEU n 
1 172 ASN n 
1 173 HIS n 
1 174 LYS n 
1 175 PHE n 
1 176 PRO n 
1 177 ILE n 
1 178 CYS n 
1 179 PRO n 
1 180 SER n 
1 181 ASN n 
1 182 SER n 
1 183 GLN n 
1 184 ALA n 
1 185 ASN n 
1 186 CYS n 
1 187 GLY n 
1 188 ASN n 
1 189 MET n 
1 190 LEU n 
1 191 TYR n 
1 192 GLY n 
1 193 LEU n 
1 194 GLN n 
1 195 TRP n 
1 196 PHE n 
1 197 THR n 
1 198 ASP n 
1 199 GLU n 
1 200 VAL n 
1 201 VAL n 
1 202 ALA n 
1 203 TYR n 
1 204 LEU n 
1 205 HIS n 
1 206 GLY n 
1 207 ALA n 
1 208 ILE n 
1 209 TYR n 
1 210 ARG n 
1 211 ILE n 
1 212 SER n 
1 213 PHE n 
1 214 GLU n 
1 215 ASN n 
1 216 LYS n 
1 217 TRP n 
1 218 PHE n 
1 219 GLY n 
1 220 THR n 
1 221 VAL n 
1 222 THR n 
1 223 LEU n 
1 224 GLY n 
1 225 ASP n 
1 226 MET n 
1 227 ARG n 
1 228 ALA n 
1 229 THR n 
1 230 THR n 
1 231 LEU n 
1 232 GLN n 
1 233 THR n 
1 234 ALA n 
1 235 GLY n 
1 236 ALA n 
1 237 LEU n 
1 238 VAL n 
1 239 ASP n 
1 240 LEU n 
1 241 TRP n 
1 242 TRP n 
1 243 PHE n 
1 244 ASN n 
1 245 PRO n 
1 246 VAL n 
1 247 TYR n 
1 248 ASP n 
1 249 VAL n 
1 250 THR n 
1 251 TYR n 
1 252 TYR n 
1 253 ARG n 
1 254 VAL n 
1 255 ASN n 
1 256 ASN n 
1 257 LYS n 
1 258 ASN n 
1 259 GLY n 
1 260 THR n 
1 261 THR n 
1 262 ILE n 
1 263 VAL n 
1 264 SER n 
1 265 ASN n 
1 266 CYS n 
1 267 THR n 
# 
_entity_src_gen.entity_id                          1 
_entity_src_gen.pdbx_src_id                        1 
_entity_src_gen.pdbx_alt_source_flag               sample 
_entity_src_gen.pdbx_seq_type                      'Biological sequence' 
_entity_src_gen.pdbx_beg_seq_num                   1 
_entity_src_gen.pdbx_end_seq_num                   267 
_entity_src_gen.gene_src_common_name               ? 
_entity_src_gen.gene_src_genus                     ? 
_entity_src_gen.pdbx_gene_src_gene                 ? 
_entity_src_gen.gene_src_species                   ? 
_entity_src_gen.gene_src_strain                    ? 
_entity_src_gen.gene_src_tissue                    ? 
_entity_src_gen.gene_src_tissue_fraction           ? 
_entity_src_gen.gene_src_details                   ? 
_entity_src_gen.pdbx_gene_src_fragment             ? 
_entity_src_gen.pdbx_gene_src_scientific_name      'unidentified human coronavirus' 
_entity_src_gen.pdbx_gene_src_ncbi_taxonomy_id     694448 
_entity_src_gen.pdbx_gene_src_variant              ? 
_entity_src_gen.pdbx_gene_src_cell_line            ? 
_entity_src_gen.pdbx_gene_src_atcc                 ? 
_entity_src_gen.pdbx_gene_src_organ                ? 
_entity_src_gen.pdbx_gene_src_organelle            ? 
_entity_src_gen.pdbx_gene_src_cell                 ? 
_entity_src_gen.pdbx_gene_src_cellular_location    ? 
_entity_src_gen.host_org_common_name               ? 
_entity_src_gen.pdbx_host_org_scientific_name      'mammal environmental sample' 
_entity_src_gen.pdbx_host_org_ncbi_taxonomy_id     1092587 
_entity_src_gen.host_org_genus                     ? 
_entity_src_gen.pdbx_host_org_gene                 ? 
_entity_src_gen.pdbx_host_org_organ                ? 
_entity_src_gen.host_org_species                   ? 
_entity_src_gen.pdbx_host_org_tissue               ? 
_entity_src_gen.pdbx_host_org_tissue_fraction      ? 
_entity_src_gen.pdbx_host_org_strain               ? 
_entity_src_gen.pdbx_host_org_variant              ? 
_entity_src_gen.pdbx_host_org_cell_line            ? 
_entity_src_gen.pdbx_host_org_atcc                 ? 
_entity_src_gen.pdbx_host_org_culture_collection   ? 
_entity_src_gen.pdbx_host_org_cell                 ? 
_entity_src_gen.pdbx_host_org_organelle            ? 
_entity_src_gen.pdbx_host_org_cellular_location    ? 
_entity_src_gen.pdbx_host_org_vector_type          ? 
_entity_src_gen.pdbx_host_org_vector               ? 
_entity_src_gen.host_org_details                   ? 
_entity_src_gen.expression_system_id               ? 
_entity_src_gen.plasmid_name                       ? 
_entity_src_gen.plasmid_details                    ? 
_entity_src_gen.pdbx_description                   ? 
# 
_pdbx_entity_branch.entity_id   2 
_pdbx_entity_branch.type        oligosaccharide 
# 
loop_
_pdbx_entity_branch_descriptor.ordinal 
_pdbx_entity_branch_descriptor.entity_id 
_pdbx_entity_branch_descriptor.descriptor 
_pdbx_entity_branch_descriptor.type 
_pdbx_entity_branch_descriptor.program 
_pdbx_entity_branch_descriptor.program_version 
1 2 DGlcpNAcb1-4DGlcpNAcb1-ROH                            'Glycam Condensed Sequence' GMML       1.0   
2 2 'WURCS=2.0/1,2,1/[a2122h-1b_1-5_2*NCC/3=O]/1-1/a4-b1' WURCS                       PDB2Glycan 1.1.0 
3 2 '[][D-1-deoxy-GlcpNAc]{[(4+1)][b-D-GlcpNAc]{}}'       LINUCS                      PDB-CARE   ?     
# 
_pdbx_entity_branch_link.link_id                    1 
_pdbx_entity_branch_link.entity_id                  2 
_pdbx_entity_branch_link.entity_branch_list_num_1   2 
_pdbx_entity_branch_link.comp_id_1                  NAG 
_pdbx_entity_branch_link.atom_id_1                  C1 
_pdbx_entity_branch_link.leaving_atom_id_1          O1 
_pdbx_entity_branch_link.entity_branch_list_num_2   1 
_pdbx_entity_branch_link.comp_id_2                  NAG 
_pdbx_entity_branch_link.atom_id_2                  O4 
_pdbx_entity_branch_link.leaving_atom_id_2          HO4 
_pdbx_entity_branch_link.value_order                sing 
_pdbx_entity_branch_link.details                    ? 
# 
loop_
_chem_comp.id 
_chem_comp.type 
_chem_comp.mon_nstd_flag 
_chem_comp.name 
_chem_comp.pdbx_synonyms 
_chem_comp.formula 
_chem_comp.formula_weight 
ALA 'L-peptide linking'          y ALANINE                                  ? 'C3 H7 N O2'     89.093  
ARG 'L-peptide linking'          y ARGININE                                 ? 'C6 H15 N4 O2 1' 175.209 
ASN 'L-peptide linking'          y ASPARAGINE                               ? 'C4 H8 N2 O3'    132.118 
ASP 'L-peptide linking'          y 'ASPARTIC ACID'                          ? 'C4 H7 N O4'     133.103 
CYS 'L-peptide linking'          y CYSTEINE                                 ? 'C3 H7 N O2 S'   121.158 
GLN 'L-peptide linking'          y GLUTAMINE                                ? 'C5 H10 N2 O3'   146.144 
GLU 'L-peptide linking'          y 'GLUTAMIC ACID'                          ? 'C5 H9 N O4'     147.129 
GLY 'peptide linking'            y GLYCINE                                  ? 'C2 H5 N O2'     75.067  
HIS 'L-peptide linking'          y HISTIDINE                                ? 'C6 H10 N3 O2 1' 156.162 
ILE 'L-peptide linking'          y ISOLEUCINE                               ? 'C6 H13 N O2'    131.173 
LEU 'L-peptide linking'          y LEUCINE                                  ? 'C6 H13 N O2'    131.173 
LYS 'L-peptide linking'          y LYSINE                                   ? 'C6 H15 N2 O2 1' 147.195 
MET 'L-peptide linking'          y METHIONINE                               ? 'C5 H11 N O2 S'  149.211 
NAG 'D-saccharide, beta linking' . 2-acetamido-2-deoxy-beta-D-glucopyranose 
;N-acetyl-beta-D-glucosamine; 2-acetamido-2-deoxy-beta-D-glucose; 2-acetamido-2-deoxy-D-glucose; 2-acetamido-2-deoxy-glucose; N-ACETYL-D-GLUCOSAMINE
;
'C8 H15 N O6'    221.208 
PHE 'L-peptide linking'          y PHENYLALANINE                            ? 'C9 H11 N O2'    165.189 
PRO 'L-peptide linking'          y PROLINE                                  ? 'C5 H9 N O2'     115.130 
SER 'L-peptide linking'          y SERINE                                   ? 'C3 H7 N O3'     105.093 
THR 'L-peptide linking'          y THREONINE                                ? 'C4 H9 N O3'     119.119 
TRP 'L-peptide linking'          y TRYPTOPHAN                               ? 'C11 H12 N2 O2'  204.225 
TYR 'L-peptide linking'          y TYROSINE                                 ? 'C9 H11 N O3'    181.189 
VAL 'L-peptide linking'          y VALINE                                   ? 'C5 H11 N O2'    117.146 
# 
loop_
_pdbx_chem_comp_identifier.comp_id 
_pdbx_chem_comp_identifier.type 
_pdbx_chem_comp_identifier.program 
_pdbx_chem_comp_identifier.program_version 
_pdbx_chem_comp_identifier.identifier 
NAG 'CONDENSED IUPAC CARBOHYDRATE SYMBOL' GMML     1.0 DGlcpNAcb                      
NAG 'COMMON NAME'                         GMML     1.0 N-acetyl-b-D-glucopyranosamine 
NAG 'IUPAC CARBOHYDRATE SYMBOL'           PDB-CARE 1.0 b-D-GlcpNAc                    
NAG 'SNFG CARBOHYDRATE SYMBOL'            GMML     1.0 GlcNAc                         
# 
loop_
_pdbx_poly_seq_scheme.asym_id 
_pdbx_poly_seq_scheme.entity_id 
_pdbx_poly_seq_scheme.seq_id 
_pdbx_poly_seq_scheme.mon_id 
_pdbx_poly_seq_scheme.ndb_seq_num 
_pdbx_poly_seq_scheme.pdb_seq_num 
_pdbx_poly_seq_scheme.auth_seq_num 
_pdbx_poly_seq_scheme.pdb_mon_id 
_pdbx_poly_seq_scheme.auth_mon_id 
_pdbx_poly_seq_scheme.pdb_strand_id 
_pdbx_poly_seq_scheme.pdb_ins_code 
_pdbx_poly_seq_scheme.hetero 
A 1 1   MET 1   -15 ?   ?   ?   A . n 
A 1 2   GLY 2   -14 ?   ?   ?   A . n 
A 1 3   ILE 3   -13 ?   ?   ?   A . n 
A 1 4   LEU 4   -12 ?   ?   ?   A . n 
A 1 5   PRO 5   -11 ?   ?   ?   A . n 
A 1 6   SER 6   -10 ?   ?   ?   A . n 
A 1 7   PRO 7   -9  ?   ?   ?   A . n 
A 1 8   GLY 8   -8  ?   ?   ?   A . n 
A 1 9   MET 9   -7  ?   ?   ?   A . n 
A 1 10  PRO 10  -6  ?   ?   ?   A . n 
A 1 11  ALA 11  -5  ?   ?   ?   A . n 
A 1 12  LEU 12  -4  ?   ?   ?   A . n 
A 1 13  LEU 13  -3  ?   ?   ?   A . n 
A 1 14  SER 14  -2  ?   ?   ?   A . n 
A 1 15  LEU 15  -1  ?   ?   ?   A . n 
A 1 16  VAL 16  0   ?   ?   ?   A . n 
A 1 17  SER 17  1   ?   ?   ?   A . n 
A 1 18  LEU 18  2   ?   ?   ?   A . n 
A 1 19  LEU 19  3   ?   ?   ?   A . n 
A 1 20  SER 20  4   ?   ?   ?   A . n 
A 1 21  VAL 21  5   ?   ?   ?   A . n 
A 1 22  LEU 22  6   ?   ?   ?   A . n 
A 1 23  LEU 23  7   ?   ?   ?   A . n 
A 1 24  MET 24  8   ?   ?   ?   A . n 
A 1 25  GLY 25  9   ?   ?   ?   A . n 
A 1 26  CYS 26  10  ?   ?   ?   A . n 
A 1 27  VAL 27  11  ?   ?   ?   A . n 
A 1 28  ALA 28  12  ?   ?   ?   A . n 
A 1 29  GLU 29  13  ?   ?   ?   A . n 
A 1 30  THR 30  14  ?   ?   ?   A . n 
A 1 31  GLY 31  15  ?   ?   ?   A . n 
A 1 32  THR 32  16  ?   ?   ?   A . n 
A 1 33  ASP 33  17  ?   ?   ?   A . n 
A 1 34  ASN 34  18  ?   ?   ?   A . n 
A 1 35  PHE 35  19  ?   ?   ?   A . n 
A 1 36  PRO 36  20  ?   ?   ?   A . n 
A 1 37  CYS 37  21  ?   ?   ?   A . n 
A 1 38  SER 38  22  ?   ?   ?   A . n 
A 1 39  LYS 39  23  ?   ?   ?   A . n 
A 1 40  PHE 40  24  ?   ?   ?   A . n 
A 1 41  LEU 41  25  ?   ?   ?   A . n 
A 1 42  ASN 42  26  ?   ?   ?   A . n 
A 1 43  ARG 43  27  ?   ?   ?   A . n 
A 1 44  THR 44  28  ?   ?   ?   A . n 
A 1 45  ILE 45  29  ?   ?   ?   A . n 
A 1 46  GLY 46  30  ?   ?   ?   A . n 
A 1 47  ASN 47  31  ?   ?   ?   A . n 
A 1 48  HIS 48  32  32  HIS HIS A . n 
A 1 49  TRP 49  33  33  TRP TRP A . n 
A 1 50  ASN 50  34  34  ASN ASN A . n 
A 1 51  LEU 51  35  35  LEU LEU A . n 
A 1 52  ILE 52  36  36  ILE ILE A . n 
A 1 53  GLU 53  37  37  GLU GLU A . n 
A 1 54  ASN 54  38  38  ASN ASN A . n 
A 1 55  PHE 55  39  39  PHE PHE A . n 
A 1 56  LEU 56  40  40  LEU LEU A . n 
A 1 57  LEU 57  41  41  LEU LEU A . n 
A 1 58  ASN 58  42  42  ASN ASN A . n 
A 1 59  TYR 59  43  43  TYR TYR A . n 
A 1 60  SER 60  44  44  SER SER A . n 
A 1 61  ILE 61  45  45  ILE ILE A . n 
A 1 62  ARG 62  46  ?   ?   ?   A . n 
A 1 63  LEU 63  47  47  LEU LEU A . n 
A 1 64  PRO 64  48  48  PRO PRO A . n 
A 1 65  PRO 65  49  49  PRO PRO A . n 
A 1 66  ASN 66  50  50  ASN ASN A . n 
A 1 67  SER 67  51  51  SER SER A . n 
A 1 68  ASP 68  52  52  ASP ASP A . n 
A 1 69  VAL 69  53  53  VAL VAL A . n 
A 1 70  VAL 70  54  54  VAL VAL A . n 
A 1 71  LEU 71  55  55  LEU LEU A . n 
A 1 72  GLY 72  56  56  GLY GLY A . n 
A 1 73  ASP 73  57  57  ASP ASP A . n 
A 1 74  TYR 74  58  58  TYR TYR A . n 
A 1 75  PHE 75  59  59  PHE PHE A . n 
A 1 76  PRO 76  60  60  PRO PRO A . n 
A 1 77  THR 77  61  61  THR THR A . n 
A 1 78  VAL 78  62  62  VAL VAL A . n 
A 1 79  GLN 79  63  63  GLN GLN A . n 
A 1 80  PRO 80  64  64  PRO PRO A . n 
A 1 81  TRP 81  65  65  TRP TRP A . n 
A 1 82  PHE 82  66  66  PHE PHE A . n 
A 1 83  ASN 83  67  67  ASN ASN A . n 
A 1 84  CYS 84  68  68  CYS CYS A . n 
A 1 85  ILE 85  69  ?   ?   ?   A . n 
A 1 86  ARG 86  70  ?   ?   ?   A . n 
A 1 87  ASN 87  71  ?   ?   ?   A . n 
A 1 88  ASN 88  72  ?   ?   ?   A . n 
A 1 89  ASN 89  73  ?   ?   ?   A . n 
A 1 90  ASN 90  74  ?   ?   ?   A . n 
A 1 91  SER 91  75  ?   ?   ?   A . n 
A 1 92  LEU 92  76  76  LEU LEU A . n 
A 1 93  TYR 93  77  77  TYR TYR A . n 
A 1 94  VAL 94  78  78  VAL VAL A . n 
A 1 95  THR 95  79  79  THR THR A . n 
A 1 96  MET 96  80  80  MET MET A . n 
A 1 97  GLU 97  81  81  GLU GLU A . n 
A 1 98  ASN 98  82  82  ASN ASN A . n 
A 1 99  LEU 99  83  83  LEU LEU A . n 
A 1 100 LYS 100 84  84  LYS LYS A . n 
A 1 101 ALA 101 85  85  ALA ALA A . n 
A 1 102 LEU 102 86  86  LEU LEU A . n 
A 1 103 TYR 103 87  87  TYR TYR A . n 
A 1 104 TRP 104 88  88  TRP TRP A . n 
A 1 105 ASP 105 89  89  ASP ASP A . n 
A 1 106 TYR 106 90  ?   ?   ?   A . n 
A 1 107 ALA 107 91  ?   ?   ?   A . n 
A 1 108 THR 108 92  ?   ?   ?   A . n 
A 1 109 GLU 109 93  ?   ?   ?   A . n 
A 1 110 ASN 110 94  ?   ?   ?   A . n 
A 1 111 ILE 111 95  ?   ?   ?   A . n 
A 1 112 THR 112 96  ?   ?   ?   A . n 
A 1 113 SER 113 97  ?   ?   ?   A . n 
A 1 114 ASP 114 98  ?   ?   ?   A . n 
A 1 115 HIS 115 99  ?   ?   ?   A . n 
A 1 116 ARG 116 100 ?   ?   ?   A . n 
A 1 117 GLN 117 101 ?   ?   ?   A . n 
A 1 118 ARG 118 102 ?   ?   ?   A . n 
A 1 119 LEU 119 103 ?   ?   ?   A . n 
A 1 120 HIS 120 104 104 HIS HIS A . n 
A 1 121 VAL 121 105 105 VAL VAL A . n 
A 1 122 VAL 122 106 106 VAL VAL A . n 
A 1 123 VAL 123 107 107 VAL VAL A . n 
A 1 124 LYS 124 108 108 LYS LYS A . n 
A 1 125 GLY 125 109 109 GLY GLY A . n 
A 1 126 LYS 126 110 110 LYS LYS A . n 
A 1 127 PRO 127 111 111 PRO PRO A . n 
A 1 128 TYR 128 112 112 TYR TYR A . n 
A 1 129 SER 129 113 113 SER SER A . n 
A 1 130 ILE 130 114 114 ILE ILE A . n 
A 1 131 THR 131 115 115 THR THR A . n 
A 1 132 VAL 132 116 116 VAL VAL A . n 
A 1 133 THR 133 117 117 THR THR A . n 
A 1 134 THR 134 118 ?   ?   ?   A . n 
A 1 135 THR 135 119 ?   ?   ?   A . n 
A 1 136 ARG 136 120 ?   ?   ?   A . n 
A 1 137 ASN 137 121 ?   ?   ?   A . n 
A 1 138 PHE 138 122 ?   ?   ?   A . n 
A 1 139 ASP 139 123 ?   ?   ?   A . n 
A 1 140 ALA 140 124 ?   ?   ?   A . n 
A 1 141 ALA 141 125 ?   ?   ?   A . n 
A 1 142 GLU 142 126 ?   ?   ?   A . n 
A 1 143 GLY 143 127 ?   ?   ?   A . n 
A 1 144 ALA 144 128 128 ALA ALA A . n 
A 1 145 ILE 145 129 129 ILE ILE A . n 
A 1 146 ILE 146 130 130 ILE ILE A . n 
A 1 147 CYS 147 131 131 CYS CYS A . n 
A 1 148 ILE 148 132 132 ILE ILE A . n 
A 1 149 CYS 149 133 133 CYS CYS A . n 
A 1 150 LYS 150 134 134 LYS LYS A . n 
A 1 151 GLY 151 135 135 GLY GLY A . n 
A 1 152 SER 152 136 ?   ?   ?   A . n 
A 1 153 PRO 153 137 ?   ?   ?   A . n 
A 1 154 PRO 154 138 ?   ?   ?   A . n 
A 1 155 THR 155 139 ?   ?   ?   A . n 
A 1 156 THR 156 140 ?   ?   ?   A . n 
A 1 157 THR 157 141 ?   ?   ?   A . n 
A 1 158 THR 158 142 ?   ?   ?   A . n 
A 1 159 GLY 159 143 ?   ?   ?   A . n 
A 1 160 ASN 160 144 ?   ?   ?   A . n 
A 1 161 LEU 161 145 ?   ?   ?   A . n 
A 1 162 ASP 162 146 ?   ?   ?   A . n 
A 1 163 CYS 163 147 ?   ?   ?   A . n 
A 1 164 ASN 164 148 ?   ?   ?   A . n 
A 1 165 TRP 165 149 ?   ?   ?   A . n 
A 1 166 GLY 166 150 ?   ?   ?   A . n 
A 1 167 SER 167 151 ?   ?   ?   A . n 
A 1 168 ASP 168 152 152 ASP ASP A . n 
A 1 169 CYS 169 153 153 CYS CYS A . n 
A 1 170 ARG 170 154 154 ARG ARG A . n 
A 1 171 LEU 171 155 155 LEU LEU A . n 
A 1 172 ASN 172 156 156 ASN ASN A . n 
A 1 173 HIS 173 157 157 HIS HIS A . n 
A 1 174 LYS 174 158 158 LYS LYS A . n 
A 1 175 PHE 175 159 159 PHE PHE A . n 
A 1 176 PRO 176 160 160 PRO PRO A . n 
A 1 177 ILE 177 161 161 ILE ILE A . n 
A 1 178 CYS 178 162 ?   ?   ?   A . n 
A 1 179 PRO 179 163 ?   ?   ?   A . n 
A 1 180 SER 180 164 ?   ?   ?   A . n 
A 1 181 ASN 181 165 ?   ?   ?   A . n 
A 1 182 SER 182 166 ?   ?   ?   A . n 
A 1 183 GLN 183 167 ?   ?   ?   A . n 
A 1 184 ALA 184 168 ?   ?   ?   A . n 
A 1 185 ASN 185 169 ?   ?   ?   A . n 
A 1 186 CYS 186 170 ?   ?   ?   A . n 
A 1 187 GLY 187 171 ?   ?   ?   A . n 
A 1 188 ASN 188 172 172 ASN ASN A . n 
A 1 189 MET 189 173 173 MET MET A . n 
A 1 190 LEU 190 174 174 LEU LEU A . n 
A 1 191 TYR 191 175 175 TYR TYR A . n 
A 1 192 GLY 192 176 176 GLY GLY A . n 
A 1 193 LEU 193 177 177 LEU LEU A . n 
A 1 194 GLN 194 178 178 GLN GLN A . n 
A 1 195 TRP 195 179 179 TRP TRP A . n 
A 1 196 PHE 196 180 180 PHE PHE A . n 
A 1 197 THR 197 181 181 THR THR A . n 
A 1 198 ASP 198 182 182 ASP ASP A . n 
A 1 199 GLU 199 183 183 GLU GLU A . n 
A 1 200 VAL 200 184 184 VAL VAL A . n 
A 1 201 VAL 201 185 185 VAL VAL A . n 
A 1 202 ALA 202 186 186 ALA ALA A . n 
A 1 203 TYR 203 187 187 TYR TYR A . n 
A 1 204 LEU 204 188 188 LEU LEU A . n 
A 1 205 HIS 205 189 189 HIS HIS A . n 
A 1 206 GLY 206 190 190 GLY GLY A . n 
A 1 207 ALA 207 191 191 ALA ALA A . n 
A 1 208 ILE 208 192 192 ILE ILE A . n 
A 1 209 TYR 209 193 193 TYR TYR A . n 
A 1 210 ARG 210 194 194 ARG ARG A . n 
A 1 211 ILE 211 195 195 ILE ILE A . n 
A 1 212 SER 212 196 196 SER SER A . n 
A 1 213 PHE 213 197 197 PHE PHE A . n 
A 1 214 GLU 214 198 198 GLU GLU A . n 
A 1 215 ASN 215 199 199 ASN ASN A . n 
A 1 216 LYS 216 200 200 LYS LYS A . n 
A 1 217 TRP 217 201 201 TRP TRP A . n 
A 1 218 PHE 218 202 202 PHE PHE A . n 
A 1 219 GLY 219 203 203 GLY GLY A . n 
A 1 220 THR 220 204 204 THR THR A . n 
A 1 221 VAL 221 205 205 VAL VAL A . n 
A 1 222 THR 222 206 206 THR THR A . n 
A 1 223 LEU 223 207 207 LEU LEU A . n 
A 1 224 GLY 224 208 208 GLY GLY A . n 
A 1 225 ASP 225 209 ?   ?   ?   A . n 
A 1 226 MET 226 210 ?   ?   ?   A . n 
A 1 227 ARG 227 211 ?   ?   ?   A . n 
A 1 228 ALA 228 212 ?   ?   ?   A . n 
A 1 229 THR 229 213 ?   ?   ?   A . n 
A 1 230 THR 230 214 ?   ?   ?   A . n 
A 1 231 LEU 231 215 ?   ?   ?   A . n 
A 1 232 GLN 232 216 ?   ?   ?   A . n 
A 1 233 THR 233 217 ?   ?   ?   A . n 
A 1 234 ALA 234 218 ?   ?   ?   A . n 
A 1 235 GLY 235 219 ?   ?   ?   A . n 
A 1 236 ALA 236 220 ?   ?   ?   A . n 
A 1 237 LEU 237 221 ?   ?   ?   A . n 
A 1 238 VAL 238 222 ?   ?   ?   A . n 
A 1 239 ASP 239 223 ?   ?   ?   A . n 
A 1 240 LEU 240 224 ?   ?   ?   A . n 
A 1 241 TRP 241 225 225 TRP TRP A . n 
A 1 242 TRP 242 226 226 TRP TRP A . n 
A 1 243 PHE 243 227 227 PHE PHE A . n 
A 1 244 ASN 244 228 228 ASN ASN A . n 
A 1 245 PRO 245 229 229 PRO PRO A . n 
A 1 246 VAL 246 230 230 VAL VAL A . n 
A 1 247 TYR 247 231 231 TYR TYR A . n 
A 1 248 ASP 248 232 232 ASP ASP A . n 
A 1 249 VAL 249 233 233 VAL VAL A . n 
A 1 250 THR 250 234 234 THR THR A . n 
A 1 251 TYR 251 235 235 TYR TYR A . n 
A 1 252 TYR 252 236 236 TYR TYR A . n 
A 1 253 ARG 253 237 237 ARG ARG A . n 
A 1 254 VAL 254 238 238 VAL VAL A . n 
A 1 255 ASN 255 239 239 ASN ASN A . n 
A 1 256 ASN 256 240 240 ASN ASN A . n 
A 1 257 LYS 257 241 241 LYS LYS A . n 
A 1 258 ASN 258 242 242 ASN ASN A . n 
A 1 259 GLY 259 243 243 GLY GLY A . n 
A 1 260 THR 260 244 244 THR THR A . n 
A 1 261 THR 261 245 245 THR THR A . n 
A 1 262 ILE 262 246 246 ILE ILE A . n 
A 1 263 VAL 263 247 247 VAL VAL A . n 
A 1 264 SER 264 248 248 SER SER A . n 
A 1 265 ASN 265 249 249 ASN ASN A . n 
A 1 266 CYS 266 250 250 CYS CYS A . n 
A 1 267 THR 267 251 ?   ?   ?   A . n 
# 
loop_
_pdbx_branch_scheme.asym_id 
_pdbx_branch_scheme.entity_id 
_pdbx_branch_scheme.mon_id 
_pdbx_branch_scheme.num 
_pdbx_branch_scheme.pdb_asym_id 
_pdbx_branch_scheme.pdb_mon_id 
_pdbx_branch_scheme.pdb_seq_num 
_pdbx_branch_scheme.auth_asym_id 
_pdbx_branch_scheme.auth_mon_id 
_pdbx_branch_scheme.auth_seq_num 
_pdbx_branch_scheme.hetero 
B 2 NAG 1 B NAG 1 A NAG 2550 n 
B 2 NAG 2 B NAG 2 A NAG 2551 n 
# 
loop_
_pdbx_nonpoly_scheme.asym_id 
_pdbx_nonpoly_scheme.entity_id 
_pdbx_nonpoly_scheme.mon_id 
_pdbx_nonpoly_scheme.ndb_seq_num 
_pdbx_nonpoly_scheme.pdb_seq_num 
_pdbx_nonpoly_scheme.auth_seq_num 
_pdbx_nonpoly_scheme.pdb_mon_id 
_pdbx_nonpoly_scheme.auth_mon_id 
_pdbx_nonpoly_scheme.pdb_strand_id 
_pdbx_nonpoly_scheme.pdb_ins_code 
C 3 NAG 1 301 2549 NAG NAG A . 
D 3 NAG 1 302 2602 NAG NAG A . 
# 
loop_
_pdbx_unobs_or_zero_occ_atoms.id 
_pdbx_unobs_or_zero_occ_atoms.PDB_model_num 
_pdbx_unobs_or_zero_occ_atoms.polymer_flag 
_pdbx_unobs_or_zero_occ_atoms.occupancy_flag 
_pdbx_unobs_or_zero_occ_atoms.auth_asym_id 
_pdbx_unobs_or_zero_occ_atoms.auth_comp_id 
_pdbx_unobs_or_zero_occ_atoms.auth_seq_id 
_pdbx_unobs_or_zero_occ_atoms.PDB_ins_code 
_pdbx_unobs_or_zero_occ_atoms.auth_atom_id 
_pdbx_unobs_or_zero_occ_atoms.label_alt_id 
_pdbx_unobs_or_zero_occ_atoms.label_asym_id 
_pdbx_unobs_or_zero_occ_atoms.label_comp_id 
_pdbx_unobs_or_zero_occ_atoms.label_seq_id 
_pdbx_unobs_or_zero_occ_atoms.label_atom_id 
1   1 Y 1 A ASN 34  ? CG  ? A ASN 50  CG  
2   1 Y 1 A ASN 34  ? OD1 ? A ASN 50  OD1 
3   1 Y 1 A ASN 34  ? ND2 ? A ASN 50  ND2 
4   1 Y 1 A LEU 35  ? CG  ? A LEU 51  CG  
5   1 Y 1 A LEU 35  ? CD1 ? A LEU 51  CD1 
6   1 Y 1 A LEU 35  ? CD2 ? A LEU 51  CD2 
7   1 Y 1 A LEU 41  ? CG  ? A LEU 57  CG  
8   1 Y 1 A LEU 41  ? CD1 ? A LEU 57  CD1 
9   1 Y 1 A LEU 41  ? CD2 ? A LEU 57  CD2 
10  1 Y 1 A SER 44  ? OG  ? A SER 60  OG  
11  1 Y 1 A ILE 45  ? CG1 ? A ILE 61  CG1 
12  1 Y 1 A ILE 45  ? CG2 ? A ILE 61  CG2 
13  1 Y 1 A ILE 45  ? CD1 ? A ILE 61  CD1 
14  1 Y 1 A LEU 47  ? CG  ? A LEU 63  CG  
15  1 Y 1 A LEU 47  ? CD1 ? A LEU 63  CD1 
16  1 Y 1 A LEU 47  ? CD2 ? A LEU 63  CD2 
17  1 Y 1 A SER 51  ? OG  ? A SER 67  OG  
18  1 Y 1 A ASP 52  ? CG  ? A ASP 68  CG  
19  1 Y 1 A ASP 52  ? OD1 ? A ASP 68  OD1 
20  1 Y 1 A ASP 52  ? OD2 ? A ASP 68  OD2 
21  1 Y 1 A VAL 53  ? CG1 ? A VAL 69  CG1 
22  1 Y 1 A VAL 53  ? CG2 ? A VAL 69  CG2 
23  1 Y 1 A THR 61  ? OG1 ? A THR 77  OG1 
24  1 Y 1 A THR 61  ? CG2 ? A THR 77  CG2 
25  1 Y 1 A GLN 63  ? CG  ? A GLN 79  CG  
26  1 Y 1 A GLN 63  ? CD  ? A GLN 79  CD  
27  1 Y 1 A GLN 63  ? OE1 ? A GLN 79  OE1 
28  1 Y 1 A GLN 63  ? NE2 ? A GLN 79  NE2 
29  1 Y 1 A ASN 67  ? CG  ? A ASN 83  CG  
30  1 Y 1 A ASN 67  ? OD1 ? A ASN 83  OD1 
31  1 Y 1 A ASN 67  ? ND2 ? A ASN 83  ND2 
32  1 Y 1 A CYS 68  ? SG  ? A CYS 84  SG  
33  1 Y 1 A VAL 78  ? CG1 ? A VAL 94  CG1 
34  1 Y 1 A VAL 78  ? CG2 ? A VAL 94  CG2 
35  1 Y 1 A GLU 81  ? CG  ? A GLU 97  CG  
36  1 Y 1 A GLU 81  ? CD  ? A GLU 97  CD  
37  1 Y 1 A GLU 81  ? OE1 ? A GLU 97  OE1 
38  1 Y 1 A GLU 81  ? OE2 ? A GLU 97  OE2 
39  1 Y 1 A ASN 82  ? CG  ? A ASN 98  CG  
40  1 Y 1 A ASN 82  ? OD1 ? A ASN 98  OD1 
41  1 Y 1 A ASN 82  ? ND2 ? A ASN 98  ND2 
42  1 Y 1 A LYS 84  ? CG  ? A LYS 100 CG  
43  1 Y 1 A LYS 84  ? CD  ? A LYS 100 CD  
44  1 Y 1 A LYS 84  ? CE  ? A LYS 100 CE  
45  1 Y 1 A LYS 84  ? NZ  ? A LYS 100 NZ  
46  1 Y 1 A HIS 104 ? CG  ? A HIS 120 CG  
47  1 Y 1 A HIS 104 ? ND1 ? A HIS 120 ND1 
48  1 Y 1 A HIS 104 ? CD2 ? A HIS 120 CD2 
49  1 Y 1 A HIS 104 ? CE1 ? A HIS 120 CE1 
50  1 Y 1 A HIS 104 ? NE2 ? A HIS 120 NE2 
51  1 Y 1 A SER 113 ? OG  ? A SER 129 OG  
52  1 Y 1 A THR 115 ? OG1 ? A THR 131 OG1 
53  1 Y 1 A THR 115 ? CG2 ? A THR 131 CG2 
54  1 Y 1 A THR 117 ? OG1 ? A THR 133 OG1 
55  1 Y 1 A THR 117 ? CG2 ? A THR 133 CG2 
56  1 Y 1 A ILE 129 ? CG1 ? A ILE 145 CG1 
57  1 Y 1 A ILE 129 ? CG2 ? A ILE 145 CG2 
58  1 Y 1 A ILE 129 ? CD1 ? A ILE 145 CD1 
59  1 Y 1 A ILE 130 ? CG1 ? A ILE 146 CG1 
60  1 Y 1 A ILE 130 ? CG2 ? A ILE 146 CG2 
61  1 Y 1 A ILE 130 ? CD1 ? A ILE 146 CD1 
62  1 Y 1 A CYS 131 ? SG  ? A CYS 147 SG  
63  1 Y 1 A ILE 132 ? CG1 ? A ILE 148 CG1 
64  1 Y 1 A ILE 132 ? CG2 ? A ILE 148 CG2 
65  1 Y 1 A ILE 132 ? CD1 ? A ILE 148 CD1 
66  1 Y 1 A LYS 134 ? CG  ? A LYS 150 CG  
67  1 Y 1 A LYS 134 ? CD  ? A LYS 150 CD  
68  1 Y 1 A LYS 134 ? CE  ? A LYS 150 CE  
69  1 Y 1 A LYS 134 ? NZ  ? A LYS 150 NZ  
70  1 Y 1 A ASP 152 ? CG  ? A ASP 168 CG  
71  1 Y 1 A ASP 152 ? OD1 ? A ASP 168 OD1 
72  1 Y 1 A ASP 152 ? OD2 ? A ASP 168 OD2 
73  1 Y 1 A LEU 155 ? CG  ? A LEU 171 CG  
74  1 Y 1 A LEU 155 ? CD1 ? A LEU 171 CD1 
75  1 Y 1 A LEU 155 ? CD2 ? A LEU 171 CD2 
76  1 Y 1 A LYS 158 ? CG  ? A LYS 174 CG  
77  1 Y 1 A LYS 158 ? CD  ? A LYS 174 CD  
78  1 Y 1 A LYS 158 ? CE  ? A LYS 174 CE  
79  1 Y 1 A LYS 158 ? NZ  ? A LYS 174 NZ  
80  1 Y 1 A ILE 161 ? CG1 ? A ILE 177 CG1 
81  1 Y 1 A ILE 161 ? CG2 ? A ILE 177 CG2 
82  1 Y 1 A ILE 161 ? CD1 ? A ILE 177 CD1 
83  1 Y 1 A ASN 172 ? CG  ? A ASN 188 CG  
84  1 Y 1 A ASN 172 ? OD1 ? A ASN 188 OD1 
85  1 Y 1 A ASN 172 ? ND2 ? A ASN 188 ND2 
86  1 Y 1 A THR 181 ? OG1 ? A THR 197 OG1 
87  1 Y 1 A THR 181 ? CG2 ? A THR 197 CG2 
88  1 Y 1 A ASP 182 ? CG  ? A ASP 198 CG  
89  1 Y 1 A ASP 182 ? OD1 ? A ASP 198 OD1 
90  1 Y 1 A ASP 182 ? OD2 ? A ASP 198 OD2 
91  1 Y 1 A GLU 183 ? CG  ? A GLU 199 CG  
92  1 Y 1 A GLU 183 ? CD  ? A GLU 199 CD  
93  1 Y 1 A GLU 183 ? OE1 ? A GLU 199 OE1 
94  1 Y 1 A GLU 183 ? OE2 ? A GLU 199 OE2 
95  1 Y 1 A VAL 184 ? CG1 ? A VAL 200 CG1 
96  1 Y 1 A VAL 184 ? CG2 ? A VAL 200 CG2 
97  1 Y 1 A VAL 185 ? CG1 ? A VAL 201 CG1 
98  1 Y 1 A VAL 185 ? CG2 ? A VAL 201 CG2 
99  1 Y 1 A ILE 192 ? CG1 ? A ILE 208 CG1 
100 1 Y 1 A ILE 192 ? CG2 ? A ILE 208 CG2 
101 1 Y 1 A ILE 192 ? CD1 ? A ILE 208 CD1 
102 1 Y 1 A SER 196 ? OG  ? A SER 212 OG  
103 1 Y 1 A GLU 198 ? CG  ? A GLU 214 CG  
104 1 Y 1 A GLU 198 ? CD  ? A GLU 214 CD  
105 1 Y 1 A GLU 198 ? OE1 ? A GLU 214 OE1 
106 1 Y 1 A GLU 198 ? OE2 ? A GLU 214 OE2 
107 1 Y 1 A THR 204 ? OG1 ? A THR 220 OG1 
108 1 Y 1 A THR 204 ? CG2 ? A THR 220 CG2 
109 1 Y 1 A VAL 205 ? CG1 ? A VAL 221 CG1 
110 1 Y 1 A VAL 205 ? CG2 ? A VAL 221 CG2 
111 1 Y 1 A THR 206 ? OG1 ? A THR 222 OG1 
112 1 Y 1 A THR 206 ? CG2 ? A THR 222 CG2 
113 1 Y 1 A LEU 207 ? CG  ? A LEU 223 CG  
114 1 Y 1 A LEU 207 ? CD1 ? A LEU 223 CD1 
115 1 Y 1 A LEU 207 ? CD2 ? A LEU 223 CD2 
116 1 Y 1 A ASN 228 ? CG  ? A ASN 244 CG  
117 1 Y 1 A ASN 228 ? OD1 ? A ASN 244 OD1 
118 1 Y 1 A ASN 228 ? ND2 ? A ASN 244 ND2 
119 1 Y 1 A VAL 230 ? CG1 ? A VAL 246 CG1 
120 1 Y 1 A VAL 230 ? CG2 ? A VAL 246 CG2 
121 1 Y 1 A ASP 232 ? CG  ? A ASP 248 CG  
122 1 Y 1 A ASP 232 ? OD1 ? A ASP 248 OD1 
123 1 Y 1 A ASP 232 ? OD2 ? A ASP 248 OD2 
124 1 Y 1 A VAL 233 ? CG1 ? A VAL 249 CG1 
125 1 Y 1 A VAL 233 ? CG2 ? A VAL 249 CG2 
126 1 Y 1 A THR 234 ? OG1 ? A THR 250 OG1 
127 1 Y 1 A THR 234 ? CG2 ? A THR 250 CG2 
128 1 Y 1 A VAL 238 ? CG1 ? A VAL 254 CG1 
129 1 Y 1 A VAL 238 ? CG2 ? A VAL 254 CG2 
130 1 Y 1 A THR 244 ? OG1 ? A THR 260 OG1 
131 1 Y 1 A THR 244 ? CG2 ? A THR 260 CG2 
132 1 Y 1 A SER 248 ? OG  ? A SER 264 OG  
133 1 Y 1 A CYS 250 ? SG  ? A CYS 266 SG  
# 
_cell.angle_alpha                  90.00 
_cell.angle_alpha_esd              ? 
_cell.angle_beta                   90.00 
_cell.angle_beta_esd               ? 
_cell.angle_gamma                  90.00 
_cell.angle_gamma_esd              ? 
_cell.entry_id                     7US9 
_cell.details                      ? 
_cell.formula_units_Z              ? 
_cell.length_a                     1.00 
_cell.length_a_esd                 ? 
_cell.length_b                     1.00 
_cell.length_b_esd                 ? 
_cell.length_c                     1.00 
_cell.length_c_esd                 ? 
_cell.volume                       ? 
_cell.volume_esd                   ? 
_cell.Z_PDB                        ? 
_cell.reciprocal_angle_alpha       ? 
_cell.reciprocal_angle_beta        ? 
_cell.reciprocal_angle_gamma       ? 
_cell.reciprocal_angle_alpha_esd   ? 
_cell.reciprocal_angle_beta_esd    ? 
_cell.reciprocal_angle_gamma_esd   ? 
_cell.reciprocal_length_a          ? 
_cell.reciprocal_length_b          ? 
_cell.reciprocal_length_c          ? 
_cell.reciprocal_length_a_esd      ? 
_cell.reciprocal_length_b_esd      ? 
_cell.reciprocal_length_c_esd      ? 
_cell.pdbx_unique_axis             ? 
_cell.pdbx_esd_method              ? 
# 
_symmetry.entry_id                         7US9 
_symmetry.cell_setting                     ? 
_symmetry.Int_Tables_number                1 
_symmetry.space_group_name_Hall            ? 
_symmetry.space_group_name_H-M             'P 1' 
_symmetry.pdbx_full_space_group_name_H-M   ? 
# 
_exptl.absorpt_coefficient_mu     ? 
_exptl.absorpt_correction_T_max   ? 
_exptl.absorpt_correction_T_min   ? 
_exptl.absorpt_correction_type    ? 
_exptl.absorpt_process_details    ? 
_exptl.entry_id                   7US9 
_exptl.crystals_number            ? 
_exptl.details                    ? 
_exptl.method                     'ELECTRON MICROSCOPY' 
_exptl.method_details             ? 
# 
_struct.entry_id                     7US9 
_struct.title                        'CCoV-HuPn-2018 S in the proximal conformation (local refinement of domain 0)' 
_struct.pdbx_model_details           ? 
_struct.pdbx_formula_weight          ? 
_struct.pdbx_formula_weight_method   ? 
_struct.pdbx_model_type_details      ? 
_struct.pdbx_CASP_flag               N 
# 
_struct_keywords.entry_id        7US9 
_struct_keywords.text            
;Human coronavirus, Coronavirus, CCoV-HuPn-2018, spike glycoprotein, Alpha-coronaviruses, Structural Genomics, Seattle Structural Genomics Center for Infectious Disease, SSGCID, VIRAL PROTEIN
;
_struct_keywords.pdbx_keywords   'VIRAL PROTEIN' 
# 
loop_
_struct_asym.id 
_struct_asym.pdbx_blank_PDB_chainid_flag 
_struct_asym.pdbx_modified 
_struct_asym.entity_id 
_struct_asym.details 
A N N 1 ? 
B N N 2 ? 
C N N 3 ? 
D N N 3 ? 
# 
_struct_ref.id                         1 
_struct_ref.db_name                    UNP 
_struct_ref.db_code                    A0A8E6CMP0_9ALPC 
_struct_ref.pdbx_db_accession          A0A8E6CMP0 
_struct_ref.pdbx_db_isoform            ? 
_struct_ref.entity_id                  1 
_struct_ref.pdbx_seq_one_letter_code   
;DNFPCSKFLNRTIGNHWNLIENFLLNYSIRLPPNSDVVLGDYFPTVQPWFNCIRNNNNSLYVTMENLKALYWDYATENIT
SDHRQRLHVVVKGKPYSITVTTTRNFDAAEGAIICICKGSPPTTTTGNLDCNWGSDCRLNHKFPICPSNSQANCGNMLYG
LQWFTDEVVAYLHGAIYRISFENKWFGTVTLGDMRATTLQTAGALVDLWWFNPVYDVTYYRVNNKNGTTIVSNCT
;
_struct_ref.pdbx_align_begin           17 
# 
_struct_ref_seq.align_id                      1 
_struct_ref_seq.ref_id                        1 
_struct_ref_seq.pdbx_PDB_id_code              7US9 
_struct_ref_seq.pdbx_strand_id                A 
_struct_ref_seq.seq_align_beg                 33 
_struct_ref_seq.pdbx_seq_align_beg_ins_code   ? 
_struct_ref_seq.seq_align_end                 267 
_struct_ref_seq.pdbx_seq_align_end_ins_code   ? 
_struct_ref_seq.pdbx_db_accession             A0A8E6CMP0 
_struct_ref_seq.db_align_beg                  17 
_struct_ref_seq.pdbx_db_align_beg_ins_code    ? 
_struct_ref_seq.db_align_end                  251 
_struct_ref_seq.pdbx_db_align_end_ins_code    ? 
_struct_ref_seq.pdbx_auth_seq_align_beg       17 
_struct_ref_seq.pdbx_auth_seq_align_end       251 
# 
loop_
_struct_ref_seq_dif.align_id 
_struct_ref_seq_dif.pdbx_pdb_id_code 
_struct_ref_seq_dif.mon_id 
_struct_ref_seq_dif.pdbx_pdb_strand_id 
_struct_ref_seq_dif.seq_num 
_struct_ref_seq_dif.pdbx_pdb_ins_code 
_struct_ref_seq_dif.pdbx_seq_db_name 
_struct_ref_seq_dif.pdbx_seq_db_accession_code 
_struct_ref_seq_dif.db_mon_id 
_struct_ref_seq_dif.pdbx_seq_db_seq_num 
_struct_ref_seq_dif.details 
_struct_ref_seq_dif.pdbx_auth_seq_num 
_struct_ref_seq_dif.pdbx_ordinal 
1 7US9 MET A 1  ? UNP A0A8E6CMP0 ? ? 'initiating methionine' -15 1  
1 7US9 GLY A 2  ? UNP A0A8E6CMP0 ? ? 'expression tag'        -14 2  
1 7US9 ILE A 3  ? UNP A0A8E6CMP0 ? ? 'expression tag'        -13 3  
1 7US9 LEU A 4  ? UNP A0A8E6CMP0 ? ? 'expression tag'        -12 4  
1 7US9 PRO A 5  ? UNP A0A8E6CMP0 ? ? 'expression tag'        -11 5  
1 7US9 SER A 6  ? UNP A0A8E6CMP0 ? ? 'expression tag'        -10 6  
1 7US9 PRO A 7  ? UNP A0A8E6CMP0 ? ? 'expression tag'        -9  7  
1 7US9 GLY A 8  ? UNP A0A8E6CMP0 ? ? 'expression tag'        -8  8  
1 7US9 MET A 9  ? UNP A0A8E6CMP0 ? ? 'expression tag'        -7  9  
1 7US9 PRO A 10 ? UNP A0A8E6CMP0 ? ? 'expression tag'        -6  10 
1 7US9 ALA A 11 ? UNP A0A8E6CMP0 ? ? 'expression tag'        -5  11 
1 7US9 LEU A 12 ? UNP A0A8E6CMP0 ? ? 'expression tag'        -4  12 
1 7US9 LEU A 13 ? UNP A0A8E6CMP0 ? ? 'expression tag'        -3  13 
1 7US9 SER A 14 ? UNP A0A8E6CMP0 ? ? 'expression tag'        -2  14 
1 7US9 LEU A 15 ? UNP A0A8E6CMP0 ? ? 'expression tag'        -1  15 
1 7US9 VAL A 16 ? UNP A0A8E6CMP0 ? ? 'expression tag'        0   16 
1 7US9 SER A 17 ? UNP A0A8E6CMP0 ? ? 'expression tag'        1   17 
1 7US9 LEU A 18 ? UNP A0A8E6CMP0 ? ? 'expression tag'        2   18 
1 7US9 LEU A 19 ? UNP A0A8E6CMP0 ? ? 'expression tag'        3   19 
1 7US9 SER A 20 ? UNP A0A8E6CMP0 ? ? 'expression tag'        4   20 
1 7US9 VAL A 21 ? UNP A0A8E6CMP0 ? ? 'expression tag'        5   21 
1 7US9 LEU A 22 ? UNP A0A8E6CMP0 ? ? 'expression tag'        6   22 
1 7US9 LEU A 23 ? UNP A0A8E6CMP0 ? ? 'expression tag'        7   23 
1 7US9 MET A 24 ? UNP A0A8E6CMP0 ? ? 'expression tag'        8   24 
1 7US9 GLY A 25 ? UNP A0A8E6CMP0 ? ? 'expression tag'        9   25 
1 7US9 CYS A 26 ? UNP A0A8E6CMP0 ? ? 'expression tag'        10  26 
1 7US9 VAL A 27 ? UNP A0A8E6CMP0 ? ? 'expression tag'        11  27 
1 7US9 ALA A 28 ? UNP A0A8E6CMP0 ? ? 'expression tag'        12  28 
1 7US9 GLU A 29 ? UNP A0A8E6CMP0 ? ? 'expression tag'        13  29 
1 7US9 THR A 30 ? UNP A0A8E6CMP0 ? ? 'expression tag'        14  30 
1 7US9 GLY A 31 ? UNP A0A8E6CMP0 ? ? 'expression tag'        15  31 
1 7US9 THR A 32 ? UNP A0A8E6CMP0 ? ? 'expression tag'        16  32 
# 
_pdbx_struct_assembly.id                   1 
_pdbx_struct_assembly.details              author_defined_assembly 
_pdbx_struct_assembly.method_details       ? 
_pdbx_struct_assembly.oligomeric_details   monomeric 
_pdbx_struct_assembly.oligomeric_count     1 
# 
_pdbx_struct_assembly_gen.assembly_id       1 
_pdbx_struct_assembly_gen.oper_expression   1 
_pdbx_struct_assembly_gen.asym_id_list      A,B,C,D 
# 
_pdbx_struct_assembly_auth_evidence.id                     1 
_pdbx_struct_assembly_auth_evidence.assembly_id            1 
_pdbx_struct_assembly_auth_evidence.experimental_support   none 
_pdbx_struct_assembly_auth_evidence.details                ? 
# 
_pdbx_struct_oper_list.id                   1 
_pdbx_struct_oper_list.type                 'identity operation' 
_pdbx_struct_oper_list.name                 1_555 
_pdbx_struct_oper_list.symmetry_operation   ? 
_pdbx_struct_oper_list.matrix[1][1]         1.0000000000 
_pdbx_struct_oper_list.matrix[1][2]         0.0000000000 
_pdbx_struct_oper_list.matrix[1][3]         0.0000000000 
_pdbx_struct_oper_list.vector[1]            0.0000000000 
_pdbx_struct_oper_list.matrix[2][1]         0.0000000000 
_pdbx_struct_oper_list.matrix[2][2]         1.0000000000 
_pdbx_struct_oper_list.matrix[2][3]         0.0000000000 
_pdbx_struct_oper_list.vector[2]            0.0000000000 
_pdbx_struct_oper_list.matrix[3][1]         0.0000000000 
_pdbx_struct_oper_list.matrix[3][2]         0.0000000000 
_pdbx_struct_oper_list.matrix[3][3]         1.0000000000 
_pdbx_struct_oper_list.vector[3]            0.0000000000 
# 
_struct_conf.conf_type_id            HELX_P 
_struct_conf.id                      HELX_P1 
_struct_conf.pdbx_PDB_helix_id       AA1 
_struct_conf.beg_label_comp_id       HIS 
_struct_conf.beg_label_asym_id       A 
_struct_conf.beg_label_seq_id        48 
_struct_conf.pdbx_beg_PDB_ins_code   ? 
_struct_conf.end_label_comp_id       ILE 
_struct_conf.end_label_asym_id       A 
_struct_conf.end_label_seq_id        61 
_struct_conf.pdbx_end_PDB_ins_code   ? 
_struct_conf.beg_auth_comp_id        HIS 
_struct_conf.beg_auth_asym_id        A 
_struct_conf.beg_auth_seq_id         32 
_struct_conf.end_auth_comp_id        ILE 
_struct_conf.end_auth_asym_id        A 
_struct_conf.end_auth_seq_id         45 
_struct_conf.pdbx_PDB_helix_class    1 
_struct_conf.details                 ? 
_struct_conf.pdbx_PDB_helix_length   14 
# 
_struct_conf_type.id          HELX_P 
_struct_conf_type.criteria    ? 
_struct_conf_type.reference   ? 
# 
loop_
_struct_conn.id 
_struct_conn.conn_type_id 
_struct_conn.pdbx_leaving_atom_flag 
_struct_conn.pdbx_PDB_id 
_struct_conn.ptnr1_label_asym_id 
_struct_conn.ptnr1_label_comp_id 
_struct_conn.ptnr1_label_seq_id 
_struct_conn.ptnr1_label_atom_id 
_struct_conn.pdbx_ptnr1_label_alt_id 
_struct_conn.pdbx_ptnr1_PDB_ins_code 
_struct_conn.pdbx_ptnr1_standard_comp_id 
_struct_conn.ptnr1_symmetry 
_struct_conn.ptnr2_label_asym_id 
_struct_conn.ptnr2_label_comp_id 
_struct_conn.ptnr2_label_seq_id 
_struct_conn.ptnr2_label_atom_id 
_struct_conn.pdbx_ptnr2_label_alt_id 
_struct_conn.pdbx_ptnr2_PDB_ins_code 
_struct_conn.ptnr1_auth_asym_id 
_struct_conn.ptnr1_auth_comp_id 
_struct_conn.ptnr1_auth_seq_id 
_struct_conn.ptnr2_auth_asym_id 
_struct_conn.ptnr2_auth_comp_id 
_struct_conn.ptnr2_auth_seq_id 
_struct_conn.ptnr2_symmetry 
_struct_conn.pdbx_ptnr3_label_atom_id 
_struct_conn.pdbx_ptnr3_label_seq_id 
_struct_conn.pdbx_ptnr3_label_comp_id 
_struct_conn.pdbx_ptnr3_label_asym_id 
_struct_conn.pdbx_ptnr3_label_alt_id 
_struct_conn.pdbx_ptnr3_PDB_ins_code 
_struct_conn.details 
_struct_conn.pdbx_dist_value 
_struct_conn.pdbx_value_order 
_struct_conn.pdbx_role 
disulf1 disulf ?    ? A CYS 149 SG  ? ? ? 1_555 A CYS 169 SG ? ? A CYS 133 A CYS 153 1_555 ? ? ? ? ? ? ? 2.088 ? ?               
covale1 covale one  ? A ASN 58  ND2 ? ? ? 1_555 C NAG .   C1 ? ? A ASN 42  A NAG 301 1_555 ? ? ? ? ? ? ? 1.503 ? N-Glycosylation 
covale2 covale one  ? A ASN 258 ND2 ? ? ? 1_555 D NAG .   C1 ? ? A ASN 242 A NAG 302 1_555 ? ? ? ? ? ? ? 1.510 ? N-Glycosylation 
covale3 covale one  ? A ASN 265 ND2 ? ? ? 1_555 B NAG .   C1 ? ? A ASN 249 B NAG 1   1_555 ? ? ? ? ? ? ? 1.509 ? N-Glycosylation 
covale4 covale both ? B NAG .   O4  ? ? ? 1_555 B NAG .   C1 ? ? B NAG 1   B NAG 2   1_555 ? ? ? ? ? ? ? 1.511 ? ?               
# 
loop_
_struct_conn_type.id 
_struct_conn_type.criteria 
_struct_conn_type.reference 
disulf ? ? 
covale ? ? 
# 
loop_
_pdbx_modification_feature.ordinal 
_pdbx_modification_feature.label_comp_id 
_pdbx_modification_feature.label_asym_id 
_pdbx_modification_feature.label_seq_id 
_pdbx_modification_feature.label_alt_id 
_pdbx_modification_feature.modified_residue_label_comp_id 
_pdbx_modification_feature.modified_residue_label_asym_id 
_pdbx_modification_feature.modified_residue_label_seq_id 
_pdbx_modification_feature.modified_residue_label_alt_id 
_pdbx_modification_feature.auth_comp_id 
_pdbx_modification_feature.auth_asym_id 
_pdbx_modification_feature.auth_seq_id 
_pdbx_modification_feature.PDB_ins_code 
_pdbx_modification_feature.symmetry 
_pdbx_modification_feature.modified_residue_auth_comp_id 
_pdbx_modification_feature.modified_residue_auth_asym_id 
_pdbx_modification_feature.modified_residue_auth_seq_id 
_pdbx_modification_feature.modified_residue_PDB_ins_code 
_pdbx_modification_feature.modified_residue_symmetry 
_pdbx_modification_feature.comp_id_linking_atom 
_pdbx_modification_feature.modified_residue_id_linking_atom 
_pdbx_modification_feature.modified_residue_id 
_pdbx_modification_feature.ref_pcm_id 
_pdbx_modification_feature.ref_comp_id 
_pdbx_modification_feature.type 
_pdbx_modification_feature.category 
1 NAG B .   ? ASN A 265 ? NAG B 1   ? 1_555 ASN A 249 ? 1_555 C1 ND2 ASN 1 NAG N-Glycosylation Carbohydrate       
2 NAG C .   ? ASN A 58  ? NAG A 301 ? 1_555 ASN A 42  ? 1_555 C1 ND2 ASN 1 NAG N-Glycosylation Carbohydrate       
3 NAG D .   ? ASN A 258 ? NAG A 302 ? 1_555 ASN A 242 ? 1_555 C1 ND2 ASN 1 NAG N-Glycosylation Carbohydrate       
4 CYS A 149 ? CYS A 169 ? CYS A 133 ? 1_555 CYS A 153 ? 1_555 SG SG  .   . .   None            'Disulfide bridge' 
# 
_struct_mon_prot_cis.pdbx_id                1 
_struct_mon_prot_cis.label_comp_id          LYS 
_struct_mon_prot_cis.label_seq_id           126 
_struct_mon_prot_cis.label_asym_id          A 
_struct_mon_prot_cis.label_alt_id           . 
_struct_mon_prot_cis.pdbx_PDB_ins_code      ? 
_struct_mon_prot_cis.auth_comp_id           LYS 
_struct_mon_prot_cis.auth_seq_id            110 
_struct_mon_prot_cis.auth_asym_id           A 
_struct_mon_prot_cis.pdbx_label_comp_id_2   PRO 
_struct_mon_prot_cis.pdbx_label_seq_id_2    127 
_struct_mon_prot_cis.pdbx_label_asym_id_2   A 
_struct_mon_prot_cis.pdbx_PDB_ins_code_2    ? 
_struct_mon_prot_cis.pdbx_auth_comp_id_2    PRO 
_struct_mon_prot_cis.pdbx_auth_seq_id_2     111 
_struct_mon_prot_cis.pdbx_auth_asym_id_2    A 
_struct_mon_prot_cis.pdbx_PDB_model_num     1 
_struct_mon_prot_cis.pdbx_omega_angle       -2.64 
# 
loop_
_struct_sheet.id 
_struct_sheet.type 
_struct_sheet.number_strands 
_struct_sheet.details 
AA1 ? 3 ? 
AA2 ? 6 ? 
AA3 ? 5 ? 
# 
loop_
_struct_sheet_order.sheet_id 
_struct_sheet_order.range_id_1 
_struct_sheet_order.range_id_2 
_struct_sheet_order.offset 
_struct_sheet_order.sense 
AA1 1 2 ? anti-parallel 
AA1 2 3 ? anti-parallel 
AA2 1 2 ? anti-parallel 
AA2 2 3 ? anti-parallel 
AA2 3 4 ? anti-parallel 
AA2 4 5 ? anti-parallel 
AA2 5 6 ? anti-parallel 
AA3 1 2 ? anti-parallel 
AA3 2 3 ? anti-parallel 
AA3 3 4 ? anti-parallel 
AA3 4 5 ? anti-parallel 
# 
loop_
_struct_sheet_range.sheet_id 
_struct_sheet_range.id 
_struct_sheet_range.beg_label_comp_id 
_struct_sheet_range.beg_label_asym_id 
_struct_sheet_range.beg_label_seq_id 
_struct_sheet_range.pdbx_beg_PDB_ins_code 
_struct_sheet_range.end_label_comp_id 
_struct_sheet_range.end_label_asym_id 
_struct_sheet_range.end_label_seq_id 
_struct_sheet_range.pdbx_end_PDB_ins_code 
_struct_sheet_range.beg_auth_comp_id 
_struct_sheet_range.beg_auth_asym_id 
_struct_sheet_range.beg_auth_seq_id 
_struct_sheet_range.end_auth_comp_id 
_struct_sheet_range.end_auth_asym_id 
_struct_sheet_range.end_auth_seq_id 
AA1 1 ASP A 68  ? ASP A 73  ? ASP A 52  ASP A 57  
AA1 2 THR A 250 ? ASN A 255 ? THR A 234 ASN A 239 
AA1 3 ILE A 262 ? ASN A 265 ? ILE A 246 ASN A 249 
AA2 1 VAL A 94  ? GLU A 97  ? VAL A 78  GLU A 81  
AA2 2 LYS A 216 ? LEU A 223 ? LYS A 200 LEU A 207 
AA2 3 VAL A 121 ? LYS A 126 ? VAL A 105 LYS A 110 
AA2 4 TYR A 128 ? VAL A 132 ? TYR A 112 VAL A 116 
AA2 5 ILE A 145 ? LYS A 150 ? ILE A 129 LYS A 134 
AA2 6 CYS A 169 ? LYS A 174 ? CYS A 153 LYS A 158 
AA3 1 ALA A 207 ? SER A 212 ? ALA A 191 SER A 196 
AA3 2 GLU A 199 ? LEU A 204 ? GLU A 183 LEU A 188 
AA3 3 TYR A 191 ? PHE A 196 ? TYR A 175 PHE A 180 
AA3 4 ALA A 101 ? TRP A 104 ? ALA A 85  TRP A 88  
AA3 5 PHE A 243 ? VAL A 246 ? PHE A 227 VAL A 230 
# 
loop_
_pdbx_struct_sheet_hbond.sheet_id 
_pdbx_struct_sheet_hbond.range_id_1 
_pdbx_struct_sheet_hbond.range_id_2 
_pdbx_struct_sheet_hbond.range_1_label_atom_id 
_pdbx_struct_sheet_hbond.range_1_label_comp_id 
_pdbx_struct_sheet_hbond.range_1_label_asym_id 
_pdbx_struct_sheet_hbond.range_1_label_seq_id 
_pdbx_struct_sheet_hbond.range_1_PDB_ins_code 
_pdbx_struct_sheet_hbond.range_1_auth_atom_id 
_pdbx_struct_sheet_hbond.range_1_auth_comp_id 
_pdbx_struct_sheet_hbond.range_1_auth_asym_id 
_pdbx_struct_sheet_hbond.range_1_auth_seq_id 
_pdbx_struct_sheet_hbond.range_2_label_atom_id 
_pdbx_struct_sheet_hbond.range_2_label_comp_id 
_pdbx_struct_sheet_hbond.range_2_label_asym_id 
_pdbx_struct_sheet_hbond.range_2_label_seq_id 
_pdbx_struct_sheet_hbond.range_2_PDB_ins_code 
_pdbx_struct_sheet_hbond.range_2_auth_atom_id 
_pdbx_struct_sheet_hbond.range_2_auth_comp_id 
_pdbx_struct_sheet_hbond.range_2_auth_asym_id 
_pdbx_struct_sheet_hbond.range_2_auth_seq_id 
AA1 1 2 N LEU A 71  ? N LEU A 55  O TYR A 252 ? O TYR A 236 
AA1 2 3 N ARG A 253 ? N ARG A 237 O SER A 264 ? O SER A 248 
AA2 1 2 N VAL A 94  ? N VAL A 78  O LEU A 223 ? O LEU A 207 
AA2 2 3 O THR A 222 ? O THR A 206 N VAL A 122 ? N VAL A 106 
AA2 3 4 N VAL A 123 ? N VAL A 107 O ILE A 130 ? O ILE A 114 
AA2 4 5 N THR A 131 ? N THR A 115 O CYS A 147 ? O CYS A 131 
AA2 5 6 N ILE A 148 ? N ILE A 132 O ARG A 170 ? O ARG A 154 
AA3 1 2 O ILE A 211 ? O ILE A 195 N VAL A 200 ? N VAL A 184 
AA3 2 3 O VAL A 201 ? O VAL A 185 N GLN A 194 ? N GLN A 178 
AA3 3 4 O TYR A 191 ? O TYR A 175 N TRP A 104 ? N TRP A 88  
AA3 4 5 N TYR A 103 ? N TYR A 87  O ASN A 244 ? O ASN A 228 
# 
_pdbx_entry_details.entry_id                   7US9 
_pdbx_entry_details.nonpolymer_details         ? 
_pdbx_entry_details.sequence_details           ? 
_pdbx_entry_details.compound_details           ? 
_pdbx_entry_details.source_details             ? 
_pdbx_entry_details.has_ligand_of_interest     N 
_pdbx_entry_details.has_protein_modification   Y 
# 
_pdbx_validate_rmsd_bond.id                        1 
_pdbx_validate_rmsd_bond.PDB_model_num             1 
_pdbx_validate_rmsd_bond.auth_atom_id_1            CD 
_pdbx_validate_rmsd_bond.auth_asym_id_1            A 
_pdbx_validate_rmsd_bond.auth_comp_id_1            PRO 
_pdbx_validate_rmsd_bond.auth_seq_id_1             111 
_pdbx_validate_rmsd_bond.PDB_ins_code_1            ? 
_pdbx_validate_rmsd_bond.label_alt_id_1            ? 
_pdbx_validate_rmsd_bond.auth_atom_id_2            N 
_pdbx_validate_rmsd_bond.auth_asym_id_2            A 
_pdbx_validate_rmsd_bond.auth_comp_id_2            PRO 
_pdbx_validate_rmsd_bond.auth_seq_id_2             111 
_pdbx_validate_rmsd_bond.PDB_ins_code_2            ? 
_pdbx_validate_rmsd_bond.label_alt_id_2            ? 
_pdbx_validate_rmsd_bond.bond_value                1.381 
_pdbx_validate_rmsd_bond.bond_target_value         1.474 
_pdbx_validate_rmsd_bond.bond_deviation            -0.093 
_pdbx_validate_rmsd_bond.bond_standard_deviation   0.014 
_pdbx_validate_rmsd_bond.linker_flag               N 
# 
_pdbx_validate_torsion.id              1 
_pdbx_validate_torsion.PDB_model_num   1 
_pdbx_validate_torsion.auth_comp_id    PHE 
_pdbx_validate_torsion.auth_asym_id    A 
_pdbx_validate_torsion.auth_seq_id     197 
_pdbx_validate_torsion.PDB_ins_code    ? 
_pdbx_validate_torsion.label_alt_id    ? 
_pdbx_validate_torsion.phi             -179.55 
_pdbx_validate_torsion.psi             134.88 
# 
_pdbx_SG_project.id                    1 
_pdbx_SG_project.project_name          'NIAID, National Institute of Allergy and Infectious Diseases' 
_pdbx_SG_project.full_name_of_center   'Seattle Structural Genomics Center for Infectious Disease' 
_pdbx_SG_project.initial_of_center     SSGCID 
# 
_em_3d_fitting.entry_id          7US9 
_em_3d_fitting.id                1 
_em_3d_fitting.details           ? 
_em_3d_fitting.overall_b_value   ? 
_em_3d_fitting.ref_protocol      ? 
_em_3d_fitting.ref_space         ? 
_em_3d_fitting.target_criteria   ? 
_em_3d_fitting.method            ? 
# 
_em_3d_reconstruction.entry_id                    7US9 
_em_3d_reconstruction.id                          1 
_em_3d_reconstruction.algorithm                   ? 
_em_3d_reconstruction.details                     ? 
_em_3d_reconstruction.refinement_type             ? 
_em_3d_reconstruction.image_processing_id         1 
_em_3d_reconstruction.num_class_averages          ? 
_em_3d_reconstruction.num_particles               36141 
_em_3d_reconstruction.resolution                  3.8 
_em_3d_reconstruction.resolution_method           'FSC 0.143 CUT-OFF' 
_em_3d_reconstruction.symmetry_type               POINT 
_em_3d_reconstruction.method                      ? 
_em_3d_reconstruction.nominal_pixel_size          ? 
_em_3d_reconstruction.actual_pixel_size           ? 
_em_3d_reconstruction.magnification_calibration   ? 
# 
_em_buffer.id            1 
_em_buffer.details       ? 
_em_buffer.pH            8 
_em_buffer.specimen_id   1 
_em_buffer.name          ? 
# 
_em_entity_assembly.id                   1 
_em_entity_assembly.parent_id            0 
_em_entity_assembly.details              ? 
_em_entity_assembly.name                 CCoV-HuPn-2018 
_em_entity_assembly.source               RECOMBINANT 
_em_entity_assembly.type                 VIRUS 
_em_entity_assembly.entity_id_list       1 
_em_entity_assembly.synonym              ? 
_em_entity_assembly.oligomeric_details   ? 
# 
_em_imaging.id                              1 
_em_imaging.entry_id                        7US9 
_em_imaging.accelerating_voltage            300 
_em_imaging.alignment_procedure             ? 
_em_imaging.c2_aperture_diameter            ? 
_em_imaging.calibrated_defocus_max          ? 
_em_imaging.calibrated_defocus_min          ? 
_em_imaging.calibrated_magnification        ? 
_em_imaging.cryogen                         ? 
_em_imaging.details                         ? 
_em_imaging.electron_source                 'FIELD EMISSION GUN' 
_em_imaging.illumination_mode               'FLOOD BEAM' 
_em_imaging.microscope_model                'FEI TITAN KRIOS' 
_em_imaging.mode                            'BRIGHT FIELD' 
_em_imaging.nominal_cs                      ? 
_em_imaging.nominal_defocus_max             1500 
_em_imaging.nominal_defocus_min             800 
_em_imaging.nominal_magnification           ? 
_em_imaging.recording_temperature_maximum   ? 
_em_imaging.recording_temperature_minimum   ? 
_em_imaging.residual_tilt                   ? 
_em_imaging.specimen_holder_model           ? 
_em_imaging.specimen_id                     1 
_em_imaging.citation_id                     ? 
_em_imaging.date                            ? 
_em_imaging.temperature                     ? 
_em_imaging.tilt_angle_min                  ? 
_em_imaging.tilt_angle_max                  ? 
_em_imaging.astigmatism                     ? 
_em_imaging.detector_distance               ? 
_em_imaging.electron_beam_tilt_params       ? 
_em_imaging.specimen_holder_type            ? 
# 
_em_virus_entity.entity_assembly_id    1 
_em_virus_entity.empty                 YES 
_em_virus_entity.enveloped             YES 
_em_virus_entity.virus_isolate         OTHER 
_em_virus_entity.virus_type            VIRION 
_em_virus_entity.id                    1 
_em_virus_entity.virus_host_category   ? 
_em_virus_entity.details               ? 
# 
_em_vitrification.id                    1 
_em_vitrification.specimen_id           1 
_em_vitrification.chamber_temperature   ? 
_em_vitrification.cryogen_name          ETHANE 
_em_vitrification.details               ? 
_em_vitrification.humidity              ? 
_em_vitrification.instrument            ? 
_em_vitrification.entry_id              7US9 
_em_vitrification.citation_id           ? 
_em_vitrification.method                ? 
_em_vitrification.temp                  ? 
_em_vitrification.time_resolved_state   ? 
# 
_em_experiment.entry_id                7US9 
_em_experiment.id                      1 
_em_experiment.aggregation_state       PARTICLE 
_em_experiment.reconstruction_method   'SINGLE PARTICLE' 
_em_experiment.entity_assembly_id      1 
# 
loop_
_pdbx_unobs_or_zero_occ_residues.id 
_pdbx_unobs_or_zero_occ_residues.PDB_model_num 
_pdbx_unobs_or_zero_occ_residues.polymer_flag 
_pdbx_unobs_or_zero_occ_residues.occupancy_flag 
_pdbx_unobs_or_zero_occ_residues.auth_asym_id 
_pdbx_unobs_or_zero_occ_residues.auth_comp_id 
_pdbx_unobs_or_zero_occ_residues.auth_seq_id 
_pdbx_unobs_or_zero_occ_residues.PDB_ins_code 
_pdbx_unobs_or_zero_occ_residues.label_asym_id 
_pdbx_unobs_or_zero_occ_residues.label_comp_id 
_pdbx_unobs_or_zero_occ_residues.label_seq_id 
1   1 Y 1 A MET -15 ? A MET 1   
2   1 Y 1 A GLY -14 ? A GLY 2   
3   1 Y 1 A ILE -13 ? A ILE 3   
4   1 Y 1 A LEU -12 ? A LEU 4   
5   1 Y 1 A PRO -11 ? A PRO 5   
6   1 Y 1 A SER -10 ? A SER 6   
7   1 Y 1 A PRO -9  ? A PRO 7   
8   1 Y 1 A GLY -8  ? A GLY 8   
9   1 Y 1 A MET -7  ? A MET 9   
10  1 Y 1 A PRO -6  ? A PRO 10  
11  1 Y 1 A ALA -5  ? A ALA 11  
12  1 Y 1 A LEU -4  ? A LEU 12  
13  1 Y 1 A LEU -3  ? A LEU 13  
14  1 Y 1 A SER -2  ? A SER 14  
15  1 Y 1 A LEU -1  ? A LEU 15  
16  1 Y 1 A VAL 0   ? A VAL 16  
17  1 Y 1 A SER 1   ? A SER 17  
18  1 Y 1 A LEU 2   ? A LEU 18  
19  1 Y 1 A LEU 3   ? A LEU 19  
20  1 Y 1 A SER 4   ? A SER 20  
21  1 Y 1 A VAL 5   ? A VAL 21  
22  1 Y 1 A LEU 6   ? A LEU 22  
23  1 Y 1 A LEU 7   ? A LEU 23  
24  1 Y 1 A MET 8   ? A MET 24  
25  1 Y 1 A GLY 9   ? A GLY 25  
26  1 Y 1 A CYS 10  ? A CYS 26  
27  1 Y 1 A VAL 11  ? A VAL 27  
28  1 Y 1 A ALA 12  ? A ALA 28  
29  1 Y 1 A GLU 13  ? A GLU 29  
30  1 Y 1 A THR 14  ? A THR 30  
31  1 Y 1 A GLY 15  ? A GLY 31  
32  1 Y 1 A THR 16  ? A THR 32  
33  1 Y 1 A ASP 17  ? A ASP 33  
34  1 Y 1 A ASN 18  ? A ASN 34  
35  1 Y 1 A PHE 19  ? A PHE 35  
36  1 Y 1 A PRO 20  ? A PRO 36  
37  1 Y 1 A CYS 21  ? A CYS 37  
38  1 Y 1 A SER 22  ? A SER 38  
39  1 Y 1 A LYS 23  ? A LYS 39  
40  1 Y 1 A PHE 24  ? A PHE 40  
41  1 Y 1 A LEU 25  ? A LEU 41  
42  1 Y 1 A ASN 26  ? A ASN 42  
43  1 Y 1 A ARG 27  ? A ARG 43  
44  1 Y 1 A THR 28  ? A THR 44  
45  1 Y 1 A ILE 29  ? A ILE 45  
46  1 Y 1 A GLY 30  ? A GLY 46  
47  1 Y 1 A ASN 31  ? A ASN 47  
48  1 Y 1 A ARG 46  ? A ARG 62  
49  1 Y 1 A ILE 69  ? A ILE 85  
50  1 Y 1 A ARG 70  ? A ARG 86  
51  1 Y 1 A ASN 71  ? A ASN 87  
52  1 Y 1 A ASN 72  ? A ASN 88  
53  1 Y 1 A ASN 73  ? A ASN 89  
54  1 Y 1 A ASN 74  ? A ASN 90  
55  1 Y 1 A SER 75  ? A SER 91  
56  1 Y 1 A TYR 90  ? A TYR 106 
57  1 Y 1 A ALA 91  ? A ALA 107 
58  1 Y 1 A THR 92  ? A THR 108 
59  1 Y 1 A GLU 93  ? A GLU 109 
60  1 Y 1 A ASN 94  ? A ASN 110 
61  1 Y 1 A ILE 95  ? A ILE 111 
62  1 Y 1 A THR 96  ? A THR 112 
63  1 Y 1 A SER 97  ? A SER 113 
64  1 Y 1 A ASP 98  ? A ASP 114 
65  1 Y 1 A HIS 99  ? A HIS 115 
66  1 Y 1 A ARG 100 ? A ARG 116 
67  1 Y 1 A GLN 101 ? A GLN 117 
68  1 Y 1 A ARG 102 ? A ARG 118 
69  1 Y 1 A LEU 103 ? A LEU 119 
70  1 Y 1 A THR 118 ? A THR 134 
71  1 Y 1 A THR 119 ? A THR 135 
72  1 Y 1 A ARG 120 ? A ARG 136 
73  1 Y 1 A ASN 121 ? A ASN 137 
74  1 Y 1 A PHE 122 ? A PHE 138 
75  1 Y 1 A ASP 123 ? A ASP 139 
76  1 Y 1 A ALA 124 ? A ALA 140 
77  1 Y 1 A ALA 125 ? A ALA 141 
78  1 Y 1 A GLU 126 ? A GLU 142 
79  1 Y 1 A GLY 127 ? A GLY 143 
80  1 Y 1 A SER 136 ? A SER 152 
81  1 Y 1 A PRO 137 ? A PRO 153 
82  1 Y 1 A PRO 138 ? A PRO 154 
83  1 Y 1 A THR 139 ? A THR 155 
84  1 Y 1 A THR 140 ? A THR 156 
85  1 Y 1 A THR 141 ? A THR 157 
86  1 Y 1 A THR 142 ? A THR 158 
87  1 Y 1 A GLY 143 ? A GLY 159 
88  1 Y 1 A ASN 144 ? A ASN 160 
89  1 Y 1 A LEU 145 ? A LEU 161 
90  1 Y 1 A ASP 146 ? A ASP 162 
91  1 Y 1 A CYS 147 ? A CYS 163 
92  1 Y 1 A ASN 148 ? A ASN 164 
93  1 Y 1 A TRP 149 ? A TRP 165 
94  1 Y 1 A GLY 150 ? A GLY 166 
95  1 Y 1 A SER 151 ? A SER 167 
96  1 Y 1 A CYS 162 ? A CYS 178 
97  1 Y 1 A PRO 163 ? A PRO 179 
98  1 Y 1 A SER 164 ? A SER 180 
99  1 Y 1 A ASN 165 ? A ASN 181 
100 1 Y 1 A SER 166 ? A SER 182 
101 1 Y 1 A GLN 167 ? A GLN 183 
102 1 Y 1 A ALA 168 ? A ALA 184 
103 1 Y 1 A ASN 169 ? A ASN 185 
104 1 Y 1 A CYS 170 ? A CYS 186 
105 1 Y 1 A GLY 171 ? A GLY 187 
106 1 Y 1 A ASP 209 ? A ASP 225 
107 1 Y 1 A MET 210 ? A MET 226 
108 1 Y 1 A ARG 211 ? A ARG 227 
109 1 Y 1 A ALA 212 ? A ALA 228 
110 1 Y 1 A THR 213 ? A THR 229 
111 1 Y 1 A THR 214 ? A THR 230 
112 1 Y 1 A LEU 215 ? A LEU 231 
113 1 Y 1 A GLN 216 ? A GLN 232 
114 1 Y 1 A THR 217 ? A THR 233 
115 1 Y 1 A ALA 218 ? A ALA 234 
116 1 Y 1 A GLY 219 ? A GLY 235 
117 1 Y 1 A ALA 220 ? A ALA 236 
118 1 Y 1 A LEU 221 ? A LEU 237 
119 1 Y 1 A VAL 222 ? A VAL 238 
120 1 Y 1 A ASP 223 ? A ASP 239 
121 1 Y 1 A LEU 224 ? A LEU 240 
122 1 Y 1 A THR 251 ? A THR 267 
# 
loop_
_chem_comp_atom.comp_id 
_chem_comp_atom.atom_id 
_chem_comp_atom.type_symbol 
_chem_comp_atom.pdbx_aromatic_flag 
_chem_comp_atom.pdbx_stereo_config 
_chem_comp_atom.pdbx_ordinal 
ALA N    N N N 1   
ALA CA   C N S 2   
ALA C    C N N 3   
ALA O    O N N 4   
ALA CB   C N N 5   
ALA OXT  O N N 6   
ALA H    H N N 7   
ALA H2   H N N 8   
ALA HA   H N N 9   
ALA HB1  H N N 10  
ALA HB2  H N N 11  
ALA HB3  H N N 12  
ALA HXT  H N N 13  
ARG N    N N N 14  
ARG CA   C N S 15  
ARG C    C N N 16  
ARG O    O N N 17  
ARG CB   C N N 18  
ARG CG   C N N 19  
ARG CD   C N N 20  
ARG NE   N N N 21  
ARG CZ   C N N 22  
ARG NH1  N N N 23  
ARG NH2  N N N 24  
ARG OXT  O N N 25  
ARG H    H N N 26  
ARG H2   H N N 27  
ARG HA   H N N 28  
ARG HB2  H N N 29  
ARG HB3  H N N 30  
ARG HG2  H N N 31  
ARG HG3  H N N 32  
ARG HD2  H N N 33  
ARG HD3  H N N 34  
ARG HE   H N N 35  
ARG HH11 H N N 36  
ARG HH12 H N N 37  
ARG HH21 H N N 38  
ARG HH22 H N N 39  
ARG HXT  H N N 40  
ASN N    N N N 41  
ASN CA   C N S 42  
ASN C    C N N 43  
ASN O    O N N 44  
ASN CB   C N N 45  
ASN CG   C N N 46  
ASN OD1  O N N 47  
ASN ND2  N N N 48  
ASN OXT  O N N 49  
ASN H    H N N 50  
ASN H2   H N N 51  
ASN HA   H N N 52  
ASN HB2  H N N 53  
ASN HB3  H N N 54  
ASN HD21 H N N 55  
ASN HD22 H N N 56  
ASN HXT  H N N 57  
ASP N    N N N 58  
ASP CA   C N S 59  
ASP C    C N N 60  
ASP O    O N N 61  
ASP CB   C N N 62  
ASP CG   C N N 63  
ASP OD1  O N N 64  
ASP OD2  O N N 65  
ASP OXT  O N N 66  
ASP H    H N N 67  
ASP H2   H N N 68  
ASP HA   H N N 69  
ASP HB2  H N N 70  
ASP HB3  H N N 71  
ASP HD2  H N N 72  
ASP HXT  H N N 73  
CYS N    N N N 74  
CYS CA   C N R 75  
CYS C    C N N 76  
CYS O    O N N 77  
CYS CB   C N N 78  
CYS SG   S N N 79  
CYS OXT  O N N 80  
CYS H    H N N 81  
CYS H2   H N N 82  
CYS HA   H N N 83  
CYS HB2  H N N 84  
CYS HB3  H N N 85  
CYS HG   H N N 86  
CYS HXT  H N N 87  
GLN N    N N N 88  
GLN CA   C N S 89  
GLN C    C N N 90  
GLN O    O N N 91  
GLN CB   C N N 92  
GLN CG   C N N 93  
GLN CD   C N N 94  
GLN OE1  O N N 95  
GLN NE2  N N N 96  
GLN OXT  O N N 97  
GLN H    H N N 98  
GLN H2   H N N 99  
GLN HA   H N N 100 
GLN HB2  H N N 101 
GLN HB3  H N N 102 
GLN HG2  H N N 103 
GLN HG3  H N N 104 
GLN HE21 H N N 105 
GLN HE22 H N N 106 
GLN HXT  H N N 107 
GLU N    N N N 108 
GLU CA   C N S 109 
GLU C    C N N 110 
GLU O    O N N 111 
GLU CB   C N N 112 
GLU CG   C N N 113 
GLU CD   C N N 114 
GLU OE1  O N N 115 
GLU OE2  O N N 116 
GLU OXT  O N N 117 
GLU H    H N N 118 
GLU H2   H N N 119 
GLU HA   H N N 120 
GLU HB2  H N N 121 
GLU HB3  H N N 122 
GLU HG2  H N N 123 
GLU HG3  H N N 124 
GLU HE2  H N N 125 
GLU HXT  H N N 126 
GLY N    N N N 127 
GLY CA   C N N 128 
GLY C    C N N 129 
GLY O    O N N 130 
GLY OXT  O N N 131 
GLY H    H N N 132 
GLY H2   H N N 133 
GLY HA2  H N N 134 
GLY HA3  H N N 135 
GLY HXT  H N N 136 
HIS N    N N N 137 
HIS CA   C N S 138 
HIS C    C N N 139 
HIS O    O N N 140 
HIS CB   C N N 141 
HIS CG   C Y N 142 
HIS ND1  N Y N 143 
HIS CD2  C Y N 144 
HIS CE1  C Y N 145 
HIS NE2  N Y N 146 
HIS OXT  O N N 147 
HIS H    H N N 148 
HIS H2   H N N 149 
HIS HA   H N N 150 
HIS HB2  H N N 151 
HIS HB3  H N N 152 
HIS HD1  H N N 153 
HIS HD2  H N N 154 
HIS HE1  H N N 155 
HIS HE2  H N N 156 
HIS HXT  H N N 157 
ILE N    N N N 158 
ILE CA   C N S 159 
ILE C    C N N 160 
ILE O    O N N 161 
ILE CB   C N S 162 
ILE CG1  C N N 163 
ILE CG2  C N N 164 
ILE CD1  C N N 165 
ILE OXT  O N N 166 
ILE H    H N N 167 
ILE H2   H N N 168 
ILE HA   H N N 169 
ILE HB   H N N 170 
ILE HG12 H N N 171 
ILE HG13 H N N 172 
ILE HG21 H N N 173 
ILE HG22 H N N 174 
ILE HG23 H N N 175 
ILE HD11 H N N 176 
ILE HD12 H N N 177 
ILE HD13 H N N 178 
ILE HXT  H N N 179 
LEU N    N N N 180 
LEU CA   C N S 181 
LEU C    C N N 182 
LEU O    O N N 183 
LEU CB   C N N 184 
LEU CG   C N N 185 
LEU CD1  C N N 186 
LEU CD2  C N N 187 
LEU OXT  O N N 188 
LEU H    H N N 189 
LEU H2   H N N 190 
LEU HA   H N N 191 
LEU HB2  H N N 192 
LEU HB3  H N N 193 
LEU HG   H N N 194 
LEU HD11 H N N 195 
LEU HD12 H N N 196 
LEU HD13 H N N 197 
LEU HD21 H N N 198 
LEU HD22 H N N 199 
LEU HD23 H N N 200 
LEU HXT  H N N 201 
LYS N    N N N 202 
LYS CA   C N S 203 
LYS C    C N N 204 
LYS O    O N N 205 
LYS CB   C N N 206 
LYS CG   C N N 207 
LYS CD   C N N 208 
LYS CE   C N N 209 
LYS NZ   N N N 210 
LYS OXT  O N N 211 
LYS H    H N N 212 
LYS H2   H N N 213 
LYS HA   H N N 214 
LYS HB2  H N N 215 
LYS HB3  H N N 216 
LYS HG2  H N N 217 
LYS HG3  H N N 218 
LYS HD2  H N N 219 
LYS HD3  H N N 220 
LYS HE2  H N N 221 
LYS HE3  H N N 222 
LYS HZ1  H N N 223 
LYS HZ2  H N N 224 
LYS HZ3  H N N 225 
LYS HXT  H N N 226 
MET N    N N N 227 
MET CA   C N S 228 
MET C    C N N 229 
MET O    O N N 230 
MET CB   C N N 231 
MET CG   C N N 232 
MET SD   S N N 233 
MET CE   C N N 234 
MET OXT  O N N 235 
MET H    H N N 236 
MET H2   H N N 237 
MET HA   H N N 238 
MET HB2  H N N 239 
MET HB3  H N N 240 
MET HG2  H N N 241 
MET HG3  H N N 242 
MET HE1  H N N 243 
MET HE2  H N N 244 
MET HE3  H N N 245 
MET HXT  H N N 246 
NAG C1   C N R 247 
NAG C2   C N R 248 
NAG C3   C N R 249 
NAG C4   C N S 250 
NAG C5   C N R 251 
NAG C6   C N N 252 
NAG C7   C N N 253 
NAG C8   C N N 254 
NAG N2   N N N 255 
NAG O1   O N N 256 
NAG O3   O N N 257 
NAG O4   O N N 258 
NAG O5   O N N 259 
NAG O6   O N N 260 
NAG O7   O N N 261 
NAG H1   H N N 262 
NAG H2   H N N 263 
NAG H3   H N N 264 
NAG H4   H N N 265 
NAG H5   H N N 266 
NAG H61  H N N 267 
NAG H62  H N N 268 
NAG H81  H N N 269 
NAG H82  H N N 270 
NAG H83  H N N 271 
NAG HN2  H N N 272 
NAG HO1  H N N 273 
NAG HO3  H N N 274 
NAG HO4  H N N 275 
NAG HO6  H N N 276 
PHE N    N N N 277 
PHE CA   C N S 278 
PHE C    C N N 279 
PHE O    O N N 280 
PHE CB   C N N 281 
PHE CG   C Y N 282 
PHE CD1  C Y N 283 
PHE CD2  C Y N 284 
PHE CE1  C Y N 285 
PHE CE2  C Y N 286 
PHE CZ   C Y N 287 
PHE OXT  O N N 288 
PHE H    H N N 289 
PHE H2   H N N 290 
PHE HA   H N N 291 
PHE HB2  H N N 292 
PHE HB3  H N N 293 
PHE HD1  H N N 294 
PHE HD2  H N N 295 
PHE HE1  H N N 296 
PHE HE2  H N N 297 
PHE HZ   H N N 298 
PHE HXT  H N N 299 
PRO N    N N N 300 
PRO CA   C N S 301 
PRO C    C N N 302 
PRO O    O N N 303 
PRO CB   C N N 304 
PRO CG   C N N 305 
PRO CD   C N N 306 
PRO OXT  O N N 307 
PRO H    H N N 308 
PRO HA   H N N 309 
PRO HB2  H N N 310 
PRO HB3  H N N 311 
PRO HG2  H N N 312 
PRO HG3  H N N 313 
PRO HD2  H N N 314 
PRO HD3  H N N 315 
PRO HXT  H N N 316 
SER N    N N N 317 
SER CA   C N S 318 
SER C    C N N 319 
SER O    O N N 320 
SER CB   C N N 321 
SER OG   O N N 322 
SER OXT  O N N 323 
SER H    H N N 324 
SER H2   H N N 325 
SER HA   H N N 326 
SER HB2  H N N 327 
SER HB3  H N N 328 
SER HG   H N N 329 
SER HXT  H N N 330 
THR N    N N N 331 
THR CA   C N S 332 
THR C    C N N 333 
THR O    O N N 334 
THR CB   C N R 335 
THR OG1  O N N 336 
THR CG2  C N N 337 
THR OXT  O N N 338 
THR H    H N N 339 
THR H2   H N N 340 
THR HA   H N N 341 
THR HB   H N N 342 
THR HG1  H N N 343 
THR HG21 H N N 344 
THR HG22 H N N 345 
THR HG23 H N N 346 
THR HXT  H N N 347 
TRP N    N N N 348 
TRP CA   C N S 349 
TRP C    C N N 350 
TRP O    O N N 351 
TRP CB   C N N 352 
TRP CG   C Y N 353 
TRP CD1  C Y N 354 
TRP CD2  C Y N 355 
TRP NE1  N Y N 356 
TRP CE2  C Y N 357 
TRP CE3  C Y N 358 
TRP CZ2  C Y N 359 
TRP CZ3  C Y N 360 
TRP CH2  C Y N 361 
TRP OXT  O N N 362 
TRP H    H N N 363 
TRP H2   H N N 364 
TRP HA   H N N 365 
TRP HB2  H N N 366 
TRP HB3  H N N 367 
TRP HD1  H N N 368 
TRP HE1  H N N 369 
TRP HE3  H N N 370 
TRP HZ2  H N N 371 
TRP HZ3  H N N 372 
TRP HH2  H N N 373 
TRP HXT  H N N 374 
TYR N    N N N 375 
TYR CA   C N S 376 
TYR C    C N N 377 
TYR O    O N N 378 
TYR CB   C N N 379 
TYR CG   C Y N 380 
TYR CD1  C Y N 381 
TYR CD2  C Y N 382 
TYR CE1  C Y N 383 
TYR CE2  C Y N 384 
TYR CZ   C Y N 385 
TYR OH   O N N 386 
TYR OXT  O N N 387 
TYR H    H N N 388 
TYR H2   H N N 389 
TYR HA   H N N 390 
TYR HB2  H N N 391 
TYR HB3  H N N 392 
TYR HD1  H N N 393 
TYR HD2  H N N 394 
TYR HE1  H N N 395 
TYR HE2  H N N 396 
TYR HH   H N N 397 
TYR HXT  H N N 398 
VAL N    N N N 399 
VAL CA   C N S 400 
VAL C    C N N 401 
VAL O    O N N 402 
VAL CB   C N N 403 
VAL CG1  C N N 404 
VAL CG2  C N N 405 
VAL OXT  O N N 406 
VAL H    H N N 407 
VAL H2   H N N 408 
VAL HA   H N N 409 
VAL HB   H N N 410 
VAL HG11 H N N 411 
VAL HG12 H N N 412 
VAL HG13 H N N 413 
VAL HG21 H N N 414 
VAL HG22 H N N 415 
VAL HG23 H N N 416 
VAL HXT  H N N 417 
# 
loop_
_chem_comp_bond.comp_id 
_chem_comp_bond.atom_id_1 
_chem_comp_bond.atom_id_2 
_chem_comp_bond.value_order 
_chem_comp_bond.pdbx_aromatic_flag 
_chem_comp_bond.pdbx_stereo_config 
_chem_comp_bond.pdbx_ordinal 
ALA N   CA   sing N N 1   
ALA N   H    sing N N 2   
ALA N   H2   sing N N 3   
ALA CA  C    sing N N 4   
ALA CA  CB   sing N N 5   
ALA CA  HA   sing N N 6   
ALA C   O    doub N N 7   
ALA C   OXT  sing N N 8   
ALA CB  HB1  sing N N 9   
ALA CB  HB2  sing N N 10  
ALA CB  HB3  sing N N 11  
ALA OXT HXT  sing N N 12  
ARG N   CA   sing N N 13  
ARG N   H    sing N N 14  
ARG N   H2   sing N N 15  
ARG CA  C    sing N N 16  
ARG CA  CB   sing N N 17  
ARG CA  HA   sing N N 18  
ARG C   O    doub N N 19  
ARG C   OXT  sing N N 20  
ARG CB  CG   sing N N 21  
ARG CB  HB2  sing N N 22  
ARG CB  HB3  sing N N 23  
ARG CG  CD   sing N N 24  
ARG CG  HG2  sing N N 25  
ARG CG  HG3  sing N N 26  
ARG CD  NE   sing N N 27  
ARG CD  HD2  sing N N 28  
ARG CD  HD3  sing N N 29  
ARG NE  CZ   sing N N 30  
ARG NE  HE   sing N N 31  
ARG CZ  NH1  sing N N 32  
ARG CZ  NH2  doub N N 33  
ARG NH1 HH11 sing N N 34  
ARG NH1 HH12 sing N N 35  
ARG NH2 HH21 sing N N 36  
ARG NH2 HH22 sing N N 37  
ARG OXT HXT  sing N N 38  
ASN N   CA   sing N N 39  
ASN N   H    sing N N 40  
ASN N   H2   sing N N 41  
ASN CA  C    sing N N 42  
ASN CA  CB   sing N N 43  
ASN CA  HA   sing N N 44  
ASN C   O    doub N N 45  
ASN C   OXT  sing N N 46  
ASN CB  CG   sing N N 47  
ASN CB  HB2  sing N N 48  
ASN CB  HB3  sing N N 49  
ASN CG  OD1  doub N N 50  
ASN CG  ND2  sing N N 51  
ASN ND2 HD21 sing N N 52  
ASN ND2 HD22 sing N N 53  
ASN OXT HXT  sing N N 54  
ASP N   CA   sing N N 55  
ASP N   H    sing N N 56  
ASP N   H2   sing N N 57  
ASP CA  C    sing N N 58  
ASP CA  CB   sing N N 59  
ASP CA  HA   sing N N 60  
ASP C   O    doub N N 61  
ASP C   OXT  sing N N 62  
ASP CB  CG   sing N N 63  
ASP CB  HB2  sing N N 64  
ASP CB  HB3  sing N N 65  
ASP CG  OD1  doub N N 66  
ASP CG  OD2  sing N N 67  
ASP OD2 HD2  sing N N 68  
ASP OXT HXT  sing N N 69  
CYS N   CA   sing N N 70  
CYS N   H    sing N N 71  
CYS N   H2   sing N N 72  
CYS CA  C    sing N N 73  
CYS CA  CB   sing N N 74  
CYS CA  HA   sing N N 75  
CYS C   O    doub N N 76  
CYS C   OXT  sing N N 77  
CYS CB  SG   sing N N 78  
CYS CB  HB2  sing N N 79  
CYS CB  HB3  sing N N 80  
CYS SG  HG   sing N N 81  
CYS OXT HXT  sing N N 82  
GLN N   CA   sing N N 83  
GLN N   H    sing N N 84  
GLN N   H2   sing N N 85  
GLN CA  C    sing N N 86  
GLN CA  CB   sing N N 87  
GLN CA  HA   sing N N 88  
GLN C   O    doub N N 89  
GLN C   OXT  sing N N 90  
GLN CB  CG   sing N N 91  
GLN CB  HB2  sing N N 92  
GLN CB  HB3  sing N N 93  
GLN CG  CD   sing N N 94  
GLN CG  HG2  sing N N 95  
GLN CG  HG3  sing N N 96  
GLN CD  OE1  doub N N 97  
GLN CD  NE2  sing N N 98  
GLN NE2 HE21 sing N N 99  
GLN NE2 HE22 sing N N 100 
GLN OXT HXT  sing N N 101 
GLU N   CA   sing N N 102 
GLU N   H    sing N N 103 
GLU N   H2   sing N N 104 
GLU CA  C    sing N N 105 
GLU CA  CB   sing N N 106 
GLU CA  HA   sing N N 107 
GLU C   O    doub N N 108 
GLU C   OXT  sing N N 109 
GLU CB  CG   sing N N 110 
GLU CB  HB2  sing N N 111 
GLU CB  HB3  sing N N 112 
GLU CG  CD   sing N N 113 
GLU CG  HG2  sing N N 114 
GLU CG  HG3  sing N N 115 
GLU CD  OE1  doub N N 116 
GLU CD  OE2  sing N N 117 
GLU OE2 HE2  sing N N 118 
GLU OXT HXT  sing N N 119 
GLY N   CA   sing N N 120 
GLY N   H    sing N N 121 
GLY N   H2   sing N N 122 
GLY CA  C    sing N N 123 
GLY CA  HA2  sing N N 124 
GLY CA  HA3  sing N N 125 
GLY C   O    doub N N 126 
GLY C   OXT  sing N N 127 
GLY OXT HXT  sing N N 128 
HIS N   CA   sing N N 129 
HIS N   H    sing N N 130 
HIS N   H2   sing N N 131 
HIS CA  C    sing N N 132 
HIS CA  CB   sing N N 133 
HIS CA  HA   sing N N 134 
HIS C   O    doub N N 135 
HIS C   OXT  sing N N 136 
HIS CB  CG   sing N N 137 
HIS CB  HB2  sing N N 138 
HIS CB  HB3  sing N N 139 
HIS CG  ND1  sing Y N 140 
HIS CG  CD2  doub Y N 141 
HIS ND1 CE1  doub Y N 142 
HIS ND1 HD1  sing N N 143 
HIS CD2 NE2  sing Y N 144 
HIS CD2 HD2  sing N N 145 
HIS CE1 NE2  sing Y N 146 
HIS CE1 HE1  sing N N 147 
HIS NE2 HE2  sing N N 148 
HIS OXT HXT  sing N N 149 
ILE N   CA   sing N N 150 
ILE N   H    sing N N 151 
ILE N   H2   sing N N 152 
ILE CA  C    sing N N 153 
ILE CA  CB   sing N N 154 
ILE CA  HA   sing N N 155 
ILE C   O    doub N N 156 
ILE C   OXT  sing N N 157 
ILE CB  CG1  sing N N 158 
ILE CB  CG2  sing N N 159 
ILE CB  HB   sing N N 160 
ILE CG1 CD1  sing N N 161 
ILE CG1 HG12 sing N N 162 
ILE CG1 HG13 sing N N 163 
ILE CG2 HG21 sing N N 164 
ILE CG2 HG22 sing N N 165 
ILE CG2 HG23 sing N N 166 
ILE CD1 HD11 sing N N 167 
ILE CD1 HD12 sing N N 168 
ILE CD1 HD13 sing N N 169 
ILE OXT HXT  sing N N 170 
LEU N   CA   sing N N 171 
LEU N   H    sing N N 172 
LEU N   H2   sing N N 173 
LEU CA  C    sing N N 174 
LEU CA  CB   sing N N 175 
LEU CA  HA   sing N N 176 
LEU C   O    doub N N 177 
LEU C   OXT  sing N N 178 
LEU CB  CG   sing N N 179 
LEU CB  HB2  sing N N 180 
LEU CB  HB3  sing N N 181 
LEU CG  CD1  sing N N 182 
LEU CG  CD2  sing N N 183 
LEU CG  HG   sing N N 184 
LEU CD1 HD11 sing N N 185 
LEU CD1 HD12 sing N N 186 
LEU CD1 HD13 sing N N 187 
LEU CD2 HD21 sing N N 188 
LEU CD2 HD22 sing N N 189 
LEU CD2 HD23 sing N N 190 
LEU OXT HXT  sing N N 191 
LYS N   CA   sing N N 192 
LYS N   H    sing N N 193 
LYS N   H2   sing N N 194 
LYS CA  C    sing N N 195 
LYS CA  CB   sing N N 196 
LYS CA  HA   sing N N 197 
LYS C   O    doub N N 198 
LYS C   OXT  sing N N 199 
LYS CB  CG   sing N N 200 
LYS CB  HB2  sing N N 201 
LYS CB  HB3  sing N N 202 
LYS CG  CD   sing N N 203 
LYS CG  HG2  sing N N 204 
LYS CG  HG3  sing N N 205 
LYS CD  CE   sing N N 206 
LYS CD  HD2  sing N N 207 
LYS CD  HD3  sing N N 208 
LYS CE  NZ   sing N N 209 
LYS CE  HE2  sing N N 210 
LYS CE  HE3  sing N N 211 
LYS NZ  HZ1  sing N N 212 
LYS NZ  HZ2  sing N N 213 
LYS NZ  HZ3  sing N N 214 
LYS OXT HXT  sing N N 215 
MET N   CA   sing N N 216 
MET N   H    sing N N 217 
MET N   H2   sing N N 218 
MET CA  C    sing N N 219 
MET CA  CB   sing N N 220 
MET CA  HA   sing N N 221 
MET C   O    doub N N 222 
MET C   OXT  sing N N 223 
MET CB  CG   sing N N 224 
MET CB  HB2  sing N N 225 
MET CB  HB3  sing N N 226 
MET CG  SD   sing N N 227 
MET CG  HG2  sing N N 228 
MET CG  HG3  sing N N 229 
MET SD  CE   sing N N 230 
MET CE  HE1  sing N N 231 
MET CE  HE2  sing N N 232 
MET CE  HE3  sing N N 233 
MET OXT HXT  sing N N 234 
NAG C1  C2   sing N N 235 
NAG C1  O1   sing N N 236 
NAG C1  O5   sing N N 237 
NAG C1  H1   sing N N 238 
NAG C2  C3   sing N N 239 
NAG C2  N2   sing N N 240 
NAG C2  H2   sing N N 241 
NAG C3  C4   sing N N 242 
NAG C3  O3   sing N N 243 
NAG C3  H3   sing N N 244 
NAG C4  C5   sing N N 245 
NAG C4  O4   sing N N 246 
NAG C4  H4   sing N N 247 
NAG C5  C6   sing N N 248 
NAG C5  O5   sing N N 249 
NAG C5  H5   sing N N 250 
NAG C6  O6   sing N N 251 
NAG C6  H61  sing N N 252 
NAG C6  H62  sing N N 253 
NAG C7  C8   sing N N 254 
NAG C7  N2   sing N N 255 
NAG C7  O7   doub N N 256 
NAG C8  H81  sing N N 257 
NAG C8  H82  sing N N 258 
NAG C8  H83  sing N N 259 
NAG N2  HN2  sing N N 260 
NAG O1  HO1  sing N N 261 
NAG O3  HO3  sing N N 262 
NAG O4  HO4  sing N N 263 
NAG O6  HO6  sing N N 264 
PHE N   CA   sing N N 265 
PHE N   H    sing N N 266 
PHE N   H2   sing N N 267 
PHE CA  C    sing N N 268 
PHE CA  CB   sing N N 269 
PHE CA  HA   sing N N 270 
PHE C   O    doub N N 271 
PHE C   OXT  sing N N 272 
PHE CB  CG   sing N N 273 
PHE CB  HB2  sing N N 274 
PHE CB  HB3  sing N N 275 
PHE CG  CD1  doub Y N 276 
PHE CG  CD2  sing Y N 277 
PHE CD1 CE1  sing Y N 278 
PHE CD1 HD1  sing N N 279 
PHE CD2 CE2  doub Y N 280 
PHE CD2 HD2  sing N N 281 
PHE CE1 CZ   doub Y N 282 
PHE CE1 HE1  sing N N 283 
PHE CE2 CZ   sing Y N 284 
PHE CE2 HE2  sing N N 285 
PHE CZ  HZ   sing N N 286 
PHE OXT HXT  sing N N 287 
PRO N   CA   sing N N 288 
PRO N   CD   sing N N 289 
PRO N   H    sing N N 290 
PRO CA  C    sing N N 291 
PRO CA  CB   sing N N 292 
PRO CA  HA   sing N N 293 
PRO C   O    doub N N 294 
PRO C   OXT  sing N N 295 
PRO CB  CG   sing N N 296 
PRO CB  HB2  sing N N 297 
PRO CB  HB3  sing N N 298 
PRO CG  CD   sing N N 299 
PRO CG  HG2  sing N N 300 
PRO CG  HG3  sing N N 301 
PRO CD  HD2  sing N N 302 
PRO CD  HD3  sing N N 303 
PRO OXT HXT  sing N N 304 
SER N   CA   sing N N 305 
SER N   H    sing N N 306 
SER N   H2   sing N N 307 
SER CA  C    sing N N 308 
SER CA  CB   sing N N 309 
SER CA  HA   sing N N 310 
SER C   O    doub N N 311 
SER C   OXT  sing N N 312 
SER CB  OG   sing N N 313 
SER CB  HB2  sing N N 314 
SER CB  HB3  sing N N 315 
SER OG  HG   sing N N 316 
SER OXT HXT  sing N N 317 
THR N   CA   sing N N 318 
THR N   H    sing N N 319 
THR N   H2   sing N N 320 
THR CA  C    sing N N 321 
THR CA  CB   sing N N 322 
THR CA  HA   sing N N 323 
THR C   O    doub N N 324 
THR C   OXT  sing N N 325 
THR CB  OG1  sing N N 326 
THR CB  CG2  sing N N 327 
THR CB  HB   sing N N 328 
THR OG1 HG1  sing N N 329 
THR CG2 HG21 sing N N 330 
THR CG2 HG22 sing N N 331 
THR CG2 HG23 sing N N 332 
THR OXT HXT  sing N N 333 
TRP N   CA   sing N N 334 
TRP N   H    sing N N 335 
TRP N   H2   sing N N 336 
TRP CA  C    sing N N 337 
TRP CA  CB   sing N N 338 
TRP CA  HA   sing N N 339 
TRP C   O    doub N N 340 
TRP C   OXT  sing N N 341 
TRP CB  CG   sing N N 342 
TRP CB  HB2  sing N N 343 
TRP CB  HB3  sing N N 344 
TRP CG  CD1  doub Y N 345 
TRP CG  CD2  sing Y N 346 
TRP CD1 NE1  sing Y N 347 
TRP CD1 HD1  sing N N 348 
TRP CD2 CE2  doub Y N 349 
TRP CD2 CE3  sing Y N 350 
TRP NE1 CE2  sing Y N 351 
TRP NE1 HE1  sing N N 352 
TRP CE2 CZ2  sing Y N 353 
TRP CE3 CZ3  doub Y N 354 
TRP CE3 HE3  sing N N 355 
TRP CZ2 CH2  doub Y N 356 
TRP CZ2 HZ2  sing N N 357 
TRP CZ3 CH2  sing Y N 358 
TRP CZ3 HZ3  sing N N 359 
TRP CH2 HH2  sing N N 360 
TRP OXT HXT  sing N N 361 
TYR N   CA   sing N N 362 
TYR N   H    sing N N 363 
TYR N   H2   sing N N 364 
TYR CA  C    sing N N 365 
TYR CA  CB   sing N N 366 
TYR CA  HA   sing N N 367 
TYR C   O    doub N N 368 
TYR C   OXT  sing N N 369 
TYR CB  CG   sing N N 370 
TYR CB  HB2  sing N N 371 
TYR CB  HB3  sing N N 372 
TYR CG  CD1  doub Y N 373 
TYR CG  CD2  sing Y N 374 
TYR CD1 CE1  sing Y N 375 
TYR CD1 HD1  sing N N 376 
TYR CD2 CE2  doub Y N 377 
TYR CD2 HD2  sing N N 378 
TYR CE1 CZ   doub Y N 379 
TYR CE1 HE1  sing N N 380 
TYR CE2 CZ   sing Y N 381 
TYR CE2 HE2  sing N N 382 
TYR CZ  OH   sing N N 383 
TYR OH  HH   sing N N 384 
TYR OXT HXT  sing N N 385 
VAL N   CA   sing N N 386 
VAL N   H    sing N N 387 
VAL N   H2   sing N N 388 
VAL CA  C    sing N N 389 
VAL CA  CB   sing N N 390 
VAL CA  HA   sing N N 391 
VAL C   O    doub N N 392 
VAL C   OXT  sing N N 393 
VAL CB  CG1  sing N N 394 
VAL CB  CG2  sing N N 395 
VAL CB  HB   sing N N 396 
VAL CG1 HG11 sing N N 397 
VAL CG1 HG12 sing N N 398 
VAL CG1 HG13 sing N N 399 
VAL CG2 HG21 sing N N 400 
VAL CG2 HG22 sing N N 401 
VAL CG2 HG23 sing N N 402 
VAL OXT HXT  sing N N 403 
# 
_em_admin.entry_id           7US9 
_em_admin.current_status     REL 
_em_admin.deposition_date    2022-04-23 
_em_admin.deposition_site    RCSB 
_em_admin.last_update        2024-10-30 
_em_admin.map_release_date   2022-08-24 
_em_admin.title              'CCoV-HuPn-2018 S in the proximal conformation (local refinement of domain 0)' 
# 
_em_ctf_correction.id                       1 
_em_ctf_correction.em_image_processing_id   1 
_em_ctf_correction.type                     'PHASE FLIPPING AND AMPLITUDE CORRECTION' 
_em_ctf_correction.details                  ? 
# 
_em_embedding.id            1 
_em_embedding.details       ? 
_em_embedding.specimen_id   1 
_em_embedding.material      'Tris buffer saline' 
# 
_em_entity_assembly_naturalsource.id                   2 
_em_entity_assembly_naturalsource.entity_assembly_id   1 
_em_entity_assembly_naturalsource.cell                 ? 
_em_entity_assembly_naturalsource.cellular_location    ? 
_em_entity_assembly_naturalsource.ncbi_tax_id          2697049 
_em_entity_assembly_naturalsource.organ                ? 
_em_entity_assembly_naturalsource.organelle            ? 
_em_entity_assembly_naturalsource.organism             CCoV-HuPn-2018 
_em_entity_assembly_naturalsource.strain               ? 
_em_entity_assembly_naturalsource.tissue               ? 
# 
_em_entity_assembly_recombinant.id                   2 
_em_entity_assembly_recombinant.entity_assembly_id   1 
_em_entity_assembly_recombinant.cell                 ? 
_em_entity_assembly_recombinant.ncbi_tax_id          1092587 
_em_entity_assembly_recombinant.organism             'mammal environmental sample' 
_em_entity_assembly_recombinant.plasmid              ? 
_em_entity_assembly_recombinant.strain               ? 
# 
_em_image_processing.id                   1 
_em_image_processing.image_recording_id   1 
_em_image_processing.details              ? 
# 
_em_image_recording.id                                  1 
_em_image_recording.imaging_id                          1 
_em_image_recording.avg_electron_dose_per_image         80 
_em_image_recording.average_exposure_time               ? 
_em_image_recording.details                             ? 
_em_image_recording.detector_mode                       ? 
_em_image_recording.film_or_detector_model              'GATAN K3 (6k x 4k)' 
_em_image_recording.num_diffraction_images              ? 
_em_image_recording.num_grids_imaged                    ? 
_em_image_recording.num_real_images                     ? 
_em_image_recording.avg_electron_dose_per_subtomogram   ? 
# 
loop_
_em_software.id 
_em_software.category 
_em_software.details 
_em_software.name 
_em_software.version 
_em_software.image_processing_id 
_em_software.fitting_id 
_em_software.imaging_id 
1  'CRYSTALLOGRAPHY MERGING'  ? ? ? 1 1 1 
2  'IMAGE ACQUISITION'        ? ? ? ? ? 1 
3  MASKING                    ? ? ? ? ? ? 
4  'CTF CORRECTION'           ? ? ? 1 ? ? 
5  'LAYERLINE INDEXING'       ? ? ? ? ? ? 
6  'DIFFRACTION INDEXING'     ? ? ? ? ? ? 
7  'MODEL FITTING'            ? ? ? ? ? ? 
8  'MODEL REFINEMENT'         ? ? ? ? ? ? 
9  OTHER                      ? ? ? ? ? ? 
10 'INITIAL EULER ASSIGNMENT' ? ? ? 1 ? ? 
11 'FINAL EULER ASSIGNMENT'   ? ? ? 1 ? ? 
12 CLASSIFICATION             ? ? ? 1 ? ? 
13 RECONSTRUCTION             ? ? ? 1 ? ? 
# 
_em_specimen.id                      1 
_em_specimen.experiment_id           1 
_em_specimen.concentration           ? 
_em_specimen.details                 ? 
_em_specimen.embedding_applied       YES 
_em_specimen.shadowing_applied       NO 
_em_specimen.staining_applied        NO 
_em_specimen.vitrification_applied   YES 
# 
_em_virus_natural_host.id                   1 
_em_virus_natural_host.entity_assembly_id   1 
_em_virus_natural_host.ncbi_tax_id          9606 
_em_virus_natural_host.organism             'Homo sapiens' 
_em_virus_natural_host.strain               ? 
# 
_pdbx_audit_support.funding_organization   
'National Institutes of Health/National Institute Of Allergy and Infectious Diseases (NIH/NIAID)' 
_pdbx_audit_support.country                'United States' 
_pdbx_audit_support.grant_number           ? 
_pdbx_audit_support.ordinal                1 
# 
loop_
_pdbx_entity_branch_list.entity_id 
_pdbx_entity_branch_list.comp_id 
_pdbx_entity_branch_list.num 
_pdbx_entity_branch_list.hetero 
2 NAG 1 n 
2 NAG 2 n 
# 
_atom_sites.entry_id                    7US9 
_atom_sites.Cartn_transf_matrix[1][1]   ? 
_atom_sites.Cartn_transf_matrix[1][2]   ? 
_atom_sites.Cartn_transf_matrix[1][3]   ? 
_atom_sites.Cartn_transf_matrix[2][1]   ? 
_atom_sites.Cartn_transf_matrix[2][2]   ? 
_atom_sites.Cartn_transf_matrix[2][3]   ? 
_atom_sites.Cartn_transf_matrix[3][1]   ? 
_atom_sites.Cartn_transf_matrix[3][2]   ? 
_atom_sites.Cartn_transf_matrix[3][3]   ? 
_atom_sites.Cartn_transf_vector[1]      ? 
_atom_sites.Cartn_transf_vector[2]      ? 
_atom_sites.Cartn_transf_vector[3]      ? 
_atom_sites.fract_transf_matrix[1][1]   1.000000 
_atom_sites.fract_transf_matrix[1][2]   0.000000 
_atom_sites.fract_transf_matrix[1][3]   0.000000 
_atom_sites.fract_transf_matrix[2][1]   0.000000 
_atom_sites.fract_transf_matrix[2][2]   1.000000 
_atom_sites.fract_transf_matrix[2][3]   0.000000 
_atom_sites.fract_transf_matrix[3][1]   0.000000 
_atom_sites.fract_transf_matrix[3][2]   0.000000 
_atom_sites.fract_transf_matrix[3][3]   1.000000 
_atom_sites.fract_transf_vector[1]      0.00000 
_atom_sites.fract_transf_vector[2]      0.00000 
_atom_sites.fract_transf_vector[3]      0.00000 
_atom_sites.solution_primary            ? 
_atom_sites.solution_secondary          ? 
_atom_sites.solution_hydrogens          ? 
_atom_sites.special_details             ? 
# 
loop_
_atom_type.symbol 
C 
N 
O 
S 
# 
loop_
_atom_site.group_PDB 
_atom_site.id 
_atom_site.type_symbol 
_atom_site.label_atom_id 
_atom_site.label_alt_id 
_atom_site.label_comp_id 
_atom_site.label_asym_id 
_atom_site.label_entity_id 
_atom_site.label_seq_id 
_atom_site.pdbx_PDB_ins_code 
_atom_site.Cartn_x 
_atom_site.Cartn_y 
_atom_site.Cartn_z 
_atom_site.occupancy 
_atom_site.B_iso_or_equiv 
_atom_site.pdbx_formal_charge 
_atom_site.auth_seq_id 
_atom_site.auth_comp_id 
_atom_site.auth_asym_id 
_atom_site.auth_atom_id 
_atom_site.pdbx_PDB_model_num 
ATOM   1    N N   . HIS A 1 48  ? 16.613  -1.751  7.745   1.00 38.74 ? 32  HIS A N   1 
ATOM   2    C CA  . HIS A 1 48  ? 16.441  -1.784  6.295   1.00 38.30 ? 32  HIS A CA  1 
ATOM   3    C C   . HIS A 1 48  ? 15.621  -0.575  5.805   1.00 37.88 ? 32  HIS A C   1 
ATOM   4    O O   . HIS A 1 48  ? 14.643  -0.724  5.061   1.00 37.98 ? 32  HIS A O   1 
ATOM   5    C CB  . HIS A 1 48  ? 15.787  -3.123  5.854   1.00 38.71 ? 32  HIS A CB  1 
ATOM   6    C CG  . HIS A 1 48  ? 16.643  -4.355  6.114   1.00 39.23 ? 32  HIS A CG  1 
ATOM   7    N ND1 . HIS A 1 48  ? 16.707  -4.965  7.349   1.00 39.58 ? 32  HIS A ND1 1 
ATOM   8    C CD2 . HIS A 1 48  ? 17.459  -5.071  5.294   1.00 39.49 ? 32  HIS A CD2 1 
ATOM   9    C CE1 . HIS A 1 48  ? 17.524  -6.008  7.278   1.00 39.85 ? 32  HIS A CE1 1 
ATOM   10   N NE2 . HIS A 1 48  ? 17.992  -6.092  6.042   1.00 39.86 ? 32  HIS A NE2 1 
ATOM   11   N N   . TRP A 1 49  ? 16.064  0.637   6.184   1.00 37.30 ? 33  TRP A N   1 
ATOM   12   C CA  . TRP A 1 49  ? 15.421  1.910   5.821   1.00 36.88 ? 33  TRP A CA  1 
ATOM   13   C C   . TRP A 1 49  ? 15.344  2.119   4.323   1.00 37.53 ? 33  TRP A C   1 
ATOM   14   O O   . TRP A 1 49  ? 14.450  2.806   3.830   1.00 35.96 ? 33  TRP A O   1 
ATOM   15   C CB  . TRP A 1 49  ? 16.158  3.104   6.414   1.00 37.02 ? 33  TRP A CB  1 
ATOM   16   C CG  . TRP A 1 49  ? 15.487  4.398   6.072   1.00 36.51 ? 33  TRP A CG  1 
ATOM   17   C CD1 . TRP A 1 49  ? 15.934  5.366   5.222   1.00 36.48 ? 33  TRP A CD1 1 
ATOM   18   C CD2 . TRP A 1 49  ? 14.223  4.862   6.573   1.00 36.21 ? 33  TRP A CD2 1 
ATOM   19   N NE1 . TRP A 1 49  ? 15.031  6.396   5.166   1.00 35.76 ? 33  TRP A NE1 1 
ATOM   20   C CE2 . TRP A 1 49  ? 13.979  6.101   5.984   1.00 35.56 ? 33  TRP A CE2 1 
ATOM   21   C CE3 . TRP A 1 49  ? 13.290  4.332   7.460   1.00 36.55 ? 33  TRP A CE3 1 
ATOM   22   C CZ2 . TRP A 1 49  ? 12.835  6.820   6.258   1.00 35.27 ? 33  TRP A CZ2 1 
ATOM   23   C CZ3 . TRP A 1 49  ? 12.151  5.053   7.734   1.00 36.14 ? 33  TRP A CZ3 1 
ATOM   24   C CH2 . TRP A 1 49  ? 11.929  6.254   7.156   1.00 35.41 ? 33  TRP A CH2 1 
ATOM   25   N N   . ASN A 1 50  ? 16.277  1.531   3.595   1.00 37.34 ? 34  ASN A N   1 
ATOM   26   C CA  . ASN A 1 50  ? 16.326  1.696   2.158   1.00 37.22 ? 34  ASN A CA  1 
ATOM   27   C C   . ASN A 1 50  ? 15.079  1.137   1.489   1.00 37.41 ? 34  ASN A C   1 
ATOM   28   O O   . ASN A 1 50  ? 14.731  1.548   0.382   1.00 37.26 ? 34  ASN A O   1 
ATOM   29   C CB  . ASN A 1 50  ? 17.576  1.049   1.611   1.00 37.75 ? 34  ASN A CB  1 
ATOM   30   N N   . LEU A 1 51  ? 14.387  0.206   2.142   1.00 37.47 ? 35  LEU A N   1 
ATOM   31   C CA  . LEU A 1 51  ? 13.178  -0.340  1.551   1.00 37.59 ? 35  LEU A CA  1 
ATOM   32   C C   . LEU A 1 51  ? 12.090  0.728   1.584   1.00 37.37 ? 35  LEU A C   1 
ATOM   33   O O   . LEU A 1 51  ? 11.313  0.876   0.635   1.00 37.56 ? 35  LEU A O   1 
ATOM   34   C CB  . LEU A 1 51  ? 12.731  -1.598  2.308   1.00 37.83 ? 35  LEU A CB  1 
ATOM   35   N N   . ILE A 1 52  ? 12.047  1.474   2.685   1.00 36.96 ? 36  ILE A N   1 
ATOM   36   C CA  . ILE A 1 52  ? 11.075  2.539   2.865   1.00 36.09 ? 36  ILE A CA  1 
ATOM   37   C C   . ILE A 1 52  ? 11.417  3.671   1.914   1.00 37.09 ? 36  ILE A C   1 
ATOM   38   O O   . ILE A 1 52  ? 10.536  4.242   1.271   1.00 36.39 ? 36  ILE A O   1 
ATOM   39   C CB  . ILE A 1 52  ? 11.098  3.082   4.311   1.00 36.49 ? 36  ILE A CB  1 
ATOM   40   C CG1 . ILE A 1 52  ? 10.755  1.971   5.345   1.00 37.04 ? 36  ILE A CG1 1 
ATOM   41   C CG2 . ILE A 1 52  ? 10.125  4.263   4.436   1.00 36.20 ? 36  ILE A CG2 1 
ATOM   42   C CD1 . ILE A 1 52  ? 9.371   1.366   5.241   1.00 38.21 ? 36  ILE A CD1 1 
ATOM   43   N N   . GLU A 1 53  ? 12.704  3.999   1.831   1.00 36.44 ? 37  GLU A N   1 
ATOM   44   C CA  . GLU A 1 53  ? 13.161  5.070   0.964   1.00 36.87 ? 37  GLU A CA  1 
ATOM   45   C C   . GLU A 1 53  ? 12.839  4.789   -0.494  1.00 35.88 ? 37  GLU A C   1 
ATOM   46   O O   . GLU A 1 53  ? 12.373  5.676   -1.204  1.00 36.47 ? 37  GLU A O   1 
ATOM   47   C CB  . GLU A 1 53  ? 14.665  5.290   1.105   1.00 36.77 ? 37  GLU A CB  1 
ATOM   48   C CG  . GLU A 1 53  ? 15.205  6.460   0.277   1.00 36.17 ? 37  GLU A CG  1 
ATOM   49   C CD  . GLU A 1 53  ? 16.688  6.667   0.429   1.00 36.80 ? 37  GLU A CD  1 
ATOM   50   O OE1 . GLU A 1 53  ? 17.322  5.872   1.074   1.00 36.93 ? 37  GLU A OE1 1 
ATOM   51   O OE2 . GLU A 1 53  ? 17.188  7.628   -0.102  1.00 36.64 ? 37  GLU A OE2 1 
ATOM   52   N N   . ASN A 1 54  ? 13.070  3.555   -0.945  1.00 36.91 ? 38  ASN A N   1 
ATOM   53   C CA  . ASN A 1 54  ? 12.808  3.231   -2.338  1.00 36.73 ? 38  ASN A CA  1 
ATOM   54   C C   . ASN A 1 54  ? 11.327  3.338   -2.644  1.00 36.64 ? 38  ASN A C   1 
ATOM   55   O O   . ASN A 1 54  ? 10.940  3.853   -3.696  1.00 37.00 ? 38  ASN A O   1 
ATOM   56   C CB  . ASN A 1 54  ? 13.316  1.845   -2.661  1.00 37.32 ? 38  ASN A CB  1 
ATOM   57   C CG  . ASN A 1 54  ? 14.812  1.779   -2.736  1.00 37.67 ? 38  ASN A CG  1 
ATOM   58   O OD1 . ASN A 1 54  ? 15.494  2.790   -2.939  1.00 37.26 ? 38  ASN A OD1 1 
ATOM   59   N ND2 . ASN A 1 54  ? 15.341  0.596   -2.571  1.00 38.11 ? 38  ASN A ND2 1 
ATOM   60   N N   . PHE A 1 55  ? 10.492  2.903   -1.705  1.00 36.40 ? 39  PHE A N   1 
ATOM   61   C CA  . PHE A 1 55  ? 9.055   3.004   -1.884  1.00 36.44 ? 39  PHE A CA  1 
ATOM   62   C C   . PHE A 1 55  ? 8.662   4.457   -2.083  1.00 36.38 ? 39  PHE A C   1 
ATOM   63   O O   . PHE A 1 55  ? 7.929   4.794   -3.018  1.00 36.48 ? 39  PHE A O   1 
ATOM   64   C CB  . PHE A 1 55  ? 8.326   2.454   -0.661  1.00 37.07 ? 39  PHE A CB  1 
ATOM   65   C CG  . PHE A 1 55  ? 6.850   2.504   -0.768  1.00 36.70 ? 39  PHE A CG  1 
ATOM   66   C CD1 . PHE A 1 55  ? 6.159   1.438   -1.296  1.00 38.35 ? 39  PHE A CD1 1 
ATOM   67   C CD2 . PHE A 1 55  ? 6.141   3.618   -0.357  1.00 36.73 ? 39  PHE A CD2 1 
ATOM   68   C CE1 . PHE A 1 55  ? 4.801   1.474   -1.404  1.00 39.62 ? 39  PHE A CE1 1 
ATOM   69   C CE2 . PHE A 1 55  ? 4.778   3.655   -0.473  1.00 38.25 ? 39  PHE A CE2 1 
ATOM   70   C CZ  . PHE A 1 55  ? 4.108   2.583   -0.992  1.00 39.97 ? 39  PHE A CZ  1 
ATOM   71   N N   . LEU A 1 56  ? 9.161   5.322   -1.200  1.00 35.94 ? 40  LEU A N   1 
ATOM   72   C CA  . LEU A 1 56  ? 8.826   6.734   -1.231  1.00 35.76 ? 40  LEU A CA  1 
ATOM   73   C C   . LEU A 1 56  ? 9.334   7.420   -2.489  1.00 35.94 ? 40  LEU A C   1 
ATOM   74   O O   . LEU A 1 56  ? 8.634   8.254   -3.063  1.00 35.52 ? 40  LEU A O   1 
ATOM   75   C CB  . LEU A 1 56  ? 9.402   7.418   0.012   1.00 35.02 ? 40  LEU A CB  1 
ATOM   76   C CG  . LEU A 1 56  ? 8.757   7.005   1.358   1.00 35.23 ? 40  LEU A CG  1 
ATOM   77   C CD1 . LEU A 1 56  ? 9.582   7.544   2.492   1.00 35.12 ? 40  LEU A CD1 1 
ATOM   78   C CD2 . LEU A 1 56  ? 7.349   7.543   1.450   1.00 34.77 ? 40  LEU A CD2 1 
ATOM   79   N N   . LEU A 1 57  ? 10.524  7.061   -2.948  1.00 35.48 ? 41  LEU A N   1 
ATOM   80   C CA  . LEU A 1 57  ? 11.035  7.668   -4.173  1.00 35.19 ? 41  LEU A CA  1 
ATOM   81   C C   . LEU A 1 57  ? 10.159  7.332   -5.390  1.00 35.74 ? 41  LEU A C   1 
ATOM   82   O O   . LEU A 1 57  ? 9.865   8.224   -6.198  1.00 35.67 ? 41  LEU A O   1 
ATOM   83   C CB  . LEU A 1 57  ? 12.474  7.198   -4.421  1.00 35.61 ? 41  LEU A CB  1 
ATOM   84   N N   . ASN A 1 58  ? 9.704   6.063   -5.488  1.00 36.14 ? 42  ASN A N   1 
ATOM   85   C CA  . ASN A 1 58  ? 8.833   5.587   -6.565  1.00 36.25 ? 42  ASN A CA  1 
ATOM   86   C C   . ASN A 1 58  ? 7.439   6.227   -6.492  1.00 36.04 ? 42  ASN A C   1 
ATOM   87   O O   . ASN A 1 58  ? 6.857   6.576   -7.521  1.00 36.28 ? 42  ASN A O   1 
ATOM   88   C CB  . ASN A 1 58  ? 8.731   4.062   -6.531  1.00 37.58 ? 42  ASN A CB  1 
ATOM   89   C CG  . ASN A 1 58  ? 9.872   3.343   -7.269  1.00 38.38 ? 42  ASN A CG  1 
ATOM   90   O OD1 . ASN A 1 58  ? 10.908  3.944   -7.606  1.00 38.25 ? 42  ASN A OD1 1 
ATOM   91   N ND2 . ASN A 1 58  ? 9.669   2.061   -7.527  1.00 39.42 ? 42  ASN A ND2 1 
ATOM   92   N N   . TYR A 1 59  ? 6.922   6.413   -5.262  1.00 35.70 ? 43  TYR A N   1 
ATOM   93   C CA  . TYR A 1 59  ? 5.640   7.057   -4.973  1.00 35.48 ? 43  TYR A CA  1 
ATOM   94   C C   . TYR A 1 59  ? 5.623   8.504   -5.458  1.00 35.02 ? 43  TYR A C   1 
ATOM   95   O O   . TYR A 1 59  ? 4.687   8.935   -6.133  1.00 35.21 ? 43  TYR A O   1 
ATOM   96   C CB  . TYR A 1 59  ? 5.391   7.018   -3.466  1.00 35.44 ? 43  TYR A CB  1 
ATOM   97   C CG  . TYR A 1 59  ? 4.128   7.665   -3.001  1.00 35.05 ? 43  TYR A CG  1 
ATOM   98   C CD1 . TYR A 1 59  ? 3.012   6.896   -2.752  1.00 36.25 ? 43  TYR A CD1 1 
ATOM   99   C CD2 . TYR A 1 59  ? 4.081   9.033   -2.810  1.00 34.87 ? 43  TYR A CD2 1 
ATOM   100  C CE1 . TYR A 1 59  ? 1.855   7.496   -2.300  1.00 36.63 ? 43  TYR A CE1 1 
ATOM   101  C CE2 . TYR A 1 59  ? 2.928   9.627   -2.372  1.00 34.88 ? 43  TYR A CE2 1 
ATOM   102  C CZ  . TYR A 1 59  ? 1.822   8.869   -2.109  1.00 35.76 ? 43  TYR A CZ  1 
ATOM   103  O OH  . TYR A 1 59  ? 0.677   9.478   -1.654  1.00 35.84 ? 43  TYR A OH  1 
ATOM   104  N N   . SER A 1 60  ? 6.671   9.248   -5.107  1.00 34.90 ? 44  SER A N   1 
ATOM   105  C CA  . SER A 1 60  ? 6.774   10.668  -5.431  1.00 34.12 ? 44  SER A CA  1 
ATOM   106  C C   . SER A 1 60  ? 6.837   10.985  -6.932  1.00 33.54 ? 44  SER A C   1 
ATOM   107  O O   . SER A 1 60  ? 6.176   11.927  -7.383  1.00 33.02 ? 44  SER A O   1 
ATOM   108  C CB  . SER A 1 60  ? 8.006   11.244  -4.752  1.00 33.60 ? 44  SER A CB  1 
ATOM   109  N N   . ILE A 1 61  ? 7.596   10.190  -7.713  1.00 34.12 ? 45  ILE A N   1 
ATOM   110  C CA  . ILE A 1 61  ? 7.738   10.397  -9.158  1.00 34.35 ? 45  ILE A CA  1 
ATOM   111  C C   . ILE A 1 61  ? 6.535   9.797   -9.894  1.00 34.57 ? 45  ILE A C   1 
ATOM   112  O O   . ILE A 1 61  ? 6.107   10.304  -10.935 1.00 34.21 ? 45  ILE A O   1 
ATOM   113  C CB  . ILE A 1 61  ? 9.098   9.807   -9.691  1.00 34.57 ? 45  ILE A CB  1 
ATOM   114  N N   . LEU A 1 63  ? 6.664   14.168  -9.449  1.00 30.32 ? 47  LEU A N   1 
ATOM   115  C CA  . LEU A 1 63  ? 6.913   15.541  -9.029  1.00 28.15 ? 47  LEU A CA  1 
ATOM   116  C C   . LEU A 1 63  ? 7.470   16.393  -10.201 1.00 27.92 ? 47  LEU A C   1 
ATOM   117  O O   . LEU A 1 63  ? 8.088   15.838  -11.115 1.00 28.07 ? 47  LEU A O   1 
ATOM   118  C CB  . LEU A 1 63  ? 7.948   15.595  -7.864  1.00 28.54 ? 47  LEU A CB  1 
ATOM   119  N N   . PRO A 1 64  ? 7.270   17.749  -10.204 1.00 26.86 ? 48  PRO A N   1 
ATOM   120  C CA  . PRO A 1 64  ? 7.872   18.716  -11.115 1.00 25.84 ? 48  PRO A CA  1 
ATOM   121  C C   . PRO A 1 64  ? 9.353   18.905  -10.769 1.00 27.09 ? 48  PRO A C   1 
ATOM   122  O O   . PRO A 1 64  ? 9.765   18.515  -9.678  1.00 27.65 ? 48  PRO A O   1 
ATOM   123  C CB  . PRO A 1 64  ? 7.044   19.975  -10.862 1.00 26.30 ? 48  PRO A CB  1 
ATOM   124  C CG  . PRO A 1 64  ? 6.573   19.849  -9.446  1.00 27.31 ? 48  PRO A CG  1 
ATOM   125  C CD  . PRO A 1 64  ? 6.313   18.387  -9.244  1.00 27.27 ? 48  PRO A CD  1 
ATOM   126  N N   . PRO A 1 65  ? 10.148  19.529  -11.653 1.00 26.56 ? 49  PRO A N   1 
ATOM   127  C CA  . PRO A 1 65  ? 11.576  19.822  -11.523 1.00 26.11 ? 49  PRO A CA  1 
ATOM   128  C C   . PRO A 1 65  ? 12.019  20.570  -10.260 1.00 26.39 ? 49  PRO A C   1 
ATOM   129  O O   . PRO A 1 65  ? 13.184  20.485  -9.886  1.00 27.28 ? 49  PRO A O   1 
ATOM   130  C CB  . PRO A 1 65  ? 11.834  20.693  -12.755 1.00 26.05 ? 49  PRO A CB  1 
ATOM   131  C CG  . PRO A 1 65  ? 10.805  20.255  -13.758 1.00 26.47 ? 49  PRO A CG  1 
ATOM   132  C CD  . PRO A 1 65  ? 9.579   19.942  -12.950 1.00 26.35 ? 49  PRO A CD  1 
ATOM   133  N N   . ASN A 1 66  ? 11.127  21.321  -9.621  1.00 26.30 ? 50  ASN A N   1 
ATOM   134  C CA  . ASN A 1 66  ? 11.503  22.068  -8.419  1.00 26.17 ? 50  ASN A CA  1 
ATOM   135  C C   . ASN A 1 66  ? 10.504  21.868  -7.299  1.00 26.57 ? 50  ASN A C   1 
ATOM   136  O O   . ASN A 1 66  ? 9.771   22.789  -6.934  1.00 26.97 ? 50  ASN A O   1 
ATOM   137  C CB  . ASN A 1 66  ? 11.641  23.549  -8.709  1.00 25.54 ? 50  ASN A CB  1 
ATOM   138  C CG  . ASN A 1 66  ? 12.761  23.866  -9.616  1.00 25.78 ? 50  ASN A CG  1 
ATOM   139  O OD1 . ASN A 1 66  ? 13.915  23.909  -9.184  1.00 26.78 ? 50  ASN A OD1 1 
ATOM   140  N ND2 . ASN A 1 66  ? 12.463  24.100  -10.862 1.00 25.91 ? 50  ASN A ND2 1 
ATOM   141  N N   . SER A 1 67  ? 10.461  20.660  -6.759  1.00 26.60 ? 51  SER A N   1 
ATOM   142  C CA  . SER A 1 67  ? 9.503   20.324  -5.721  1.00 26.59 ? 51  SER A CA  1 
ATOM   143  C C   . SER A 1 67  ? 10.112  20.237  -4.329  1.00 27.82 ? 51  SER A C   1 
ATOM   144  O O   . SER A 1 67  ? 11.168  19.635  -4.130  1.00 27.41 ? 51  SER A O   1 
ATOM   145  C CB  . SER A 1 67  ? 8.844   19.008  -6.045  1.00 27.21 ? 51  SER A CB  1 
ATOM   146  N N   . ASP A 1 68  ? 9.406   20.817  -3.358  1.00 28.03 ? 52  ASP A N   1 
ATOM   147  C CA  . ASP A 1 68  ? 9.722   20.704  -1.934  1.00 27.66 ? 52  ASP A CA  1 
ATOM   148  C C   . ASP A 1 68  ? 8.403   20.633  -1.189  1.00 27.27 ? 52  ASP A C   1 
ATOM   149  O O   . ASP A 1 68  ? 7.766   21.656  -0.926  1.00 27.63 ? 52  ASP A O   1 
ATOM   150  C CB  . ASP A 1 68  ? 10.560  21.874  -1.420  1.00 27.90 ? 52  ASP A CB  1 
ATOM   151  N N   . VAL A 1 69  ? 7.954   19.415  -0.948  1.00 27.48 ? 53  VAL A N   1 
ATOM   152  C CA  . VAL A 1 69  ? 6.621   19.177  -0.425  1.00 26.86 ? 53  VAL A CA  1 
ATOM   153  C C   . VAL A 1 69  ? 6.576   18.075  0.613   1.00 28.22 ? 53  VAL A C   1 
ATOM   154  O O   . VAL A 1 69  ? 7.322   17.100  0.535   1.00 28.61 ? 53  VAL A O   1 
ATOM   155  C CB  . VAL A 1 69  ? 5.685   18.850  -1.603  1.00 27.99 ? 53  VAL A CB  1 
ATOM   156  N N   . VAL A 1 70  ? 5.677   18.215  1.572   1.00 28.32 ? 54  VAL A N   1 
ATOM   157  C CA  . VAL A 1 70  ? 5.453   17.147  2.523   1.00 28.70 ? 54  VAL A CA  1 
ATOM   158  C C   . VAL A 1 70  ? 4.310   16.270  2.059   1.00 29.31 ? 54  VAL A C   1 
ATOM   159  O O   . VAL A 1 70  ? 3.224   16.753  1.748   1.00 29.96 ? 54  VAL A O   1 
ATOM   160  C CB  . VAL A 1 70  ? 5.147   17.698  3.916   1.00 28.83 ? 54  VAL A CB  1 
ATOM   161  C CG1 . VAL A 1 70  ? 4.844   16.565  4.877   1.00 30.57 ? 54  VAL A CG1 1 
ATOM   162  C CG2 . VAL A 1 70  ? 6.319   18.466  4.405   1.00 29.28 ? 54  VAL A CG2 1 
ATOM   163  N N   . LEU A 1 71  ? 4.565   14.981  2.003   1.00 29.89 ? 55  LEU A N   1 
ATOM   164  C CA  . LEU A 1 71  ? 3.575   14.019  1.582   1.00 30.47 ? 55  LEU A CA  1 
ATOM   165  C C   . LEU A 1 71  ? 3.031   13.284  2.791   1.00 31.99 ? 55  LEU A C   1 
ATOM   166  O O   . LEU A 1 71  ? 3.777   12.621  3.513   1.00 32.16 ? 55  LEU A O   1 
ATOM   167  C CB  . LEU A 1 71  ? 4.209   13.022  0.612   1.00 30.39 ? 55  LEU A CB  1 
ATOM   168  C CG  . LEU A 1 71  ? 4.939   13.628  -0.596  1.00 29.76 ? 55  LEU A CG  1 
ATOM   169  C CD1 . LEU A 1 71  ? 5.580   12.514  -1.393  1.00 31.18 ? 55  LEU A CD1 1 
ATOM   170  C CD2 . LEU A 1 71  ? 3.970   14.408  -1.456  1.00 30.01 ? 55  LEU A CD2 1 
ATOM   171  N N   . GLY A 1 72  ? 1.737   13.424  3.037   1.00 32.38 ? 56  GLY A N   1 
ATOM   172  C CA  . GLY A 1 72  ? 1.108   12.771  4.178   1.00 33.08 ? 56  GLY A CA  1 
ATOM   173  C C   . GLY A 1 72  ? 0.156   11.699  3.692   1.00 33.80 ? 56  GLY A C   1 
ATOM   174  O O   . GLY A 1 72  ? -0.833  12.004  3.027   1.00 34.65 ? 56  GLY A O   1 
ATOM   175  N N   . ASP A 1 73  ? 0.477   10.450  3.988   1.00 34.74 ? 57  ASP A N   1 
ATOM   176  C CA  . ASP A 1 73  ? -0.329  9.332   3.516   1.00 35.61 ? 57  ASP A CA  1 
ATOM   177  C C   . ASP A 1 73  ? -0.155  8.109   4.401   1.00 36.88 ? 57  ASP A C   1 
ATOM   178  O O   . ASP A 1 73  ? 0.653   8.105   5.335   1.00 34.82 ? 57  ASP A O   1 
ATOM   179  C CB  . ASP A 1 73  ? 0.038   8.980   2.062   1.00 36.01 ? 57  ASP A CB  1 
ATOM   180  C CG  . ASP A 1 73  ? -1.087  8.279   1.286   1.00 37.47 ? 57  ASP A CG  1 
ATOM   181  O OD1 . ASP A 1 73  ? -2.087  7.977   1.894   1.00 38.43 ? 57  ASP A OD1 1 
ATOM   182  O OD2 . ASP A 1 73  ? -0.938  8.020   0.108   1.00 37.20 ? 57  ASP A OD2 1 
ATOM   183  N N   . TYR A 1 74  ? -0.866  7.043   4.067   1.00 36.77 ? 58  TYR A N   1 
ATOM   184  C CA  . TYR A 1 74  ? -0.734  5.786   4.781   1.00 37.14 ? 58  TYR A CA  1 
ATOM   185  C C   . TYR A 1 74  ? 0.457   5.018   4.238   1.00 37.86 ? 58  TYR A C   1 
ATOM   186  O O   . TYR A 1 74  ? 0.324   3.965   3.616   1.00 38.42 ? 58  TYR A O   1 
ATOM   187  C CB  . TYR A 1 74  ? -2.019  4.984   4.660   1.00 38.15 ? 58  TYR A CB  1 
ATOM   188  C CG  . TYR A 1 74  ? -3.164  5.687   5.301   1.00 38.20 ? 58  TYR A CG  1 
ATOM   189  C CD1 . TYR A 1 74  ? -4.134  6.280   4.522   1.00 38.59 ? 58  TYR A CD1 1 
ATOM   190  C CD2 . TYR A 1 74  ? -3.234  5.769   6.668   1.00 38.29 ? 58  TYR A CD2 1 
ATOM   191  C CE1 . TYR A 1 74  ? -5.178  6.944   5.118   1.00 39.04 ? 58  TYR A CE1 1 
ATOM   192  C CE2 . TYR A 1 74  ? -4.271  6.435   7.260   1.00 38.51 ? 58  TYR A CE2 1 
ATOM   193  C CZ  . TYR A 1 74  ? -5.240  7.019   6.494   1.00 38.75 ? 58  TYR A CZ  1 
ATOM   194  O OH  . TYR A 1 74  ? -6.277  7.686   7.095   1.00 39.20 ? 58  TYR A OH  1 
ATOM   195  N N   . PHE A 1 75  ? 1.625   5.585   4.488   1.00 36.97 ? 59  PHE A N   1 
ATOM   196  C CA  . PHE A 1 75  ? 2.899   5.071   4.038   1.00 37.25 ? 59  PHE A CA  1 
ATOM   197  C C   . PHE A 1 75  ? 3.351   3.944   4.941   1.00 38.05 ? 59  PHE A C   1 
ATOM   198  O O   . PHE A 1 75  ? 3.015   3.948   6.123   1.00 38.57 ? 59  PHE A O   1 
ATOM   199  C CB  . PHE A 1 75  ? 3.965   6.161   4.087   1.00 36.64 ? 59  PHE A CB  1 
ATOM   200  C CG  . PHE A 1 75  ? 3.851   7.204   3.056   1.00 36.02 ? 59  PHE A CG  1 
ATOM   201  C CD1 . PHE A 1 75  ? 3.548   8.495   3.393   1.00 35.35 ? 59  PHE A CD1 1 
ATOM   202  C CD2 . PHE A 1 75  ? 4.059   6.900   1.744   1.00 35.99 ? 59  PHE A CD2 1 
ATOM   203  C CE1 . PHE A 1 75  ? 3.463   9.465   2.428   1.00 34.95 ? 59  PHE A CE1 1 
ATOM   204  C CE2 . PHE A 1 75  ? 3.974   7.860   0.780   1.00 35.77 ? 59  PHE A CE2 1 
ATOM   205  C CZ  . PHE A 1 75  ? 3.677   9.148   1.123   1.00 34.84 ? 59  PHE A CZ  1 
ATOM   206  N N   . PRO A 1 76  ? 4.160   3.013   4.440   1.00 37.96 ? 60  PRO A N   1 
ATOM   207  C CA  . PRO A 1 76  ? 4.765   1.947   5.195   1.00 38.50 ? 60  PRO A CA  1 
ATOM   208  C C   . PRO A 1 76  ? 5.512   2.529   6.380   1.00 38.90 ? 60  PRO A C   1 
ATOM   209  O O   . PRO A 1 76  ? 6.216   3.530   6.246   1.00 38.44 ? 60  PRO A O   1 
ATOM   210  C CB  . PRO A 1 76  ? 5.738   1.352   4.181   1.00 39.03 ? 60  PRO A CB  1 
ATOM   211  C CG  . PRO A 1 76  ? 5.130   1.660   2.846   1.00 39.00 ? 60  PRO A CG  1 
ATOM   212  C CD  . PRO A 1 76  ? 4.493   3.004   3.010   1.00 38.34 ? 60  PRO A CD  1 
ATOM   213  N N   . THR A 1 77  ? 5.378   1.880   7.526   1.00 39.60 ? 61  THR A N   1 
ATOM   214  C CA  . THR A 1 77  ? 6.024   2.316   8.752   1.00 39.83 ? 61  THR A CA  1 
ATOM   215  C C   . THR A 1 77  ? 7.143   1.389   9.160   1.00 40.67 ? 61  THR A C   1 
ATOM   216  O O   . THR A 1 77  ? 7.388   0.363   8.521   1.00 40.81 ? 61  THR A O   1 
ATOM   217  C CB  . THR A 1 77  ? 5.014   2.426   9.903   1.00 39.77 ? 61  THR A CB  1 
ATOM   218  N N   . VAL A 1 78  ? 7.831   1.763   10.227  1.00 40.27 ? 62  VAL A N   1 
ATOM   219  C CA  . VAL A 1 78  ? 8.911   0.938   10.727  1.00 40.37 ? 62  VAL A CA  1 
ATOM   220  C C   . VAL A 1 78  ? 8.683   0.456   12.146  1.00 41.16 ? 62  VAL A C   1 
ATOM   221  O O   . VAL A 1 78  ? 9.461   -0.354  12.647  1.00 41.59 ? 62  VAL A O   1 
ATOM   222  C CB  . VAL A 1 78  ? 10.250  1.690   10.649  1.00 40.18 ? 62  VAL A CB  1 
ATOM   223  C CG1 . VAL A 1 78  ? 10.559  2.015   9.204   1.00 39.55 ? 62  VAL A CG1 1 
ATOM   224  C CG2 . VAL A 1 78  ? 10.196  2.967   11.488  1.00 39.49 ? 62  VAL A CG2 1 
ATOM   225  N N   . GLN A 1 79  ? 7.655   0.966   12.820  1.00 41.23 ? 63  GLN A N   1 
ATOM   226  C CA  . GLN A 1 79  ? 7.481   0.564   14.209  1.00 41.71 ? 63  GLN A CA  1 
ATOM   227  C C   . GLN A 1 79  ? 6.946   -0.879  14.379  1.00 42.32 ? 63  GLN A C   1 
ATOM   228  O O   . GLN A 1 79  ? 7.677   -1.711  14.911  1.00 42.68 ? 63  GLN A O   1 
ATOM   229  C CB  . GLN A 1 79  ? 6.691   1.624   14.992  1.00 41.88 ? 63  GLN A CB  1 
ATOM   230  N N   . PRO A 1 80  ? 5.695   -1.216  14.008  1.00 41.80 ? 64  PRO A N   1 
ATOM   231  C CA  . PRO A 1 80  ? 5.200   -2.578  13.977  1.00 41.32 ? 64  PRO A CA  1 
ATOM   232  C C   . PRO A 1 80  ? 5.674   -3.329  12.749  1.00 41.57 ? 64  PRO A C   1 
ATOM   233  O O   . PRO A 1 80  ? 5.683   -2.776  11.658  1.00 41.82 ? 64  PRO A O   1 
ATOM   234  C CB  . PRO A 1 80  ? 3.690   -2.374  13.921  1.00 42.05 ? 64  PRO A CB  1 
ATOM   235  C CG  . PRO A 1 80  ? 3.526   -1.061  13.201  1.00 42.25 ? 64  PRO A CG  1 
ATOM   236  C CD  . PRO A 1 80  ? 4.696   -0.216  13.667  1.00 41.95 ? 64  PRO A CD  1 
ATOM   237  N N   . TRP A 1 81  ? 5.951   -4.611  12.930  1.00 42.68 ? 65  TRP A N   1 
ATOM   238  C CA  . TRP A 1 81  ? 6.201   -5.582  11.862  1.00 43.14 ? 65  TRP A CA  1 
ATOM   239  C C   . TRP A 1 81  ? 5.840   -6.953  12.428  1.00 43.94 ? 65  TRP A C   1 
ATOM   240  O O   . TRP A 1 81  ? 6.174   -7.266  13.570  1.00 44.49 ? 65  TRP A O   1 
ATOM   241  C CB  . TRP A 1 81  ? 7.647   -5.532  11.356  1.00 42.82 ? 65  TRP A CB  1 
ATOM   242  C CG  . TRP A 1 81  ? 7.900   -4.468  10.280  1.00 42.63 ? 65  TRP A CG  1 
ATOM   243  C CD1 . TRP A 1 81  ? 8.210   -3.148  10.432  1.00 42.35 ? 65  TRP A CD1 1 
ATOM   244  C CD2 . TRP A 1 81  ? 7.862   -4.702  8.853   1.00 42.51 ? 65  TRP A CD2 1 
ATOM   245  N NE1 . TRP A 1 81  ? 8.358   -2.555  9.190   1.00 42.09 ? 65  TRP A NE1 1 
ATOM   246  C CE2 . TRP A 1 81  ? 8.159   -3.493  8.226   1.00 41.89 ? 65  TRP A CE2 1 
ATOM   247  C CE3 . TRP A 1 81  ? 7.597   -5.813  8.082   1.00 43.04 ? 65  TRP A CE3 1 
ATOM   248  C CZ2 . TRP A 1 81  ? 8.219   -3.380  6.847   1.00 41.45 ? 65  TRP A CZ2 1 
ATOM   249  C CZ3 . TRP A 1 81  ? 7.653   -5.707  6.695   1.00 42.91 ? 65  TRP A CZ3 1 
ATOM   250  C CH2 . TRP A 1 81  ? 7.957   -4.521  6.095   1.00 41.96 ? 65  TRP A CH2 1 
ATOM   251  N N   . PHE A 1 82  ? 5.140   -7.761  11.649  1.00 44.06 ? 66  PHE A N   1 
ATOM   252  C CA  . PHE A 1 82  ? 4.672   -9.049  12.144  1.00 44.65 ? 66  PHE A CA  1 
ATOM   253  C C   . PHE A 1 82  ? 5.010   -10.221 11.235  1.00 45.70 ? 66  PHE A C   1 
ATOM   254  O O   . PHE A 1 82  ? 4.920   -10.131 10.011  1.00 44.77 ? 66  PHE A O   1 
ATOM   255  C CB  . PHE A 1 82  ? 3.168   -9.000  12.413  1.00 44.91 ? 66  PHE A CB  1 
ATOM   256  C CG  . PHE A 1 82  ? 2.790   -8.057  13.487  1.00 45.72 ? 66  PHE A CG  1 
ATOM   257  C CD1 . PHE A 1 82  ? 2.863   -8.431  14.816  1.00 46.48 ? 66  PHE A CD1 1 
ATOM   258  C CD2 . PHE A 1 82  ? 2.352   -6.787  13.176  1.00 46.10 ? 66  PHE A CD2 1 
ATOM   259  C CE1 . PHE A 1 82  ? 2.504   -7.556  15.812  1.00 46.71 ? 66  PHE A CE1 1 
ATOM   260  C CE2 . PHE A 1 82  ? 1.995   -5.914  14.166  1.00 47.29 ? 66  PHE A CE2 1 
ATOM   261  C CZ  . PHE A 1 82  ? 2.074   -6.298  15.491  1.00 47.08 ? 66  PHE A CZ  1 
ATOM   262  N N   . ASN A 1 83  ? 5.382   -11.333 11.854  1.00 45.57 ? 67  ASN A N   1 
ATOM   263  C CA  . ASN A 1 83  ? 5.629   -12.588 11.153  1.00 45.92 ? 67  ASN A CA  1 
ATOM   264  C C   . ASN A 1 83  ? 5.155   -13.720 12.068  1.00 46.59 ? 67  ASN A C   1 
ATOM   265  O O   . ASN A 1 83  ? 5.755   -13.948 13.121  1.00 46.76 ? 67  ASN A O   1 
ATOM   266  C CB  . ASN A 1 83  ? 7.094   -12.745 10.820  1.00 45.58 ? 67  ASN A CB  1 
ATOM   267  N N   . CYS A 1 84  ? 4.054   -14.390 11.690  1.00 46.65 ? 68  CYS A N   1 
ATOM   268  C CA  . CYS A 1 84  ? 3.397   -15.424 12.495  1.00 47.07 ? 68  CYS A CA  1 
ATOM   269  C C   . CYS A 1 84  ? 4.364   -16.581 12.800  1.00 47.52 ? 68  CYS A C   1 
ATOM   270  O O   . CYS A 1 84  ? 4.025   -17.527 13.517  1.00 47.90 ? 68  CYS A O   1 
ATOM   271  C CB  . CYS A 1 84  ? 2.140   -15.952 11.762  1.00 47.68 ? 68  CYS A CB  1 
ATOM   272  N N   . LEU A 1 92  ? -7.743  -20.727 11.963  1.00 52.19 ? 76  LEU A N   1 
ATOM   273  C CA  . LEU A 1 92  ? -6.312  -20.635 12.250  1.00 52.26 ? 76  LEU A CA  1 
ATOM   274  C C   . LEU A 1 92  ? -5.529  -19.712 11.289  1.00 51.89 ? 76  LEU A C   1 
ATOM   275  O O   . LEU A 1 92  ? -4.528  -20.115 10.686  1.00 51.67 ? 76  LEU A O   1 
ATOM   276  C CB  . LEU A 1 92  ? -5.649  -22.045 12.142  1.00 52.66 ? 76  LEU A CB  1 
ATOM   277  C CG  . LEU A 1 92  ? -6.190  -23.207 13.124  1.00 53.03 ? 76  LEU A CG  1 
ATOM   278  C CD1 . LEU A 1 92  ? -5.457  -24.544 12.790  1.00 53.20 ? 76  LEU A CD1 1 
ATOM   279  C CD2 . LEU A 1 92  ? -5.963  -22.812 14.626  1.00 53.13 ? 76  LEU A CD2 1 
ATOM   280  N N   . TYR A 1 93  ? -6.001  -18.461 11.167  1.00 51.28 ? 77  TYR A N   1 
ATOM   281  C CA  . TYR A 1 93  ? -5.395  -17.393 10.370  1.00 50.55 ? 77  TYR A CA  1 
ATOM   282  C C   . TYR A 1 93  ? -5.291  -16.132 11.188  1.00 50.27 ? 77  TYR A C   1 
ATOM   283  O O   . TYR A 1 93  ? -5.965  -16.009 12.214  1.00 50.32 ? 77  TYR A O   1 
ATOM   284  C CB  . TYR A 1 93  ? -6.154  -17.174 9.068   1.00 50.64 ? 77  TYR A CB  1 
ATOM   285  C CG  . TYR A 1 93  ? -7.567  -16.722 9.289   1.00 51.62 ? 77  TYR A CG  1 
ATOM   286  C CD1 . TYR A 1 93  ? -7.861  -15.375 9.393   1.00 52.06 ? 77  TYR A CD1 1 
ATOM   287  C CD2 . TYR A 1 93  ? -8.573  -17.658 9.397   1.00 51.63 ? 77  TYR A CD2 1 
ATOM   288  C CE1 . TYR A 1 93  ? -9.164  -14.970 9.611   1.00 52.34 ? 77  TYR A CE1 1 
ATOM   289  C CE2 . TYR A 1 93  ? -9.874  -17.257 9.612   1.00 51.72 ? 77  TYR A CE2 1 
ATOM   290  C CZ  . TYR A 1 93  ? -10.172 -15.918 9.721   1.00 52.55 ? 77  TYR A CZ  1 
ATOM   291  O OH  . TYR A 1 93  ? -11.469 -15.518 9.937   1.00 52.60 ? 77  TYR A OH  1 
ATOM   292  N N   . VAL A 1 94  ? -4.422  -15.218 10.779  1.00 49.70 ? 78  VAL A N   1 
ATOM   293  C CA  . VAL A 1 94  ? -4.232  -13.972 11.499  1.00 49.06 ? 78  VAL A CA  1 
ATOM   294  C C   . VAL A 1 94  ? -5.197  -12.860 11.143  1.00 48.97 ? 78  VAL A C   1 
ATOM   295  O O   . VAL A 1 94  ? -5.394  -12.552 9.969   1.00 48.68 ? 78  VAL A O   1 
ATOM   296  C CB  . VAL A 1 94  ? -2.796  -13.545 11.153  1.00 48.72 ? 78  VAL A CB  1 
ATOM   297  N N   . THR A 1 95  ? -5.800  -12.245 12.154  1.00 48.67 ? 79  THR A N   1 
ATOM   298  C CA  . THR A 1 95  ? -6.751  -11.175 11.895  1.00 48.31 ? 79  THR A CA  1 
ATOM   299  C C   . THR A 1 95  ? -6.260  -9.943  12.639  1.00 48.36 ? 79  THR A C   1 
ATOM   300  O O   . THR A 1 95  ? -5.926  -10.005 13.823  1.00 48.29 ? 79  THR A O   1 
ATOM   301  C CB  . THR A 1 95  ? -8.153  -11.518 12.435  1.00 48.38 ? 79  THR A CB  1 
ATOM   302  O OG1 . THR A 1 95  ? -8.620  -12.722 11.817  1.00 48.78 ? 79  THR A OG1 1 
ATOM   303  C CG2 . THR A 1 95  ? -9.131  -10.388 12.099  1.00 48.05 ? 79  THR A CG2 1 
ATOM   304  N N   . MET A 1 96  ? -6.275  -8.818  11.908  1.00 47.93 ? 80  MET A N   1 
ATOM   305  C CA  . MET A 1 96  ? -5.924  -7.519  12.528  1.00 47.41 ? 80  MET A CA  1 
ATOM   306  C C   . MET A 1 96  ? -7.009  -6.533  12.123  1.00 46.95 ? 80  MET A C   1 
ATOM   307  O O   . MET A 1 96  ? -7.600  -6.702  11.046  1.00 46.81 ? 80  MET A O   1 
ATOM   308  C CB  . MET A 1 96  ? -4.554  -7.005  12.099  1.00 46.97 ? 80  MET A CB  1 
ATOM   309  C CG  . MET A 1 96  ? -3.488  -8.066  12.102  1.00 47.58 ? 80  MET A CG  1 
ATOM   310  S SD  . MET A 1 96  ? -3.109  -8.570  13.783  1.00 47.09 ? 80  MET A SD  1 
ATOM   311  C CE  . MET A 1 96  ? -1.853  -9.810  13.478  1.00 46.78 ? 80  MET A CE  1 
ATOM   312  N N   . GLU A 1 97  ? -7.268  -5.570  12.993  1.00 46.84 ? 81  GLU A N   1 
ATOM   313  C CA  . GLU A 1 97  ? -8.373  -4.655  12.759  1.00 46.52 ? 81  GLU A CA  1 
ATOM   314  C C   . GLU A 1 97  ? -7.951  -3.203  12.588  1.00 45.86 ? 81  GLU A C   1 
ATOM   315  O O   . GLU A 1 97  ? -6.862  -2.807  12.999  1.00 45.55 ? 81  GLU A O   1 
ATOM   316  C CB  . GLU A 1 97  ? -9.258  -4.794  13.997  1.00 46.83 ? 81  GLU A CB  1 
ATOM   317  N N   . ASN A 1 98  ? -8.858  -2.425  12.005  1.00 45.60 ? 82  ASN A N   1 
ATOM   318  C CA  . ASN A 1 98  ? -8.726  -0.989  11.783  1.00 45.15 ? 82  ASN A CA  1 
ATOM   319  C C   . ASN A 1 98  ? -7.533  -0.589  10.924  1.00 44.64 ? 82  ASN A C   1 
ATOM   320  O O   . ASN A 1 98  ? -6.918  0.452   11.153  1.00 43.66 ? 82  ASN A O   1 
ATOM   321  C CB  . ASN A 1 98  ? -8.668  -0.270  13.111  1.00 45.31 ? 82  ASN A CB  1 
ATOM   322  N N   . LEU A 1 99  ? -7.231  -1.377  9.898   1.00 44.11 ? 83  LEU A N   1 
ATOM   323  C CA  . LEU A 1 99  ? -6.136  -1.019  9.010   1.00 42.96 ? 83  LEU A CA  1 
ATOM   324  C C   . LEU A 1 99  ? -6.600  -0.089  7.909   1.00 42.87 ? 83  LEU A C   1 
ATOM   325  O O   . LEU A 1 99  ? -7.735  -0.181  7.439   1.00 43.36 ? 83  LEU A O   1 
ATOM   326  C CB  . LEU A 1 99  ? -5.503  -2.262  8.374   1.00 42.88 ? 83  LEU A CB  1 
ATOM   327  C CG  . LEU A 1 99  ? -4.901  -3.299  9.332   1.00 44.05 ? 83  LEU A CG  1 
ATOM   328  C CD1 . LEU A 1 99  ? -4.251  -4.400  8.513   1.00 44.88 ? 83  LEU A CD1 1 
ATOM   329  C CD2 . LEU A 1 99  ? -3.903  -2.642  10.244  1.00 43.32 ? 83  LEU A CD2 1 
ATOM   330  N N   . LYS A 1 100 ? -5.698  0.789   7.479   1.00 42.14 ? 84  LYS A N   1 
ATOM   331  C CA  . LYS A 1 100 ? -5.952  1.701   6.372   1.00 41.53 ? 84  LYS A CA  1 
ATOM   332  C C   . LYS A 1 100 ? -5.186  1.236   5.140   1.00 41.92 ? 84  LYS A C   1 
ATOM   333  O O   . LYS A 1 100 ? -5.579  1.501   3.999   1.00 42.48 ? 84  LYS A O   1 
ATOM   334  C CB  . LYS A 1 100 ? -5.534  3.108   6.777   1.00 40.79 ? 84  LYS A CB  1 
ATOM   335  N N   . ALA A 1 101 ? -4.077  0.550   5.396   1.00 41.58 ? 85  ALA A N   1 
ATOM   336  C CA  . ALA A 1 101 ? -3.233  -0.011  4.353   1.00 41.45 ? 85  ALA A CA  1 
ATOM   337  C C   . ALA A 1 101 ? -2.448  -1.186  4.922   1.00 41.43 ? 85  ALA A C   1 
ATOM   338  O O   . ALA A 1 101 ? -2.259  -1.289  6.138   1.00 41.90 ? 85  ALA A O   1 
ATOM   339  C CB  . ALA A 1 101 ? -2.299  1.046   3.779   1.00 41.15 ? 85  ALA A CB  1 
ATOM   340  N N   . LEU A 1 102 ? -1.998  -2.077  4.050   1.00 41.25 ? 86  LEU A N   1 
ATOM   341  C CA  . LEU A 1 102 ? -1.152  -3.183  4.481   1.00 41.42 ? 86  LEU A CA  1 
ATOM   342  C C   . LEU A 1 102 ? -0.049  -3.477  3.478   1.00 42.07 ? 86  LEU A C   1 
ATOM   343  O O   . LEU A 1 102 ? -0.306  -3.722  2.298   1.00 41.39 ? 86  LEU A O   1 
ATOM   344  C CB  . LEU A 1 102 ? -1.990  -4.446  4.721   1.00 41.80 ? 86  LEU A CB  1 
ATOM   345  C CG  . LEU A 1 102 ? -1.198  -5.726  5.116   1.00 42.02 ? 86  LEU A CG  1 
ATOM   346  C CD1 . LEU A 1 102 ? -0.519  -5.526  6.462   1.00 42.76 ? 86  LEU A CD1 1 
ATOM   347  C CD2 . LEU A 1 102 ? -2.145  -6.898  5.181   1.00 43.31 ? 86  LEU A CD2 1 
ATOM   348  N N   . TYR A 1 103 ? 1.185   -3.487  3.965   1.00 41.56 ? 87  TYR A N   1 
ATOM   349  C CA  . TYR A 1 103 ? 2.342   -3.755  3.126   1.00 41.63 ? 87  TYR A CA  1 
ATOM   350  C C   . TYR A 1 103 ? 3.069   -5.006  3.583   1.00 42.44 ? 87  TYR A C   1 
ATOM   351  O O   . TYR A 1 103 ? 2.930   -5.425  4.727   1.00 42.08 ? 87  TYR A O   1 
ATOM   352  C CB  . TYR A 1 103 ? 3.289   -2.560  3.142   1.00 40.71 ? 87  TYR A CB  1 
ATOM   353  C CG  . TYR A 1 103 ? 2.687   -1.302  2.604   1.00 40.16 ? 87  TYR A CG  1 
ATOM   354  C CD1 . TYR A 1 103 ? 2.026   -0.442  3.457   1.00 39.68 ? 87  TYR A CD1 1 
ATOM   355  C CD2 . TYR A 1 103 ? 2.796   -0.996  1.262   1.00 40.41 ? 87  TYR A CD2 1 
ATOM   356  C CE1 . TYR A 1 103 ? 1.478   0.718   2.970   1.00 39.75 ? 87  TYR A CE1 1 
ATOM   357  C CE2 . TYR A 1 103 ? 2.243   0.161   0.778   1.00 40.35 ? 87  TYR A CE2 1 
ATOM   358  C CZ  . TYR A 1 103 ? 1.588   1.018   1.630   1.00 39.61 ? 87  TYR A CZ  1 
ATOM   359  O OH  . TYR A 1 103 ? 1.038   2.180   1.151   1.00 39.86 ? 87  TYR A OH  1 
ATOM   360  N N   . TRP A 1 104 ? 3.822   -5.619  2.684   1.00 41.67 ? 88  TRP A N   1 
ATOM   361  C CA  . TRP A 1 104 ? 4.616   -6.794  3.014   1.00 42.21 ? 88  TRP A CA  1 
ATOM   362  C C   . TRP A 1 104 ? 5.817   -6.953  2.080   1.00 42.12 ? 88  TRP A C   1 
ATOM   363  O O   . TRP A 1 104 ? 5.825   -6.422  0.965   1.00 42.19 ? 88  TRP A O   1 
ATOM   364  C CB  . TRP A 1 104 ? 3.747   -8.052  2.951   1.00 42.94 ? 88  TRP A CB  1 
ATOM   365  C CG  . TRP A 1 104 ? 3.086   -8.287  1.628   1.00 42.57 ? 88  TRP A CG  1 
ATOM   366  C CD1 . TRP A 1 104 ? 3.599   -8.963  0.573   1.00 42.81 ? 88  TRP A CD1 1 
ATOM   367  C CD2 . TRP A 1 104 ? 1.756   -7.883  1.233   1.00 42.50 ? 88  TRP A CD2 1 
ATOM   368  N NE1 . TRP A 1 104 ? 2.692   -8.996  -0.456  1.00 42.65 ? 88  TRP A NE1 1 
ATOM   369  C CE2 . TRP A 1 104 ? 1.560   -8.341  -0.067  1.00 42.09 ? 88  TRP A CE2 1 
ATOM   370  C CE3 . TRP A 1 104 ? 0.733   -7.189  1.870   1.00 42.66 ? 88  TRP A CE3 1 
ATOM   371  C CZ2 . TRP A 1 104 ? 0.384   -8.120  -0.748  1.00 42.81 ? 88  TRP A CZ2 1 
ATOM   372  C CZ3 . TRP A 1 104 ? -0.453  -6.973  1.190   1.00 43.07 ? 88  TRP A CZ3 1 
ATOM   373  C CH2 . TRP A 1 104 ? -0.619  -7.428  -0.089  1.00 43.04 ? 88  TRP A CH2 1 
ATOM   374  N N   . ASP A 1 105 ? 6.821   -7.731  2.519   1.00 42.27 ? 89  ASP A N   1 
ATOM   375  C CA  . ASP A 1 105 ? 8.018   -8.036  1.719   1.00 42.34 ? 89  ASP A CA  1 
ATOM   376  C C   . ASP A 1 105 ? 7.655   -8.636  0.348   1.00 43.09 ? 89  ASP A C   1 
ATOM   377  O O   . ASP A 1 105 ? 7.629   -9.854  0.149   1.00 43.67 ? 89  ASP A O   1 
ATOM   378  C CB  . ASP A 1 105 ? 8.991   -8.977  2.486   1.00 42.89 ? 89  ASP A CB  1 
ATOM   379  C CG  . ASP A 1 105 ? 9.783   -8.300  3.644   1.00 43.45 ? 89  ASP A CG  1 
ATOM   380  O OD1 . ASP A 1 105 ? 9.694   -7.111  3.801   1.00 42.91 ? 89  ASP A OD1 1 
ATOM   381  O OD2 . ASP A 1 105 ? 10.475  -9.002  4.330   1.00 43.84 ? 89  ASP A OD2 1 
ATOM   382  N N   . HIS A 1 120 ? -1.525  -15.244 1.144   1.00 47.79 ? 104 HIS A N   1 
ATOM   383  C CA  . HIS A 1 120 ? -2.965  -15.096 0.975   1.00 48.04 ? 104 HIS A CA  1 
ATOM   384  C C   . HIS A 1 120 ? -3.507  -14.013 1.935   1.00 48.36 ? 104 HIS A C   1 
ATOM   385  O O   . HIS A 1 120 ? -3.581  -14.230 3.152   1.00 48.48 ? 104 HIS A O   1 
ATOM   386  C CB  . HIS A 1 120 ? -3.682  -16.460 1.198   1.00 48.18 ? 104 HIS A CB  1 
ATOM   387  N N   . VAL A 1 121 ? -3.872  -12.839 1.375   1.00 47.72 ? 105 VAL A N   1 
ATOM   388  C CA  . VAL A 1 121 ? -4.398  -11.678 2.115   1.00 47.27 ? 105 VAL A CA  1 
ATOM   389  C C   . VAL A 1 121 ? -5.796  -11.287 1.653   1.00 47.47 ? 105 VAL A C   1 
ATOM   390  O O   . VAL A 1 121 ? -6.025  -11.040 0.468   1.00 47.67 ? 105 VAL A O   1 
ATOM   391  C CB  . VAL A 1 121 ? -3.464  -10.465 1.934   1.00 46.86 ? 105 VAL A CB  1 
ATOM   392  C CG1 . VAL A 1 121 ? -4.031  -9.242  2.649   1.00 47.01 ? 105 VAL A CG1 1 
ATOM   393  C CG2 . VAL A 1 121 ? -2.088  -10.795 2.481   1.00 46.36 ? 105 VAL A CG2 1 
ATOM   394  N N   . VAL A 1 122 ? -6.729  -11.206 2.599   1.00 47.57 ? 106 VAL A N   1 
ATOM   395  C CA  . VAL A 1 122 ? -8.106  -10.831 2.304   1.00 47.44 ? 106 VAL A CA  1 
ATOM   396  C C   . VAL A 1 122 ? -8.567  -9.573  3.042   1.00 47.65 ? 106 VAL A C   1 
ATOM   397  O O   . VAL A 1 122 ? -8.562  -9.521  4.274   1.00 47.71 ? 106 VAL A O   1 
ATOM   398  C CB  . VAL A 1 122 ? -9.036  -11.999 2.684   1.00 47.68 ? 106 VAL A CB  1 
ATOM   399  C CG1 . VAL A 1 122 ? -10.505 -11.627 2.432   1.00 47.84 ? 106 VAL A CG1 1 
ATOM   400  C CG2 . VAL A 1 122 ? -8.632  -13.238 1.884   1.00 47.96 ? 106 VAL A CG2 1 
ATOM   401  N N   . VAL A 1 123 ? -9.021  -8.575  2.285   1.00 47.47 ? 107 VAL A N   1 
ATOM   402  C CA  . VAL A 1 123 ? -9.537  -7.340  2.871   1.00 47.18 ? 107 VAL A CA  1 
ATOM   403  C C   . VAL A 1 123 ? -11.031 -7.324  2.549   1.00 47.79 ? 107 VAL A C   1 
ATOM   404  O O   . VAL A 1 123 ? -11.429 -7.260  1.381   1.00 47.94 ? 107 VAL A O   1 
ATOM   405  C CB  . VAL A 1 123 ? -8.862  -6.121  2.226   1.00 46.62 ? 107 VAL A CB  1 
ATOM   406  C CG1 . VAL A 1 123 ? -9.390  -4.825  2.840   1.00 46.27 ? 107 VAL A CG1 1 
ATOM   407  C CG2 . VAL A 1 123 ? -7.346  -6.234  2.377   1.00 46.63 ? 107 VAL A CG2 1 
ATOM   408  N N   . LYS A 1 124 ? -11.857 -7.399  3.590   1.00 47.77 ? 108 LYS A N   1 
ATOM   409  C CA  . LYS A 1 124 ? -13.312 -7.464  3.401   1.00 47.28 ? 108 LYS A CA  1 
ATOM   410  C C   . LYS A 1 124 ? -13.922 -6.083  3.209   1.00 47.67 ? 108 LYS A C   1 
ATOM   411  O O   . LYS A 1 124 ? -13.421 -5.097  3.758   1.00 47.73 ? 108 LYS A O   1 
ATOM   412  C CB  . LYS A 1 124 ? -13.950 -8.202  4.578   1.00 47.63 ? 108 LYS A CB  1 
ATOM   413  C CG  . LYS A 1 124 ? -13.662 -9.700  4.633   1.00 48.13 ? 108 LYS A CG  1 
ATOM   414  C CD  . LYS A 1 124 ? -14.211 -10.318 5.908   1.00 48.24 ? 108 LYS A CD  1 
ATOM   415  C CE  . LYS A 1 124 ? -15.729 -10.242 5.950   1.00 48.74 ? 108 LYS A CE  1 
ATOM   416  N NZ  . LYS A 1 124 ? -16.286 -10.950 7.135   1.00 49.12 ? 108 LYS A NZ  1 
ATOM   417  N N   . GLY A 1 125 ? -15.010 -6.016  2.446   1.00 47.96 ? 109 GLY A N   1 
ATOM   418  C CA  . GLY A 1 125 ? -15.701 -4.762  2.167   1.00 48.17 ? 109 GLY A CA  1 
ATOM   419  C C   . GLY A 1 125 ? -17.053 -5.083  1.546   1.00 48.31 ? 109 GLY A C   1 
ATOM   420  O O   . GLY A 1 125 ? -17.399 -6.253  1.360   1.00 48.54 ? 109 GLY A O   1 
ATOM   421  N N   . LYS A 1 126 ? -17.826 -4.046  1.247   1.00 48.78 ? 110 LYS A N   1 
ATOM   422  C CA  . LYS A 1 126 ? -19.138 -4.245  0.648   1.00 49.10 ? 110 LYS A CA  1 
ATOM   423  C C   . LYS A 1 126 ? -19.676 -3.192  -0.341  1.00 49.25 ? 110 LYS A C   1 
ATOM   424  O O   . LYS A 1 126 ? -19.641 -1.989  -0.070  1.00 48.97 ? 110 LYS A O   1 
ATOM   425  C CB  . LYS A 1 126 ? -20.161 -4.205  1.786   1.00 49.24 ? 110 LYS A CB  1 
ATOM   426  C CG  . LYS A 1 126 ? -20.011 -5.282  2.835   1.00 49.61 ? 110 LYS A CG  1 
ATOM   427  C CD  . LYS A 1 126 ? -21.121 -5.186  3.868   1.00 49.87 ? 110 LYS A CD  1 
ATOM   428  C CE  . LYS A 1 126 ? -22.458 -5.611  3.284   1.00 51.08 ? 110 LYS A CE  1 
ATOM   429  N NZ  . LYS A 1 126 ? -22.490 -7.068  2.974   1.00 51.54 ? 110 LYS A NZ  1 
ATOM   430  N N   . PRO A 1 127 ? -20.184 -3.643  -1.496  1.00 49.27 ? 111 PRO A N   1 
ATOM   431  C CA  . PRO A 1 127 ? -20.275 -5.003  -2.021  1.00 49.10 ? 111 PRO A CA  1 
ATOM   432  C C   . PRO A 1 127 ? -18.965 -5.647  -2.484  1.00 49.51 ? 111 PRO A C   1 
ATOM   433  O O   . PRO A 1 127 ? -18.937 -6.848  -2.752  1.00 49.65 ? 111 PRO A O   1 
ATOM   434  C CB  . PRO A 1 127 ? -21.189 -4.721  -3.219  1.00 49.54 ? 111 PRO A CB  1 
ATOM   435  C CG  . PRO A 1 127 ? -20.934 -3.274  -3.567  1.00 49.34 ? 111 PRO A CG  1 
ATOM   436  C CD  . PRO A 1 127 ? -20.684 -2.596  -2.246  1.00 48.96 ? 111 PRO A CD  1 
ATOM   437  N N   . TYR A 1 128 ? -17.896 -4.863  -2.599  1.00 49.11 ? 112 TYR A N   1 
ATOM   438  C CA  . TYR A 1 128 ? -16.639 -5.380  -3.137  1.00 48.91 ? 112 TYR A CA  1 
ATOM   439  C C   . TYR A 1 128 ? -15.629 -5.749  -2.065  1.00 48.83 ? 112 TYR A C   1 
ATOM   440  O O   . TYR A 1 128 ? -15.570 -5.140  -0.997  1.00 48.80 ? 112 TYR A O   1 
ATOM   441  C CB  . TYR A 1 128 ? -15.977 -4.370  -4.069  1.00 49.00 ? 112 TYR A CB  1 
ATOM   442  C CG  . TYR A 1 128 ? -16.728 -4.072  -5.315  1.00 49.21 ? 112 TYR A CG  1 
ATOM   443  C CD1 . TYR A 1 128 ? -17.536 -2.963  -5.370  1.00 48.78 ? 112 TYR A CD1 1 
ATOM   444  C CD2 . TYR A 1 128 ? -16.604 -4.899  -6.411  1.00 49.91 ? 112 TYR A CD2 1 
ATOM   445  C CE1 . TYR A 1 128 ? -18.225 -2.670  -6.517  1.00 49.45 ? 112 TYR A CE1 1 
ATOM   446  C CE2 . TYR A 1 128 ? -17.294 -4.612  -7.563  1.00 50.44 ? 112 TYR A CE2 1 
ATOM   447  C CZ  . TYR A 1 128 ? -18.104 -3.498  -7.620  1.00 50.22 ? 112 TYR A CZ  1 
ATOM   448  O OH  . TYR A 1 128 ? -18.795 -3.200  -8.774  1.00 50.27 ? 112 TYR A OH  1 
ATOM   449  N N   . SER A 1 129 ? -14.766 -6.696  -2.405  1.00 48.69 ? 113 SER A N   1 
ATOM   450  C CA  . SER A 1 129 ? -13.638 -7.059  -1.562  1.00 48.17 ? 113 SER A CA  1 
ATOM   451  C C   . SER A 1 129 ? -12.402 -7.260  -2.426  1.00 48.24 ? 113 SER A C   1 
ATOM   452  O O   . SER A 1 129 ? -12.502 -7.463  -3.641  1.00 48.76 ? 113 SER A O   1 
ATOM   453  C CB  . SER A 1 129 ? -13.941 -8.324  -0.787  1.00 48.87 ? 113 SER A CB  1 
ATOM   454  N N   . ILE A 1 130 ? -11.229 -7.171  -1.807  1.00 47.86 ? 114 ILE A N   1 
ATOM   455  C CA  . ILE A 1 130 ? -9.980  -7.351  -2.542  1.00 47.97 ? 114 ILE A CA  1 
ATOM   456  C C   . ILE A 1 130 ? -9.098  -8.407  -1.907  1.00 47.89 ? 114 ILE A C   1 
ATOM   457  O O   . ILE A 1 130 ? -8.916  -8.428  -0.687  1.00 47.85 ? 114 ILE A O   1 
ATOM   458  C CB  . ILE A 1 130 ? -9.204  -6.020  -2.679  1.00 47.82 ? 114 ILE A CB  1 
ATOM   459  C CG1 . ILE A 1 130 ? -7.924  -6.251  -3.512  1.00 47.90 ? 114 ILE A CG1 1 
ATOM   460  C CG2 . ILE A 1 130 ? -8.869  -5.432  -1.332  1.00 47.21 ? 114 ILE A CG2 1 
ATOM   461  C CD1 . ILE A 1 130 ? -7.261  -4.998  -3.981  1.00 46.95 ? 114 ILE A CD1 1 
ATOM   462  N N   . THR A 1 131 ? -8.544  -9.282  -2.737  1.00 47.77 ? 115 THR A N   1 
ATOM   463  C CA  . THR A 1 131 ? -7.649  -10.304 -2.223  1.00 47.60 ? 115 THR A CA  1 
ATOM   464  C C   . THR A 1 131 ? -6.384  -10.444 -3.055  1.00 47.69 ? 115 THR A C   1 
ATOM   465  O O   . THR A 1 131 ? -6.381  -10.210 -4.268  1.00 47.90 ? 115 THR A O   1 
ATOM   466  C CB  . THR A 1 131 ? -8.346  -11.676 -2.179  1.00 48.09 ? 115 THR A CB  1 
ATOM   467  N N   . VAL A 1 132 ? -5.322  -10.906 -2.403  1.00 47.56 ? 116 VAL A N   1 
ATOM   468  C CA  . VAL A 1 132 ? -4.077  -11.268 -3.076  1.00 47.67 ? 116 VAL A CA  1 
ATOM   469  C C   . VAL A 1 132 ? -3.673  -12.691 -2.678  1.00 47.89 ? 116 VAL A C   1 
ATOM   470  O O   . VAL A 1 132 ? -3.520  -12.970 -1.488  1.00 47.89 ? 116 VAL A O   1 
ATOM   471  C CB  . VAL A 1 132 ? -2.941  -10.287 -2.704  1.00 47.13 ? 116 VAL A CB  1 
ATOM   472  C CG1 . VAL A 1 132 ? -1.642  -10.694 -3.403  1.00 47.28 ? 116 VAL A CG1 1 
ATOM   473  C CG2 . VAL A 1 132 ? -3.327  -8.884  -3.111  1.00 46.72 ? 116 VAL A CG2 1 
ATOM   474  N N   . THR A 1 133 ? -3.478  -13.582 -3.668  1.00 47.75 ? 117 THR A N   1 
ATOM   475  C CA  . THR A 1 133 ? -3.089  -14.977 -3.437  1.00 47.72 ? 117 THR A CA  1 
ATOM   476  C C   . THR A 1 133 ? -1.709  -15.225 -4.055  1.00 47.52 ? 117 THR A C   1 
ATOM   477  O O   . THR A 1 133 ? -1.538  -15.267 -5.279  1.00 47.70 ? 117 THR A O   1 
ATOM   478  C CB  . THR A 1 133 ? -4.165  -15.965 -3.998  1.00 47.95 ? 117 THR A CB  1 
ATOM   479  N N   . ALA A 1 144 ? 1.583   -14.951 -8.851  1.00 47.13 ? 128 ALA A N   1 
ATOM   480  C CA  . ALA A 1 144 ? 0.687   -14.406 -7.840  1.00 47.05 ? 128 ALA A CA  1 
ATOM   481  C C   . ALA A 1 144 ? -0.472  -13.665 -8.511  1.00 47.74 ? 128 ALA A C   1 
ATOM   482  O O   . ALA A 1 144 ? -0.296  -13.028 -9.556  1.00 47.56 ? 128 ALA A O   1 
ATOM   483  C CB  . ALA A 1 144 ? 1.447   -13.472 -6.897  1.00 47.23 ? 128 ALA A CB  1 
ATOM   484  N N   . ILE A 1 145 ? -1.678  -13.770 -7.916  1.00 47.61 ? 129 ILE A N   1 
ATOM   485  C CA  . ILE A 1 145 ? -2.900  -13.159 -8.461  1.00 47.46 ? 129 ILE A CA  1 
ATOM   486  C C   . ILE A 1 145 ? -3.587  -12.186 -7.507  1.00 47.63 ? 129 ILE A C   1 
ATOM   487  O O   . ILE A 1 145 ? -3.866  -12.513 -6.351  1.00 47.81 ? 129 ILE A O   1 
ATOM   488  C CB  . ILE A 1 145 ? -3.910  -14.246 -8.878  1.00 47.66 ? 129 ILE A CB  1 
ATOM   489  N N   . ILE A 1 146 ? -3.889  -10.999 -8.024  1.00 47.91 ? 130 ILE A N   1 
ATOM   490  C CA  . ILE A 1 146 ? -4.643  -9.975  -7.302  1.00 47.96 ? 130 ILE A CA  1 
ATOM   491  C C   . ILE A 1 146 ? -5.992  -9.725  -7.974  1.00 48.48 ? 130 ILE A C   1 
ATOM   492  O O   . ILE A 1 146 ? -6.069  -9.555  -9.193  1.00 48.55 ? 130 ILE A O   1 
ATOM   493  C CB  . ILE A 1 146 ? -3.851  -8.656  -7.193  1.00 47.76 ? 130 ILE A CB  1 
ATOM   494  N N   . CYS A 1 147 ? -7.067  -9.737  -7.185  1.00 48.39 ? 131 CYS A N   1 
ATOM   495  C CA  . CYS A 1 147 ? -8.401  -9.525  -7.741  1.00 48.77 ? 131 CYS A CA  1 
ATOM   496  C C   . CYS A 1 147 ? -9.337  -8.674  -6.886  1.00 49.01 ? 131 CYS A C   1 
ATOM   497  O O   . CYS A 1 147 ? -9.338  -8.757  -5.656  1.00 48.65 ? 131 CYS A O   1 
ATOM   498  C CB  . CYS A 1 147 ? -9.091  -10.861 -7.995  1.00 48.94 ? 131 CYS A CB  1 
ATOM   499  N N   . ILE A 1 148 ? -10.169 -7.887  -7.567  1.00 49.24 ? 132 ILE A N   1 
ATOM   500  C CA  . ILE A 1 148 ? -11.259 -7.134  -6.938  1.00 49.54 ? 132 ILE A CA  1 
ATOM   501  C C   . ILE A 1 148 ? -12.579 -7.612  -7.527  1.00 50.20 ? 132 ILE A C   1 
ATOM   502  O O   . ILE A 1 148 ? -12.786 -7.470  -8.740  1.00 50.35 ? 132 ILE A O   1 
ATOM   503  C CB  . ILE A 1 148 ? -11.150 -5.616  -7.178  1.00 49.37 ? 132 ILE A CB  1 
ATOM   504  N N   . CYS A 1 149 ? -13.461 -8.178  -6.676  1.00 50.20 ? 133 CYS A N   1 
ATOM   505  C CA  . CYS A 1 149 ? -14.729 -8.768  -7.107  1.00 50.52 ? 133 CYS A CA  1 
ATOM   506  C C   . CYS A 1 149 ? -15.815 -8.557  -6.062  1.00 50.34 ? 133 CYS A C   1 
ATOM   507  O O   . CYS A 1 149 ? -15.532 -8.219  -4.909  1.00 49.98 ? 133 CYS A O   1 
ATOM   508  C CB  . CYS A 1 149 ? -14.571 -10.284 -7.372  1.00 50.87 ? 133 CYS A CB  1 
ATOM   509  S SG  . CYS A 1 149 ? -13.330 -10.733 -8.650  1.00 52.12 ? 133 CYS A SG  1 
ATOM   510  N N   . LYS A 1 150 ? -17.064 -8.761  -6.470  1.00 50.43 ? 134 LYS A N   1 
ATOM   511  C CA  . LYS A 1 150 ? -18.186 -8.655  -5.548  1.00 50.52 ? 134 LYS A CA  1 
ATOM   512  C C   . LYS A 1 150 ? -18.251 -9.882  -4.635  1.00 50.53 ? 134 LYS A C   1 
ATOM   513  O O   . LYS A 1 150 ? -18.007 -11.006 -5.083  1.00 50.54 ? 134 LYS A O   1 
ATOM   514  C CB  . LYS A 1 150 ? -19.500 -8.493  -6.313  1.00 50.86 ? 134 LYS A CB  1 
ATOM   515  N N   . GLY A 1 151 ? -18.604 -9.663  -3.359  1.00 50.20 ? 135 GLY A N   1 
ATOM   516  C CA  . GLY A 1 151 ? -18.752 -10.721 -2.367  1.00 50.40 ? 135 GLY A CA  1 
ATOM   517  C C   . GLY A 1 151 ? -17.390 -11.175 -1.856  1.00 50.47 ? 135 GLY A C   1 
ATOM   518  O O   . GLY A 1 151 ? -17.275 -11.699 -0.747  1.00 50.44 ? 135 GLY A O   1 
ATOM   519  N N   . ASP A 1 168 ? -19.518 -10.629 -10.382 1.00 51.60 ? 152 ASP A N   1 
ATOM   520  C CA  . ASP A 1 168 ? -18.900 -9.588  -11.196 1.00 51.73 ? 152 ASP A CA  1 
ATOM   521  C C   . ASP A 1 168 ? -17.530 -9.207  -10.622 1.00 51.39 ? 152 ASP A C   1 
ATOM   522  O O   . ASP A 1 168 ? -17.371 -9.087  -9.399  1.00 50.96 ? 152 ASP A O   1 
ATOM   523  C CB  . ASP A 1 168 ? -19.792 -8.321  -11.244 1.00 51.90 ? 152 ASP A CB  1 
ATOM   524  N N   . CYS A 1 169 ? -16.544 -8.992  -11.517 1.00 51.28 ? 153 CYS A N   1 
ATOM   525  C CA  . CYS A 1 169 ? -15.179 -8.588  -11.153 1.00 51.02 ? 153 CYS A CA  1 
ATOM   526  C C   . CYS A 1 169 ? -14.780 -7.297  -11.850 1.00 50.97 ? 153 CYS A C   1 
ATOM   527  O O   . CYS A 1 169 ? -15.216 -7.007  -12.966 1.00 50.86 ? 153 CYS A O   1 
ATOM   528  C CB  . CYS A 1 169 ? -14.153 -9.703  -11.450 1.00 51.07 ? 153 CYS A CB  1 
ATOM   529  S SG  . CYS A 1 169 ? -14.353 -11.195 -10.410 1.00 52.03 ? 153 CYS A SG  1 
ATOM   530  N N   . ARG A 1 170 ? -13.940 -6.523  -11.169 1.00 50.62 ? 154 ARG A N   1 
ATOM   531  C CA  . ARG A 1 170 ? -13.446 -5.256  -11.686 1.00 50.58 ? 154 ARG A CA  1 
ATOM   532  C C   . ARG A 1 170 ? -11.955 -5.316  -11.991 1.00 50.28 ? 154 ARG A C   1 
ATOM   533  O O   . ARG A 1 170 ? -11.465 -4.604  -12.868 1.00 50.10 ? 154 ARG A O   1 
ATOM   534  C CB  . ARG A 1 170 ? -13.700 -4.143  -10.680 1.00 50.21 ? 154 ARG A CB  1 
ATOM   535  C CG  . ARG A 1 170 ? -15.156 -3.937  -10.287 1.00 50.22 ? 154 ARG A CG  1 
ATOM   536  C CD  . ARG A 1 170 ? -16.002 -3.486  -11.428 1.00 50.28 ? 154 ARG A CD  1 
ATOM   537  N NE  . ARG A 1 170 ? -15.534 -2.230  -11.995 1.00 50.22 ? 154 ARG A NE  1 
ATOM   538  C CZ  . ARG A 1 170 ? -15.878 -1.002  -11.556 1.00 50.10 ? 154 ARG A CZ  1 
ATOM   539  N NH1 . ARG A 1 170 ? -16.702 -0.860  -10.544 1.00 49.76 ? 154 ARG A NH1 1 
ATOM   540  N NH2 . ARG A 1 170 ? -15.386 0.069   -12.153 1.00 50.09 ? 154 ARG A NH2 1 
ATOM   541  N N   . LEU A 1 171 ? -11.229 -6.151  -11.251 1.00 49.85 ? 155 LEU A N   1 
ATOM   542  C CA  . LEU A 1 171 ? -9.782  -6.245  -11.431 1.00 49.74 ? 155 LEU A CA  1 
ATOM   543  C C   . LEU A 1 171 ? -9.294  -7.680  -11.330 1.00 49.21 ? 155 LEU A C   1 
ATOM   544  O O   . LEU A 1 171 ? -9.661  -8.401  -10.405 1.00 49.35 ? 155 LEU A O   1 
ATOM   545  C CB  . LEU A 1 171 ? -9.062  -5.371  -10.391 1.00 49.79 ? 155 LEU A CB  1 
ATOM   546  N N   . ASN A 1 172 ? -8.432  -8.076  -12.261 1.00 49.05 ? 156 ASN A N   1 
ATOM   547  C CA  . ASN A 1 172 ? -7.790  -9.384  -12.227 1.00 48.85 ? 156 ASN A CA  1 
ATOM   548  C C   . ASN A 1 172 ? -6.415  -9.303  -12.880 1.00 48.88 ? 156 ASN A C   1 
ATOM   549  O O   . ASN A 1 172 ? -6.306  -9.188  -14.103 1.00 48.97 ? 156 ASN A O   1 
ATOM   550  C CB  . ASN A 1 172 ? -8.650  -10.437 -12.895 1.00 49.20 ? 156 ASN A CB  1 
ATOM   551  C CG  . ASN A 1 172 ? -8.081  -11.831 -12.745 1.00 49.34 ? 156 ASN A CG  1 
ATOM   552  O OD1 . ASN A 1 172 ? -6.894  -12.008 -12.444 1.00 48.90 ? 156 ASN A OD1 1 
ATOM   553  N ND2 . ASN A 1 172 ? -8.913  -12.823 -12.943 1.00 49.53 ? 156 ASN A ND2 1 
ATOM   554  N N   . HIS A 1 173 ? -5.368  -9.317  -12.063 1.00 48.49 ? 157 HIS A N   1 
ATOM   555  C CA  . HIS A 1 173 ? -4.000  -9.176  -12.555 1.00 48.14 ? 157 HIS A CA  1 
ATOM   556  C C   . HIS A 1 173 ? -3.074  -10.254 -12.004 1.00 47.88 ? 157 HIS A C   1 
ATOM   557  O O   . HIS A 1 173 ? -3.067  -10.547 -10.807 1.00 47.89 ? 157 HIS A O   1 
ATOM   558  C CB  . HIS A 1 173 ? -3.466  -7.774  -12.224 1.00 48.16 ? 157 HIS A CB  1 
ATOM   559  C CG  . HIS A 1 173 ? -2.021  -7.537  -12.563 1.00 47.49 ? 157 HIS A CG  1 
ATOM   560  N ND1 . HIS A 1 173 ? -1.542  -7.600  -13.847 1.00 47.49 ? 157 HIS A ND1 1 
ATOM   561  C CD2 . HIS A 1 173 ? -0.964  -7.200  -11.778 1.00 46.97 ? 157 HIS A CD2 1 
ATOM   562  C CE1 . HIS A 1 173 ? -0.245  -7.321  -13.842 1.00 47.09 ? 157 HIS A CE1 1 
ATOM   563  N NE2 . HIS A 1 173 ? 0.125   -7.071  -12.601 1.00 46.73 ? 157 HIS A NE2 1 
ATOM   564  N N   . LYS A 1 174 ? -2.295  -10.860 -12.891 1.00 47.68 ? 158 LYS A N   1 
ATOM   565  C CA  . LYS A 1 174 ? -1.346  -11.888 -12.489 1.00 47.50 ? 158 LYS A CA  1 
ATOM   566  C C   . LYS A 1 174 ? 0.069   -11.396 -12.731 1.00 47.57 ? 158 LYS A C   1 
ATOM   567  O O   . LYS A 1 174 ? 0.340   -10.741 -13.738 1.00 47.66 ? 158 LYS A O   1 
ATOM   568  C CB  . LYS A 1 174 ? -1.606  -13.191 -13.239 1.00 47.73 ? 158 LYS A CB  1 
ATOM   569  N N   . PHE A 1 175 ? 0.976   -11.719 -11.816 1.00 47.43 ? 159 PHE A N   1 
ATOM   570  C CA  . PHE A 1 175 ? 2.341   -11.238 -11.937 1.00 47.43 ? 159 PHE A CA  1 
ATOM   571  C C   . PHE A 1 175 ? 3.391   -12.163 -11.312 1.00 47.35 ? 159 PHE A C   1 
ATOM   572  O O   . PHE A 1 175 ? 3.093   -12.932 -10.397 1.00 47.38 ? 159 PHE A O   1 
ATOM   573  C CB  . PHE A 1 175 ? 2.406   -9.861  -11.278 1.00 46.93 ? 159 PHE A CB  1 
ATOM   574  C CG  . PHE A 1 175 ? 1.959   -9.866  -9.836  1.00 46.82 ? 159 PHE A CG  1 
ATOM   575  C CD1 . PHE A 1 175 ? 2.876   -9.949  -8.807  1.00 46.23 ? 159 PHE A CD1 1 
ATOM   576  C CD2 . PHE A 1 175 ? 0.604   -9.799  -9.513  1.00 47.05 ? 159 PHE A CD2 1 
ATOM   577  C CE1 . PHE A 1 175 ? 2.458   -9.959  -7.497  1.00 45.89 ? 159 PHE A CE1 1 
ATOM   578  C CE2 . PHE A 1 175 ? 0.190   -9.818  -8.207  1.00 46.47 ? 159 PHE A CE2 1 
ATOM   579  C CZ  . PHE A 1 175 ? 1.115   -9.896  -7.199  1.00 45.87 ? 159 PHE A CZ  1 
ATOM   580  N N   . PRO A 1 176 ? 4.627   -12.128 -11.826 1.00 47.05 ? 160 PRO A N   1 
ATOM   581  C CA  . PRO A 1 176 ? 5.808   -12.777 -11.295 1.00 47.06 ? 160 PRO A CA  1 
ATOM   582  C C   . PRO A 1 176 ? 6.321   -12.020 -10.082 1.00 46.88 ? 160 PRO A C   1 
ATOM   583  O O   . PRO A 1 176 ? 6.069   -10.819 -9.961  1.00 46.63 ? 160 PRO A O   1 
ATOM   584  C CB  . PRO A 1 176 ? 6.783   -12.703 -12.473 1.00 47.63 ? 160 PRO A CB  1 
ATOM   585  C CG  . PRO A 1 176 ? 6.379   -11.454 -13.215 1.00 47.66 ? 160 PRO A CG  1 
ATOM   586  C CD  . PRO A 1 176 ? 4.871   -11.388 -13.079 1.00 47.24 ? 160 PRO A CD  1 
ATOM   587  N N   . ILE A 1 177 ? 7.093   -12.706 -9.224  1.00 47.10 ? 161 ILE A N   1 
ATOM   588  C CA  . ILE A 1 177 ? 7.756   -12.099 -8.066  1.00 46.99 ? 161 ILE A CA  1 
ATOM   589  C C   . ILE A 1 177 ? 9.235   -12.483 -8.105  1.00 46.98 ? 161 ILE A C   1 
ATOM   590  O O   . ILE A 1 177 ? 9.585   -13.639 -8.353  1.00 47.13 ? 161 ILE A O   1 
ATOM   591  C CB  . ILE A 1 177 ? 7.099   -12.547 -6.703  1.00 46.50 ? 161 ILE A CB  1 
ATOM   592  N N   . ASN A 1 188 ? 14.627  -5.379  -3.964  1.00 42.58 ? 172 ASN A N   1 
ATOM   593  C CA  . ASN A 1 188 ? 14.145  -4.740  -2.743  1.00 42.56 ? 172 ASN A CA  1 
ATOM   594  C C   . ASN A 1 188 ? 12.830  -3.986  -3.009  1.00 42.54 ? 172 ASN A C   1 
ATOM   595  O O   . ASN A 1 188 ? 12.752  -2.763  -2.838  1.00 41.66 ? 172 ASN A O   1 
ATOM   596  C CB  . ASN A 1 188 ? 15.222  -3.808  -2.145  1.00 42.08 ? 172 ASN A CB  1 
ATOM   597  N N   . MET A 1 189 ? 11.787  -4.727  -3.416  1.00 42.59 ? 173 MET A N   1 
ATOM   598  C CA  . MET A 1 189 ? 10.464  -4.160  -3.689  1.00 42.58 ? 173 MET A CA  1 
ATOM   599  C C   . MET A 1 189 ? 9.535   -4.507  -2.545  1.00 42.20 ? 173 MET A C   1 
ATOM   600  O O   . MET A 1 189 ? 9.466   -5.656  -2.113  1.00 42.29 ? 173 MET A O   1 
ATOM   601  C CB  . MET A 1 189 ? 9.894   -4.723  -4.980  1.00 42.80 ? 173 MET A CB  1 
ATOM   602  C CG  . MET A 1 189 ? 10.722  -4.427  -6.208  1.00 43.18 ? 173 MET A CG  1 
ATOM   603  S SD  . MET A 1 189 ? 9.925   -4.964  -7.732  1.00 44.91 ? 173 MET A SD  1 
ATOM   604  C CE  . MET A 1 189 ? 10.032  -6.751  -7.631  1.00 44.33 ? 173 MET A CE  1 
ATOM   605  N N   . LEU A 1 190 ? 8.801   -3.511  -2.082  1.00 41.82 ? 174 LEU A N   1 
ATOM   606  C CA  . LEU A 1 190 ? 7.809   -3.706  -1.039  1.00 41.47 ? 174 LEU A CA  1 
ATOM   607  C C   . LEU A 1 190 ? 6.440   -3.678  -1.699  1.00 41.57 ? 174 LEU A C   1 
ATOM   608  O O   . LEU A 1 190 ? 6.168   -2.797  -2.517  1.00 41.87 ? 174 LEU A O   1 
ATOM   609  C CB  . LEU A 1 190 ? 7.945   -2.611  0.026   1.00 40.67 ? 174 LEU A CB  1 
ATOM   610  C CG  . LEU A 1 190 ? 8.961   -2.849  1.143   1.00 40.95 ? 174 LEU A CG  1 
ATOM   611  C CD1 . LEU A 1 190 ? 10.373  -2.861  0.574   1.00 41.85 ? 174 LEU A CD1 1 
ATOM   612  C CD2 . LEU A 1 190 ? 8.820   -1.758  2.165   1.00 39.92 ? 174 LEU A CD2 1 
ATOM   613  N N   . TYR A 1 191 ? 5.600   -4.656  -1.391  1.00 41.52 ? 175 TYR A N   1 
ATOM   614  C CA  . TYR A 1 191 ? 4.282   -4.753  -2.007  1.00 41.55 ? 175 TYR A CA  1 
ATOM   615  C C   . TYR A 1 191 ? 3.203   -4.364  -1.023  1.00 48.14 ? 175 TYR A C   1 
ATOM   616  O O   . TYR A 1 191 ? 3.397   -4.470  0.184   1.00 38.89 ? 175 TYR A O   1 
ATOM   617  C CB  . TYR A 1 191 ? 4.038   -6.201  -2.432  1.00 42.65 ? 175 TYR A CB  1 
ATOM   618  C CG  . TYR A 1 191 ? 4.897   -6.743  -3.564  1.00 43.30 ? 175 TYR A CG  1 
ATOM   619  C CD1 . TYR A 1 191 ? 5.835   -5.961  -4.236  1.00 43.13 ? 175 TYR A CD1 1 
ATOM   620  C CD2 . TYR A 1 191 ? 4.725   -8.059  -3.931  1.00 43.32 ? 175 TYR A CD2 1 
ATOM   621  C CE1 . TYR A 1 191 ? 6.579   -6.513  -5.249  1.00 43.82 ? 175 TYR A CE1 1 
ATOM   622  C CE2 . TYR A 1 191 ? 5.467   -8.596  -4.945  1.00 44.28 ? 175 TYR A CE2 1 
ATOM   623  C CZ  . TYR A 1 191 ? 6.391   -7.832  -5.605  1.00 44.29 ? 175 TYR A CZ  1 
ATOM   624  O OH  . TYR A 1 191 ? 7.128   -8.373  -6.628  1.00 44.63 ? 175 TYR A OH  1 
ATOM   625  N N   . GLY A 1 192 ? 2.046   -3.949  -1.518  1.00 41.32 ? 176 GLY A N   1 
ATOM   626  C CA  . GLY A 1 192 ? 0.953   -3.707  -0.587  1.00 41.68 ? 176 GLY A CA  1 
ATOM   627  C C   . GLY A 1 192 ? -0.320  -3.153  -1.191  1.00 42.04 ? 176 GLY A C   1 
ATOM   628  O O   . GLY A 1 192 ? -0.392  -2.817  -2.377  1.00 42.48 ? 176 GLY A O   1 
ATOM   629  N N   . LEU A 1 193 ? -1.335  -3.066  -0.344  1.00 41.81 ? 177 LEU A N   1 
ATOM   630  C CA  . LEU A 1 193 ? -2.632  -2.542  -0.723  1.00 41.83 ? 177 LEU A CA  1 
ATOM   631  C C   . LEU A 1 193 ? -2.967  -1.326  0.108   1.00 42.34 ? 177 LEU A C   1 
ATOM   632  O O   . LEU A 1 193 ? -2.756  -1.307  1.322   1.00 42.37 ? 177 LEU A O   1 
ATOM   633  C CB  . LEU A 1 193 ? -3.725  -3.590  -0.507  1.00 42.50 ? 177 LEU A CB  1 
ATOM   634  C CG  . LEU A 1 193 ? -3.544  -4.923  -1.212  1.00 43.46 ? 177 LEU A CG  1 
ATOM   635  C CD1 . LEU A 1 193 ? -4.667  -5.857  -0.774  1.00 44.80 ? 177 LEU A CD1 1 
ATOM   636  C CD2 . LEU A 1 193 ? -3.548  -4.728  -2.721  1.00 44.24 ? 177 LEU A CD2 1 
ATOM   637  N N   . GLN A 1 194 ? -3.536  -0.330  -0.535  1.00 42.26 ? 178 GLN A N   1 
ATOM   638  C CA  . GLN A 1 194 ? -3.989  0.874   0.130   1.00 42.43 ? 178 GLN A CA  1 
ATOM   639  C C   . GLN A 1 194 ? -5.417  1.167   -0.289  1.00 43.19 ? 178 GLN A C   1 
ATOM   640  O O   . GLN A 1 194 ? -5.726  1.184   -1.481  1.00 43.46 ? 178 GLN A O   1 
ATOM   641  C CB  . GLN A 1 194 ? -3.059  2.016   -0.246  1.00 41.89 ? 178 GLN A CB  1 
ATOM   642  C CG  . GLN A 1 194 ? -3.392  3.347   0.322   1.00 41.77 ? 178 GLN A CG  1 
ATOM   643  C CD  . GLN A 1 194 ? -2.448  4.379   -0.220  1.00 41.49 ? 178 GLN A CD  1 
ATOM   644  O OE1 . GLN A 1 194 ? -1.697  4.091   -1.159  1.00 41.61 ? 178 GLN A OE1 1 
ATOM   645  N NE2 . GLN A 1 194 ? -2.475  5.564   0.335   1.00 40.21 ? 178 GLN A NE2 1 
ATOM   646  N N   . TRP A 1 195 ? -6.318  1.394   0.656   1.00 43.26 ? 179 TRP A N   1 
ATOM   647  C CA  . TRP A 1 195 ? -7.688  1.610   0.214   1.00 43.31 ? 179 TRP A CA  1 
ATOM   648  C C   . TRP A 1 195 ? -8.368  2.811   0.845   1.00 44.17 ? 179 TRP A C   1 
ATOM   649  O O   . TRP A 1 195 ? -8.133  3.161   2.001   1.00 44.10 ? 179 TRP A O   1 
ATOM   650  C CB  . TRP A 1 195 ? -8.514  0.342   0.452   1.00 43.76 ? 179 TRP A CB  1 
ATOM   651  C CG  . TRP A 1 195 ? -8.484  -0.149  1.865   1.00 43.70 ? 179 TRP A CG  1 
ATOM   652  C CD1 . TRP A 1 195 ? -9.377  0.146   2.840   1.00 44.44 ? 179 TRP A CD1 1 
ATOM   653  C CD2 . TRP A 1 195 ? -7.511  -1.040  2.473   1.00 42.82 ? 179 TRP A CD2 1 
ATOM   654  N NE1 . TRP A 1 195 ? -9.031  -0.485  4.008   1.00 43.75 ? 179 TRP A NE1 1 
ATOM   655  C CE2 . TRP A 1 195 ? -7.893  -1.212  3.800   1.00 42.87 ? 179 TRP A CE2 1 
ATOM   656  C CE3 . TRP A 1 195 ? -6.369  -1.693  2.002   1.00 42.96 ? 179 TRP A CE3 1 
ATOM   657  C CZ2 . TRP A 1 195 ? -7.170  -2.005  4.674   1.00 43.03 ? 179 TRP A CZ2 1 
ATOM   658  C CZ3 . TRP A 1 195 ? -5.647  -2.488  2.881   1.00 42.92 ? 179 TRP A CZ3 1 
ATOM   659  C CH2 . TRP A 1 195 ? -6.037  -2.638  4.181   1.00 42.90 ? 179 TRP A CH2 1 
ATOM   660  N N   . PHE A 1 196 ? -9.245  3.412   0.049   1.00 44.73 ? 180 PHE A N   1 
ATOM   661  C CA  . PHE A 1 196 ? -10.041 4.573   0.406   1.00 44.99 ? 180 PHE A CA  1 
ATOM   662  C C   . PHE A 1 196 ? -11.485 4.364   -0.004  1.00 45.60 ? 180 PHE A C   1 
ATOM   663  O O   . PHE A 1 196 ? -11.782 3.533   -0.861  1.00 45.64 ? 180 PHE A O   1 
ATOM   664  C CB  . PHE A 1 196 ? -9.521  5.820   -0.289  1.00 44.96 ? 180 PHE A CB  1 
ATOM   665  C CG  . PHE A 1 196 ? -8.120  6.174   0.032   1.00 44.41 ? 180 PHE A CG  1 
ATOM   666  C CD1 . PHE A 1 196 ? -7.081  5.728   -0.763  1.00 43.94 ? 180 PHE A CD1 1 
ATOM   667  C CD2 . PHE A 1 196 ? -7.832  6.969   1.121   1.00 44.21 ? 180 PHE A CD2 1 
ATOM   668  C CE1 . PHE A 1 196 ? -5.787  6.074   -0.477  1.00 43.29 ? 180 PHE A CE1 1 
ATOM   669  C CE2 . PHE A 1 196 ? -6.537  7.314   1.413   1.00 43.29 ? 180 PHE A CE2 1 
ATOM   670  C CZ  . PHE A 1 196 ? -5.514  6.871   0.615   1.00 42.37 ? 180 PHE A CZ  1 
ATOM   671  N N   . THR A 1 197 ? -12.387 5.145   0.564   1.00 45.58 ? 181 THR A N   1 
ATOM   672  C CA  . THR A 1 197 ? -13.803 5.023   0.243   1.00 46.05 ? 181 THR A CA  1 
ATOM   673  C C   . THR A 1 197 ? -14.077 4.941   -1.261  1.00 46.61 ? 181 THR A C   1 
ATOM   674  O O   . THR A 1 197 ? -14.925 4.159   -1.692  1.00 47.04 ? 181 THR A O   1 
ATOM   675  C CB  . THR A 1 197 ? -14.590 6.206   0.834   1.00 46.26 ? 181 THR A CB  1 
ATOM   676  N N   . ASP A 1 198 ? -13.416 5.772   -2.062  1.00 46.18 ? 182 ASP A N   1 
ATOM   677  C CA  . ASP A 1 198 ? -13.686 5.791   -3.493  1.00 46.40 ? 182 ASP A CA  1 
ATOM   678  C C   . ASP A 1 198 ? -12.595 5.212   -4.403  1.00 46.40 ? 182 ASP A C   1 
ATOM   679  O O   . ASP A 1 198 ? -12.665 5.384   -5.623  1.00 46.72 ? 182 ASP A O   1 
ATOM   680  C CB  . ASP A 1 198 ? -14.002 7.221   -3.908  1.00 46.62 ? 182 ASP A CB  1 
ATOM   681  N N   . GLU A 1 199 ? -11.592 4.537   -3.845  1.00 45.91 ? 183 GLU A N   1 
ATOM   682  C CA  . GLU A 1 199 ? -10.535 3.995   -4.704  1.00 45.70 ? 183 GLU A CA  1 
ATOM   683  C C   . GLU A 1 199 ? -9.677  2.917   -4.053  1.00 45.06 ? 183 GLU A C   1 
ATOM   684  O O   . GLU A 1 199 ? -9.561  2.834   -2.830  1.00 45.16 ? 183 GLU A O   1 
ATOM   685  C CB  . GLU A 1 199 ? -9.612  5.112   -5.212  1.00 46.16 ? 183 GLU A CB  1 
ATOM   686  N N   . VAL A 1 200 ? -9.016  2.136   -4.899  1.00 44.90 ? 184 VAL A N   1 
ATOM   687  C CA  . VAL A 1 200 ? -8.015  1.177   -4.452  1.00 44.51 ? 184 VAL A CA  1 
ATOM   688  C C   . VAL A 1 200 ? -6.693  1.402   -5.163  1.00 44.74 ? 184 VAL A C   1 
ATOM   689  O O   . VAL A 1 200 ? -6.639  1.538   -6.388  1.00 45.35 ? 184 VAL A O   1 
ATOM   690  C CB  . VAL A 1 200 ? -8.478  -0.273  -4.668  1.00 45.45 ? 184 VAL A CB  1 
ATOM   691  N N   . VAL A 1 201 ? -5.624  1.433   -4.386  1.00 43.60 ? 185 VAL A N   1 
ATOM   692  C CA  . VAL A 1 201 ? -4.289  1.607   -4.919  1.00 43.07 ? 185 VAL A CA  1 
ATOM   693  C C   . VAL A 1 201 ? -3.449  0.382   -4.597  1.00 43.13 ? 185 VAL A C   1 
ATOM   694  O O   . VAL A 1 201 ? -3.422  -0.083  -3.457  1.00 43.35 ? 185 VAL A O   1 
ATOM   695  C CB  . VAL A 1 201 ? -3.642  2.866   -4.330  1.00 42.82 ? 185 VAL A CB  1 
ATOM   696  N N   . ALA A 1 202 ? -2.783  -0.170  -5.600  1.00 43.07 ? 186 ALA A N   1 
ATOM   697  C CA  . ALA A 1 202 ? -1.966  -1.353  -5.362  1.00 42.80 ? 186 ALA A CA  1 
ATOM   698  C C   . ALA A 1 202 ? -0.523  -1.112  -5.762  1.00 43.22 ? 186 ALA A C   1 
ATOM   699  O O   . ALA A 1 202 ? -0.230  -0.518  -6.802  1.00 43.23 ? 186 ALA A O   1 
ATOM   700  C CB  . ALA A 1 202 ? -2.529  -2.550  -6.118  1.00 43.36 ? 186 ALA A CB  1 
ATOM   701  N N   . TYR A 1 203 ? 0.380   -1.608  -4.935  1.00 42.82 ? 187 TYR A N   1 
ATOM   702  C CA  . TYR A 1 203 ? 1.807   -1.510  -5.183  1.00 42.58 ? 187 TYR A CA  1 
ATOM   703  C C   . TYR A 1 203 ? 2.342   -2.905  -5.432  1.00 42.79 ? 187 TYR A C   1 
ATOM   704  O O   . TYR A 1 203 ? 2.416   -3.719  -4.509  1.00 43.28 ? 187 TYR A O   1 
ATOM   705  C CB  . TYR A 1 203 ? 2.494   -0.868  -3.977  1.00 41.88 ? 187 TYR A CB  1 
ATOM   706  C CG  . TYR A 1 203 ? 1.981   0.519   -3.675  1.00 41.91 ? 187 TYR A CG  1 
ATOM   707  C CD1 . TYR A 1 203 ? 0.861   0.681   -2.872  1.00 42.01 ? 187 TYR A CD1 1 
ATOM   708  C CD2 . TYR A 1 203 ? 2.622   1.623   -4.194  1.00 41.61 ? 187 TYR A CD2 1 
ATOM   709  C CE1 . TYR A 1 203 ? 0.387   1.942   -2.601  1.00 41.57 ? 187 TYR A CE1 1 
ATOM   710  C CE2 . TYR A 1 203 ? 2.148   2.888   -3.923  1.00 41.08 ? 187 TYR A CE2 1 
ATOM   711  C CZ  . TYR A 1 203 ? 1.035   3.050   -3.131  1.00 40.57 ? 187 TYR A CZ  1 
ATOM   712  O OH  . TYR A 1 203 ? 0.564   4.314   -2.863  1.00 40.23 ? 187 TYR A OH  1 
ATOM   713  N N   . LEU A 1 204 ? 2.654   -3.210  -6.688  1.00 43.29 ? 188 LEU A N   1 
ATOM   714  C CA  . LEU A 1 204 ? 3.049   -4.568  -7.036  1.00 43.56 ? 188 LEU A CA  1 
ATOM   715  C C   . LEU A 1 204 ? 4.141   -4.616  -8.082  1.00 44.14 ? 188 LEU A C   1 
ATOM   716  O O   . LEU A 1 204 ? 4.047   -3.961  -9.115  1.00 44.17 ? 188 LEU A O   1 
ATOM   717  C CB  . LEU A 1 204 ? 1.850   -5.330  -7.591  1.00 44.13 ? 188 LEU A CB  1 
ATOM   718  C CG  . LEU A 1 204 ? 0.659   -5.528  -6.671  1.00 44.21 ? 188 LEU A CG  1 
ATOM   719  C CD1 . LEU A 1 204 ? -0.470  -6.039  -7.496  1.00 45.25 ? 188 LEU A CD1 1 
ATOM   720  C CD2 . LEU A 1 204 ? 1.008   -6.516  -5.554  1.00 44.37 ? 188 LEU A CD2 1 
ATOM   721  N N   . HIS A 1 205 ? 5.152   -5.427  -7.822  1.00 44.17 ? 189 HIS A N   1 
ATOM   722  C CA  . HIS A 1 205 ? 6.255   -5.699  -8.737  1.00 44.29 ? 189 HIS A CA  1 
ATOM   723  C C   . HIS A 1 205 ? 6.790   -4.457  -9.454  1.00 44.32 ? 189 HIS A C   1 
ATOM   724  O O   . HIS A 1 205 ? 7.050   -4.492  -10.658 1.00 44.20 ? 189 HIS A O   1 
ATOM   725  C CB  . HIS A 1 205 ? 5.857   -6.776  -9.757  1.00 44.71 ? 189 HIS A CB  1 
ATOM   726  C CG  . HIS A 1 205 ? 4.753   -6.393  -10.701 1.00 45.07 ? 189 HIS A CG  1 
ATOM   727  N ND1 . HIS A 1 205 ? 4.980   -5.646  -11.827 1.00 44.90 ? 189 HIS A ND1 1 
ATOM   728  C CD2 . HIS A 1 205 ? 3.425   -6.656  -10.683 1.00 45.55 ? 189 HIS A CD2 1 
ATOM   729  C CE1 . HIS A 1 205 ? 3.846   -5.465  -12.471 1.00 45.24 ? 189 HIS A CE1 1 
ATOM   730  N NE2 . HIS A 1 205 ? 2.878   -6.076  -11.804 1.00 45.29 ? 189 HIS A NE2 1 
ATOM   731  N N   . GLY A 1 206 ? 7.000   -3.374  -8.708  1.00 43.83 ? 190 GLY A N   1 
ATOM   732  C CA  . GLY A 1 206 ? 7.621   -2.170  -9.254  1.00 43.30 ? 190 GLY A CA  1 
ATOM   733  C C   . GLY A 1 206 ? 6.640   -1.235  -9.955  1.00 43.16 ? 190 GLY A C   1 
ATOM   734  O O   . GLY A 1 206 ? 7.031   -0.179  -10.454 1.00 42.65 ? 190 GLY A O   1 
ATOM   735  N N   . ALA A 1 207 ? 5.369   -1.600  -9.998  1.00 43.58 ? 191 ALA A N   1 
ATOM   736  C CA  . ALA A 1 207 ? 4.358   -0.789  -10.661 1.00 43.28 ? 191 ALA A CA  1 
ATOM   737  C C   . ALA A 1 207 ? 3.296   -0.307  -9.687  1.00 43.16 ? 191 ALA A C   1 
ATOM   738  O O   . ALA A 1 207 ? 2.955   -0.994  -8.718  1.00 43.54 ? 191 ALA A O   1 
ATOM   739  C CB  . ALA A 1 207 ? 3.708   -1.582  -11.777 1.00 44.30 ? 191 ALA A CB  1 
ATOM   740  N N   . ILE A 1 208 ? 2.741   0.865   -9.956  1.00 43.15 ? 192 ILE A N   1 
ATOM   741  C CA  . ILE A 1 208 ? 1.657   1.374   -9.133  1.00 43.52 ? 192 ILE A CA  1 
ATOM   742  C C   . ILE A 1 208 ? 0.365   1.390   -9.930  1.00 44.00 ? 192 ILE A C   1 
ATOM   743  O O   . ILE A 1 208 ? 0.297   1.985   -11.007 1.00 44.17 ? 192 ILE A O   1 
ATOM   744  C CB  . ILE A 1 208 ? 1.972   2.781   -8.594  1.00 43.21 ? 192 ILE A CB  1 
ATOM   745  N N   . TYR A 1 209 ? -0.652  0.731   -9.401  1.00 43.85 ? 193 TYR A N   1 
ATOM   746  C CA  . TYR A 1 209 ? -1.934  0.623   -10.079 1.00 44.11 ? 193 TYR A CA  1 
ATOM   747  C C   . TYR A 1 209 ? -3.016  1.364   -9.316  1.00 44.26 ? 193 TYR A C   1 
ATOM   748  O O   . TYR A 1 209 ? -2.999  1.410   -8.085  1.00 44.29 ? 193 TYR A O   1 
ATOM   749  C CB  . TYR A 1 209 ? -2.332  -0.841  -10.210 1.00 44.15 ? 193 TYR A CB  1 
ATOM   750  C CG  . TYR A 1 209 ? -1.365  -1.669  -10.993 1.00 44.16 ? 193 TYR A CG  1 
ATOM   751  C CD1 . TYR A 1 209 ? -1.452  -1.709  -12.366 1.00 44.39 ? 193 TYR A CD1 1 
ATOM   752  C CD2 . TYR A 1 209 ? -0.394  -2.411  -10.331 1.00 44.33 ? 193 TYR A CD2 1 
ATOM   753  C CE1 . TYR A 1 209 ? -0.575  -2.481  -13.084 1.00 45.05 ? 193 TYR A CE1 1 
ATOM   754  C CE2 . TYR A 1 209 ? 0.481   -3.189  -11.054 1.00 44.75 ? 193 TYR A CE2 1 
ATOM   755  C CZ  . TYR A 1 209 ? 0.388   -3.223  -12.430 1.00 45.58 ? 193 TYR A CZ  1 
ATOM   756  O OH  . TYR A 1 209 ? 1.243   -4.002  -13.168 1.00 45.64 ? 193 TYR A OH  1 
ATOM   757  N N   . ARG A 1 210 ? -3.995  1.904   -10.042 1.00 44.67 ? 194 ARG A N   1 
ATOM   758  C CA  . ARG A 1 210 ? -5.086  2.663   -9.374  1.00 45.06 ? 194 ARG A CA  1 
ATOM   759  C C   . ARG A 1 210 ? -6.467  2.342   -9.947  1.00 45.64 ? 194 ARG A C   1 
ATOM   760  O O   . ARG A 1 210 ? -6.664  2.545   -11.158 1.00 45.93 ? 194 ARG A O   1 
ATOM   761  C CB  . ARG A 1 210 ? -4.771  4.160   -9.353  1.00 45.47 ? 194 ARG A CB  1 
ATOM   762  C CG  . ARG A 1 210 ? -5.810  4.998   -8.622  1.00 45.31 ? 194 ARG A CG  1 
ATOM   763  C CD  . ARG A 1 210 ? -5.376  6.443   -8.465  1.00 45.49 ? 194 ARG A CD  1 
ATOM   764  N NE  . ARG A 1 210 ? -4.087  6.551   -7.798  1.00 46.03 ? 194 ARG A NE  1 
ATOM   765  C CZ  . ARG A 1 210 ? -2.921  6.657   -8.425  1.00 46.75 ? 194 ARG A CZ  1 
ATOM   766  N NH1 . ARG A 1 210 ? -2.879  6.677   -9.746  1.00 46.87 ? 194 ARG A NH1 1 
ATOM   767  N NH2 . ARG A 1 210 ? -1.803  6.747   -7.730  1.00 46.74 ? 194 ARG A NH2 1 
ATOM   768  N N   . ILE A 1 211 ? -7.383  1.875   -9.103  1.00 45.72 ? 195 ILE A N   1 
ATOM   769  C CA  . ILE A 1 211 ? -8.767  1.609   -9.479  1.00 46.47 ? 195 ILE A CA  1 
ATOM   770  C C   . ILE A 1 211 ? -9.855  2.440   -8.798  1.00 46.78 ? 195 ILE A C   1 
ATOM   771  O O   . ILE A 1 211 ? -9.832  2.605   -7.576  1.00 46.40 ? 195 ILE A O   1 
ATOM   772  C CB  . ILE A 1 211 ? -9.027  0.122   -9.172  1.00 46.75 ? 195 ILE A CB  1 
ATOM   773  C CG1 . ILE A 1 211 ? -8.111  -0.770  -10.037 1.00 47.24 ? 195 ILE A CG1 1 
ATOM   774  C CG2 . ILE A 1 211 ? -10.478 -0.197  -9.375  1.00 46.36 ? 195 ILE A CG2 1 
ATOM   775  C CD1 . ILE A 1 211 ? -6.877  -1.297  -9.312  1.00 48.57 ? 195 ILE A CD1 1 
ATOM   776  N N   . SER A 1 212 ? -10.782 2.994   -9.576  1.00 46.86 ? 196 SER A N   1 
ATOM   777  C CA  . SER A 1 212 ? -11.824 3.864   -9.025  1.00 46.86 ? 196 SER A CA  1 
ATOM   778  C C   . SER A 1 212 ? -13.176 3.168   -8.906  1.00 47.05 ? 196 SER A C   1 
ATOM   779  O O   . SER A 1 212 ? -13.690 2.612   -9.879  1.00 47.50 ? 196 SER A O   1 
ATOM   780  C CB  . SER A 1 212 ? -12.015 5.169   -9.760  1.00 47.06 ? 196 SER A CB  1 
ATOM   781  N N   . PHE A 1 213 ? -13.744 3.201   -7.699  1.00 47.27 ? 197 PHE A N   1 
ATOM   782  C CA  . PHE A 1 213 ? -15.068 2.644   -7.409  1.00 47.59 ? 197 PHE A CA  1 
ATOM   783  C C   . PHE A 1 213 ? -15.406 2.862   -5.943  1.00 47.51 ? 197 PHE A C   1 
ATOM   784  O O   . PHE A 1 213 ? -14.573 2.620   -5.070  1.00 47.32 ? 197 PHE A O   1 
ATOM   785  C CB  . PHE A 1 213 ? -15.161 1.145   -7.733  1.00 47.73 ? 197 PHE A CB  1 
ATOM   786  C CG  . PHE A 1 213 ? -14.316 0.254   -6.890  1.00 47.65 ? 197 PHE A CG  1 
ATOM   787  C CD1 . PHE A 1 213 ? -14.853 -0.380  -5.782  1.00 48.06 ? 197 PHE A CD1 1 
ATOM   788  C CD2 . PHE A 1 213 ? -12.992 0.037   -7.194  1.00 47.42 ? 197 PHE A CD2 1 
ATOM   789  C CE1 . PHE A 1 213 ? -14.077 -1.211  -5.005  1.00 48.17 ? 197 PHE A CE1 1 
ATOM   790  C CE2 . PHE A 1 213 ? -12.224 -0.789  -6.418  1.00 47.55 ? 197 PHE A CE2 1 
ATOM   791  C CZ  . PHE A 1 213 ? -12.768 -1.415  -5.324  1.00 47.67 ? 197 PHE A CZ  1 
ATOM   792  N N   . GLU A 1 214 ? -16.628 3.306   -5.665  1.00 47.57 ? 198 GLU A N   1 
ATOM   793  C CA  . GLU A 1 214 ? -17.036 3.508   -4.281  1.00 47.69 ? 198 GLU A CA  1 
ATOM   794  C C   . GLU A 1 214 ? -17.412 2.196   -3.623  1.00 47.80 ? 198 GLU A C   1 
ATOM   795  O O   . GLU A 1 214 ? -18.151 1.392   -4.191  1.00 48.25 ? 198 GLU A O   1 
ATOM   796  C CB  . GLU A 1 214 ? -18.191 4.500   -4.178  1.00 48.21 ? 198 GLU A CB  1 
ATOM   797  N N   . ASN A 1 215 ? -16.895 1.992   -2.420  1.00 47.28 ? 199 ASN A N   1 
ATOM   798  C CA  . ASN A 1 215 ? -17.136 0.776   -1.667  1.00 47.33 ? 199 ASN A CA  1 
ATOM   799  C C   . ASN A 1 215 ? -17.070 1.057   -0.185  1.00 47.27 ? 199 ASN A C   1 
ATOM   800  O O   . ASN A 1 215 ? -16.262 1.876   0.246   1.00 47.50 ? 199 ASN A O   1 
ATOM   801  C CB  . ASN A 1 215 ? -16.104 -0.252  -2.046  1.00 47.94 ? 199 ASN A CB  1 
ATOM   802  C CG  . ASN A 1 215 ? -16.445 -1.615  -1.636  1.00 47.06 ? 199 ASN A CG  1 
ATOM   803  O OD1 . ASN A 1 215 ? -17.506 -2.113  -2.012  1.00 49.31 ? 199 ASN A OD1 1 
ATOM   804  N ND2 . ASN A 1 215 ? -15.582 -2.244  -0.897  1.00 48.70 ? 199 ASN A ND2 1 
ATOM   805  N N   . LYS A 1 216 ? -17.880 0.373   0.609   1.00 48.00 ? 200 LYS A N   1 
ATOM   806  C CA  . LYS A 1 216 ? -17.727 0.532   2.039   1.00 48.04 ? 200 LYS A CA  1 
ATOM   807  C C   . LYS A 1 216 ? -16.682 -0.451  2.512   1.00 48.09 ? 200 LYS A C   1 
ATOM   808  O O   . LYS A 1 216 ? -16.837 -1.663  2.363   1.00 47.52 ? 200 LYS A O   1 
ATOM   809  C CB  . LYS A 1 216 ? -19.044 0.313   2.779   1.00 48.19 ? 200 LYS A CB  1 
ATOM   810  C CG  . LYS A 1 216 ? -18.956 0.575   4.279   1.00 47.89 ? 200 LYS A CG  1 
ATOM   811  C CD  . LYS A 1 216 ? -20.308 0.438   4.947   1.00 48.34 ? 200 LYS A CD  1 
ATOM   812  C CE  . LYS A 1 216 ? -20.223 0.766   6.428   1.00 48.75 ? 200 LYS A CE  1 
ATOM   813  N NZ  . LYS A 1 216 ? -21.550 0.664   7.096   1.00 49.38 ? 200 LYS A NZ  1 
ATOM   814  N N   . TRP A 1 217 ? -15.593 0.064   3.045   1.00 47.42 ? 201 TRP A N   1 
ATOM   815  C CA  . TRP A 1 217 ? -14.527 -0.800  3.502   1.00 47.32 ? 201 TRP A CA  1 
ATOM   816  C C   . TRP A 1 217 ? -14.682 -1.038  4.979   1.00 47.21 ? 201 TRP A C   1 
ATOM   817  O O   . TRP A 1 217 ? -15.084 -0.137  5.715   1.00 47.50 ? 201 TRP A O   1 
ATOM   818  C CB  . TRP A 1 217 ? -13.163 -0.189  3.206   1.00 46.65 ? 201 TRP A CB  1 
ATOM   819  C CG  . TRP A 1 217 ? -12.896 -0.091  1.756   1.00 46.55 ? 201 TRP A CG  1 
ATOM   820  C CD1 . TRP A 1 217 ? -12.979 1.021   0.989   1.00 46.46 ? 201 TRP A CD1 1 
ATOM   821  C CD2 . TRP A 1 217 ? -12.522 -1.158  0.868   1.00 46.65 ? 201 TRP A CD2 1 
ATOM   822  N NE1 . TRP A 1 217 ? -12.677 0.722   -0.303  1.00 46.32 ? 201 TRP A NE1 1 
ATOM   823  C CE2 . TRP A 1 217 ? -12.404 -0.604  -0.400  1.00 46.42 ? 201 TRP A CE2 1 
ATOM   824  C CE3 . TRP A 1 217 ? -12.292 -2.523  1.043   1.00 46.86 ? 201 TRP A CE3 1 
ATOM   825  C CZ2 . TRP A 1 217 ? -12.066 -1.359  -1.496  1.00 46.41 ? 201 TRP A CZ2 1 
ATOM   826  C CZ3 . TRP A 1 217 ? -11.950 -3.286  -0.060  1.00 47.73 ? 201 TRP A CZ3 1 
ATOM   827  C CH2 . TRP A 1 217 ? -11.840 -2.718  -1.302  1.00 47.42 ? 201 TRP A CH2 1 
ATOM   828  N N   . PHE A 1 218 ? -14.339 -2.228  5.428   1.00 47.36 ? 202 PHE A N   1 
ATOM   829  C CA  . PHE A 1 218 ? -14.368 -2.486  6.849   1.00 47.44 ? 202 PHE A CA  1 
ATOM   830  C C   . PHE A 1 218 ? -12.942 -2.641  7.305   1.00 47.49 ? 202 PHE A C   1 
ATOM   831  O O   . PHE A 1 218 ? -12.104 -3.138  6.557   1.00 47.41 ? 202 PHE A O   1 
ATOM   832  C CB  . PHE A 1 218 ? -15.160 -3.748  7.159   1.00 47.97 ? 202 PHE A CB  1 
ATOM   833  C CG  . PHE A 1 218 ? -16.562 -3.672  6.683   1.00 48.24 ? 202 PHE A CG  1 
ATOM   834  C CD1 . PHE A 1 218 ? -16.922 -4.337  5.544   1.00 48.30 ? 202 PHE A CD1 1 
ATOM   835  C CD2 . PHE A 1 218 ? -17.513 -2.928  7.345   1.00 48.05 ? 202 PHE A CD2 1 
ATOM   836  C CE1 . PHE A 1 218 ? -18.196 -4.279  5.060   1.00 48.20 ? 202 PHE A CE1 1 
ATOM   837  C CE2 . PHE A 1 218 ? -18.801 -2.863  6.865   1.00 48.27 ? 202 PHE A CE2 1 
ATOM   838  C CZ  . PHE A 1 218 ? -19.141 -3.542  5.716   1.00 48.44 ? 202 PHE A CZ  1 
ATOM   839  N N   . GLY A 1 219 ? -12.657 -2.256  8.534   1.00 47.40 ? 203 GLY A N   1 
ATOM   840  C CA  . GLY A 1 219 ? -11.308 -2.402  9.062   1.00 46.57 ? 203 GLY A CA  1 
ATOM   841  C C   . GLY A 1 219 ? -11.047 -3.832  9.511   1.00 47.01 ? 203 GLY A C   1 
ATOM   842  O O   . GLY A 1 219 ? -10.705 -4.064  10.667  1.00 46.92 ? 203 GLY A O   1 
ATOM   843  N N   . THR A 1 220 ? -11.248 -4.788  8.608   1.00 46.85 ? 204 THR A N   1 
ATOM   844  C CA  . THR A 1 220 ? -11.010 -6.193  8.898   1.00 47.10 ? 204 THR A CA  1 
ATOM   845  C C   . THR A 1 220 ? -10.150 -6.832  7.817   1.00 47.24 ? 204 THR A C   1 
ATOM   846  O O   . THR A 1 220 ? -10.548 -6.902  6.649   1.00 47.33 ? 204 THR A O   1 
ATOM   847  C CB  . THR A 1 220 ? -12.336 -6.967  9.022   1.00 47.44 ? 204 THR A CB  1 
ATOM   848  N N   . VAL A 1 221 ? -8.983  -7.325  8.214   1.00 47.38 ? 205 VAL A N   1 
ATOM   849  C CA  . VAL A 1 221 ? -8.080  -7.986  7.287   1.00 47.35 ? 205 VAL A CA  1 
ATOM   850  C C   . VAL A 1 221 ? -7.638  -9.337  7.832   1.00 48.03 ? 205 VAL A C   1 
ATOM   851  O O   . VAL A 1 221 ? -7.188  -9.436  8.974   1.00 48.03 ? 205 VAL A O   1 
ATOM   852  C CB  . VAL A 1 221 ? -6.857  -7.095  6.999   1.00 46.97 ? 205 VAL A CB  1 
ATOM   853  N N   . THR A 1 222 ? -7.760  -10.377 7.014   1.00 47.96 ? 206 THR A N   1 
ATOM   854  C CA  . THR A 1 222 ? -7.357  -11.716 7.433   1.00 48.14 ? 206 THR A CA  1 
ATOM   855  C C   . THR A 1 222 ? -6.314  -12.296 6.487   1.00 48.03 ? 206 THR A C   1 
ATOM   856  O O   . THR A 1 222 ? -6.474  -12.244 5.269   1.00 48.02 ? 206 THR A O   1 
ATOM   857  C CB  . THR A 1 222 ? -8.567  -12.668 7.505   1.00 48.42 ? 206 THR A CB  1 
ATOM   858  N N   . LEU A 1 223 ? -5.236  -12.842 7.041   1.00 48.36 ? 207 LEU A N   1 
ATOM   859  C CA  . LEU A 1 223 ? -4.216  -13.453 6.196   1.00 48.29 ? 207 LEU A CA  1 
ATOM   860  C C   . LEU A 1 223 ? -3.825  -14.871 6.642   1.00 49.03 ? 207 LEU A C   1 
ATOM   861  O O   . LEU A 1 223 ? -3.920  -15.218 7.826   1.00 49.43 ? 207 LEU A O   1 
ATOM   862  C CB  . LEU A 1 223 ? -2.987  -12.524 6.098   1.00 47.99 ? 207 LEU A CB  1 
ATOM   863  N N   . GLY A 1 224 ? -3.367  -15.682 5.669   1.00 48.70 ? 208 GLY A N   1 
ATOM   864  C CA  . GLY A 1 224 ? -2.882  -17.042 5.879   1.00 49.24 ? 208 GLY A CA  1 
ATOM   865  C C   . GLY A 1 224 ? -1.385  -17.113 5.625   1.00 49.16 ? 208 GLY A C   1 
ATOM   866  O O   . GLY A 1 224 ? -0.840  -18.193 5.399   1.00 49.76 ? 208 GLY A O   1 
ATOM   867  N N   . TRP A 1 241 ? 7.675   -14.183 5.082   1.00 45.27 ? 225 TRP A N   1 
ATOM   868  C CA  . TRP A 1 241 ? 6.543   -13.310 4.793   1.00 44.69 ? 225 TRP A CA  1 
ATOM   869  C C   . TRP A 1 241 ? 6.270   -12.352 5.959   1.00 45.19 ? 225 TRP A C   1 
ATOM   870  O O   . TRP A 1 241 ? 5.424   -12.619 6.822   1.00 45.22 ? 225 TRP A O   1 
ATOM   871  C CB  . TRP A 1 241 ? 5.270   -14.128 4.448   1.00 44.77 ? 225 TRP A CB  1 
ATOM   872  C CG  . TRP A 1 241 ? 5.331   -14.829 3.095   1.00 45.60 ? 225 TRP A CG  1 
ATOM   873  C CD1 . TRP A 1 241 ? 5.602   -16.160 2.846   1.00 45.87 ? 225 TRP A CD1 1 
ATOM   874  C CD2 . TRP A 1 241 ? 5.127   -14.212 1.801   1.00 45.67 ? 225 TRP A CD2 1 
ATOM   875  N NE1 . TRP A 1 241 ? 5.575   -16.416 1.490   1.00 46.01 ? 225 TRP A NE1 1 
ATOM   876  C CE2 . TRP A 1 241 ? 5.288   -15.248 0.821   1.00 45.93 ? 225 TRP A CE2 1 
ATOM   877  C CE3 . TRP A 1 241 ? 4.815   -12.846 1.365   1.00 44.99 ? 225 TRP A CE3 1 
ATOM   878  C CZ2 . TRP A 1 241 ? 5.154   -14.987 -0.598  1.00 45.90 ? 225 TRP A CZ2 1 
ATOM   879  C CZ3 . TRP A 1 241 ? 4.680   -12.580 -0.050  1.00 44.97 ? 225 TRP A CZ3 1 
ATOM   880  C CH2 . TRP A 1 241 ? 4.846   -13.626 -1.009  1.00 45.80 ? 225 TRP A CH2 1 
ATOM   881  N N   . TRP A 1 242 ? 6.991   -11.220 5.959   1.00 44.57 ? 226 TRP A N   1 
ATOM   882  C CA  . TRP A 1 242 ? 6.819   -10.132 6.922   1.00 43.98 ? 226 TRP A CA  1 
ATOM   883  C C   . TRP A 1 242 ? 5.754   -9.137  6.479   1.00 43.78 ? 226 TRP A C   1 
ATOM   884  O O   . TRP A 1 242 ? 5.771   -8.650  5.346   1.00 42.97 ? 226 TRP A O   1 
ATOM   885  C CB  . TRP A 1 242 ? 8.138   -9.404  7.128   1.00 44.23 ? 226 TRP A CB  1 
ATOM   886  C CG  . TRP A 1 242 ? 9.075   -10.100 8.014   1.00 44.65 ? 226 TRP A CG  1 
ATOM   887  C CD1 . TRP A 1 242 ? 10.106  -10.911 7.675   1.00 44.88 ? 226 TRP A CD1 1 
ATOM   888  C CD2 . TRP A 1 242 ? 9.072   -10.024 9.446   1.00 44.88 ? 226 TRP A CD2 1 
ATOM   889  N NE1 . TRP A 1 242 ? 10.743  -11.355 8.808   1.00 45.27 ? 226 TRP A NE1 1 
ATOM   890  C CE2 . TRP A 1 242 ? 10.119  -10.818 9.900   1.00 45.27 ? 226 TRP A CE2 1 
ATOM   891  C CE3 . TRP A 1 242 ? 8.270   -9.350  10.372  1.00 44.88 ? 226 TRP A CE3 1 
ATOM   892  C CZ2 . TRP A 1 242 ? 10.390  -10.967 11.246  1.00 45.66 ? 226 TRP A CZ2 1 
ATOM   893  C CZ3 . TRP A 1 242 ? 8.538   -9.499  11.721  1.00 45.47 ? 226 TRP A CZ3 1 
ATOM   894  C CH2 . TRP A 1 242 ? 9.570   -10.287 12.148  1.00 45.59 ? 226 TRP A CH2 1 
ATOM   895  N N   . PHE A 1 243 ? 4.859   -8.809  7.402   1.00 43.34 ? 227 PHE A N   1 
ATOM   896  C CA  . PHE A 1 243 ? 3.780   -7.858  7.168   1.00 43.22 ? 227 PHE A CA  1 
ATOM   897  C C   . PHE A 1 243 ? 3.965   -6.558  7.939   1.00 42.93 ? 227 PHE A C   1 
ATOM   898  O O   . PHE A 1 243 ? 4.538   -6.530  9.028   1.00 43.05 ? 227 PHE A O   1 
ATOM   899  C CB  . PHE A 1 243 ? 2.437   -8.496  7.507   1.00 43.49 ? 227 PHE A CB  1 
ATOM   900  C CG  . PHE A 1 243 ? 2.037   -9.516  6.502   1.00 43.72 ? 227 PHE A CG  1 
ATOM   901  C CD1 . PHE A 1 243 ? 2.403   -10.839 6.638   1.00 44.74 ? 227 PHE A CD1 1 
ATOM   902  C CD2 . PHE A 1 243 ? 1.302   -9.142  5.396   1.00 43.92 ? 227 PHE A CD2 1 
ATOM   903  C CE1 . PHE A 1 243 ? 2.043   -11.767 5.681   1.00 44.96 ? 227 PHE A CE1 1 
ATOM   904  C CE2 . PHE A 1 243 ? 0.943   -10.060 4.440   1.00 44.33 ? 227 PHE A CE2 1 
ATOM   905  C CZ  . PHE A 1 243 ? 1.311   -11.377 4.580   1.00 44.59 ? 227 PHE A CZ  1 
ATOM   906  N N   . ASN A 1 244 ? 3.463   -5.480  7.361   1.00 42.32 ? 228 ASN A N   1 
ATOM   907  C CA  . ASN A 1 244 ? 3.605   -4.139  7.892   1.00 42.32 ? 228 ASN A CA  1 
ATOM   908  C C   . ASN A 1 244 ? 2.295   -3.357  7.853   1.00 41.50 ? 228 ASN A C   1 
ATOM   909  O O   . ASN A 1 244 ? 2.075   -2.595  6.909   1.00 41.44 ? 228 ASN A O   1 
ATOM   910  C CB  . ASN A 1 244 ? 4.630   -3.411  7.068   1.00 41.95 ? 228 ASN A CB  1 
ATOM   911  N N   . PRO A 1 245 ? 1.400   -3.545  8.829   1.00 41.59 ? 229 PRO A N   1 
ATOM   912  C CA  . PRO A 1 245 ? 0.094   -2.919  8.905   1.00 41.85 ? 229 PRO A CA  1 
ATOM   913  C C   . PRO A 1 245 ? 0.224   -1.427  9.147   1.00 41.78 ? 229 PRO A C   1 
ATOM   914  O O   . PRO A 1 245 ? 1.070   -0.995  9.929   1.00 41.79 ? 229 PRO A O   1 
ATOM   915  C CB  . PRO A 1 245 ? -0.548  -3.643  10.090  1.00 42.13 ? 229 PRO A CB  1 
ATOM   916  C CG  . PRO A 1 245 ? 0.605   -4.127  10.928  1.00 42.51 ? 229 PRO A CG  1 
ATOM   917  C CD  . PRO A 1 245 ? 1.726   -4.416  9.956   1.00 42.21 ? 229 PRO A CD  1 
ATOM   918  N N   . VAL A 1 246 ? -0.641  -0.647  8.513   1.00 41.22 ? 230 VAL A N   1 
ATOM   919  C CA  . VAL A 1 246 ? -0.634  0.794   8.690   1.00 40.47 ? 230 VAL A CA  1 
ATOM   920  C C   . VAL A 1 246 ? -1.949  1.274   9.277   1.00 40.67 ? 230 VAL A C   1 
ATOM   921  O O   . VAL A 1 246 ? -3.023  1.043   8.712   1.00 41.19 ? 230 VAL A O   1 
ATOM   922  C CB  . VAL A 1 246 ? -0.372  1.486   7.347   1.00 40.44 ? 230 VAL A CB  1 
ATOM   923  N N   . TYR A 1 247 ? -1.852  1.960   10.413  1.00 40.27 ? 231 TYR A N   1 
ATOM   924  C CA  . TYR A 1 247 ? -3.026  2.429   11.144  1.00 40.50 ? 231 TYR A CA  1 
ATOM   925  C C   . TYR A 1 247 ? -3.298  3.921   11.003  1.00 39.96 ? 231 TYR A C   1 
ATOM   926  O O   . TYR A 1 247 ? -4.422  4.367   11.235  1.00 40.25 ? 231 TYR A O   1 
ATOM   927  C CB  . TYR A 1 247 ? -2.853  2.111   12.623  1.00 41.07 ? 231 TYR A CB  1 
ATOM   928  C CG  . TYR A 1 247 ? -2.743  0.658   12.910  1.00 41.44 ? 231 TYR A CG  1 
ATOM   929  C CD1 . TYR A 1 247 ? -1.499  0.056   12.898  1.00 41.91 ? 231 TYR A CD1 1 
ATOM   930  C CD2 . TYR A 1 247 ? -3.872  -0.077  13.202  1.00 41.99 ? 231 TYR A CD2 1 
ATOM   931  C CE1 . TYR A 1 247 ? -1.383  -1.278  13.170  1.00 42.52 ? 231 TYR A CE1 1 
ATOM   932  C CE2 . TYR A 1 247 ? -3.755  -1.415  13.481  1.00 42.69 ? 231 TYR A CE2 1 
ATOM   933  C CZ  . TYR A 1 247 ? -2.515  -2.017  13.465  1.00 43.06 ? 231 TYR A CZ  1 
ATOM   934  O OH  . TYR A 1 247 ? -2.396  -3.356  13.743  1.00 43.66 ? 231 TYR A OH  1 
ATOM   935  N N   . ASP A 1 248 ? -2.272  4.703   10.685  1.00 39.24 ? 232 ASP A N   1 
ATOM   936  C CA  . ASP A 1 248 ? -2.428  6.152   10.646  1.00 38.34 ? 232 ASP A CA  1 
ATOM   937  C C   . ASP A 1 248 ? -1.492  6.769   9.615   1.00 37.90 ? 232 ASP A C   1 
ATOM   938  O O   . ASP A 1 248 ? -0.720  6.061   8.971   1.00 38.17 ? 232 ASP A O   1 
ATOM   939  C CB  . ASP A 1 248 ? -2.155  6.734   12.045  1.00 38.79 ? 232 ASP A CB  1 
ATOM   940  N N   . VAL A 1 249 ? -1.564  8.083   9.474   1.00 36.82 ? 233 VAL A N   1 
ATOM   941  C CA  . VAL A 1 249 ? -0.788  8.828   8.496   1.00 36.00 ? 233 VAL A CA  1 
ATOM   942  C C   . VAL A 1 249 ? 0.615   9.181   8.961   1.00 35.36 ? 233 VAL A C   1 
ATOM   943  O O   . VAL A 1 249 ? 0.817   9.685   10.065  1.00 35.80 ? 233 VAL A O   1 
ATOM   944  C CB  . VAL A 1 249 ? -1.545  10.108  8.113   1.00 35.91 ? 233 VAL A CB  1 
ATOM   945  N N   . THR A 1 250 ? 1.576   8.934   8.081   1.00 34.95 ? 234 THR A N   1 
ATOM   946  C CA  . THR A 1 250 ? 2.978   9.246   8.312   1.00 34.14 ? 234 THR A CA  1 
ATOM   947  C C   . THR A 1 250 ? 3.403   10.328  7.334   1.00 34.19 ? 234 THR A C   1 
ATOM   948  O O   . THR A 1 250 ? 2.992   10.323  6.173   1.00 33.59 ? 234 THR A O   1 
ATOM   949  C CB  . THR A 1 250 ? 3.870   8.004   8.148   1.00 34.68 ? 234 THR A CB  1 
ATOM   950  N N   . TYR A 1 251 ? 4.180   11.287  7.805   1.00 32.85 ? 235 TYR A N   1 
ATOM   951  C CA  . TYR A 1 251 ? 4.596   12.378  6.940   1.00 32.26 ? 235 TYR A CA  1 
ATOM   952  C C   . TYR A 1 251 ? 6.056   12.274  6.528   1.00 32.23 ? 235 TYR A C   1 
ATOM   953  O O   . TYR A 1 251 ? 6.937   12.076  7.364   1.00 32.76 ? 235 TYR A O   1 
ATOM   954  C CB  . TYR A 1 251 ? 4.345   13.700  7.658   1.00 32.06 ? 235 TYR A CB  1 
ATOM   955  C CG  . TYR A 1 251 ? 2.887   13.968  7.900   1.00 31.74 ? 235 TYR A CG  1 
ATOM   956  C CD1 . TYR A 1 251 ? 2.251   13.380  8.972   1.00 32.87 ? 235 TYR A CD1 1 
ATOM   957  C CD2 . TYR A 1 251 ? 2.188   14.798  7.062   1.00 31.38 ? 235 TYR A CD2 1 
ATOM   958  C CE1 . TYR A 1 251 ? 0.920   13.615  9.195   1.00 33.06 ? 235 TYR A CE1 1 
ATOM   959  C CE2 . TYR A 1 251 ? 0.858   15.037  7.284   1.00 31.42 ? 235 TYR A CE2 1 
ATOM   960  C CZ  . TYR A 1 251 ? 0.223   14.447  8.344   1.00 32.03 ? 235 TYR A CZ  1 
ATOM   961  O OH  . TYR A 1 251 ? -1.111  14.679  8.564   1.00 32.47 ? 235 TYR A OH  1 
ATOM   962  N N   . TYR A 1 252 ? 6.310   12.455  5.237   1.00 31.44 ? 236 TYR A N   1 
ATOM   963  C CA  . TYR A 1 252 ? 7.672   12.505  4.716   1.00 30.56 ? 236 TYR A CA  1 
ATOM   964  C C   . TYR A 1 252 ? 7.879   13.737  3.869   1.00 30.64 ? 236 TYR A C   1 
ATOM   965  O O   . TYR A 1 252 ? 6.962   14.202  3.200   1.00 30.61 ? 236 TYR A O   1 
ATOM   966  C CB  . TYR A 1 252 ? 8.008   11.268  3.898   1.00 31.65 ? 236 TYR A CB  1 
ATOM   967  C CG  . TYR A 1 252 ? 8.039   10.030  4.694   1.00 32.79 ? 236 TYR A CG  1 
ATOM   968  C CD1 . TYR A 1 252 ? 6.957   9.184   4.714   1.00 33.90 ? 236 TYR A CD1 1 
ATOM   969  C CD2 . TYR A 1 252 ? 9.157   9.742   5.424   1.00 32.57 ? 236 TYR A CD2 1 
ATOM   970  C CE1 . TYR A 1 252 ? 7.006   8.038   5.460   1.00 34.11 ? 236 TYR A CE1 1 
ATOM   971  C CE2 . TYR A 1 252 ? 9.209   8.613   6.169   1.00 32.86 ? 236 TYR A CE2 1 
ATOM   972  C CZ  . TYR A 1 252 ? 8.141   7.752   6.193   1.00 33.47 ? 236 TYR A CZ  1 
ATOM   973  O OH  . TYR A 1 252 ? 8.195   6.601   6.945   1.00 34.63 ? 236 TYR A OH  1 
ATOM   974  N N   . ARG A 1 253 ? 9.088   14.259  3.867   1.00 30.36 ? 237 ARG A N   1 
ATOM   975  C CA  . ARG A 1 253 ? 9.390   15.427  3.059   1.00 29.60 ? 237 ARG A CA  1 
ATOM   976  C C   . ARG A 1 253 ? 10.296  15.075  1.899   1.00 29.51 ? 237 ARG A C   1 
ATOM   977  O O   . ARG A 1 253 ? 11.342  14.446  2.063   1.00 30.18 ? 237 ARG A O   1 
ATOM   978  C CB  . ARG A 1 253 ? 10.016  16.505  3.918   1.00 30.06 ? 237 ARG A CB  1 
ATOM   979  C CG  . ARG A 1 253 ? 10.304  17.819  3.228   1.00 29.02 ? 237 ARG A CG  1 
ATOM   980  C CD  . ARG A 1 253 ? 10.703  18.841  4.214   1.00 28.81 ? 237 ARG A CD  1 
ATOM   981  N NE  . ARG A 1 253 ? 10.985  20.125  3.601   1.00 29.22 ? 237 ARG A NE  1 
ATOM   982  C CZ  . ARG A 1 253 ? 11.305  21.240  4.287   1.00 29.99 ? 237 ARG A CZ  1 
ATOM   983  N NH1 . ARG A 1 253 ? 11.373  21.214  5.605   1.00 30.30 ? 237 ARG A NH1 1 
ATOM   984  N NH2 . ARG A 1 253 ? 11.555  22.366  3.634   1.00 30.20 ? 237 ARG A NH2 1 
ATOM   985  N N   . VAL A 1 254 ? 9.881   15.474  0.712   1.00 28.46 ? 238 VAL A N   1 
ATOM   986  C CA  . VAL A 1 254 ? 10.662  15.181  -0.472  1.00 27.97 ? 238 VAL A CA  1 
ATOM   987  C C   . VAL A 1 254 ? 11.088  16.458  -1.172  1.00 28.50 ? 238 VAL A C   1 
ATOM   988  O O   . VAL A 1 254 ? 10.284  17.365  -1.396  1.00 28.40 ? 238 VAL A O   1 
ATOM   989  C CB  . VAL A 1 254 ? 9.876   14.252  -1.408  1.00 29.10 ? 238 VAL A CB  1 
ATOM   990  N N   . ASN A 1 255 ? 12.368  16.519  -1.510  1.00 28.38 ? 239 ASN A N   1 
ATOM   991  C CA  . ASN A 1 255 ? 12.963  17.696  -2.132  1.00 27.93 ? 239 ASN A CA  1 
ATOM   992  C C   . ASN A 1 255 ? 13.894  17.324  -3.277  1.00 28.33 ? 239 ASN A C   1 
ATOM   993  O O   . ASN A 1 255 ? 14.939  16.714  -3.054  1.00 28.80 ? 239 ASN A O   1 
ATOM   994  C CB  . ASN A 1 255 ? 13.694  18.505  -1.082  1.00 27.89 ? 239 ASN A CB  1 
ATOM   995  C CG  . ASN A 1 255 ? 14.262  19.795  -1.587  1.00 28.10 ? 239 ASN A CG  1 
ATOM   996  O OD1 . ASN A 1 255 ? 14.571  19.967  -2.775  1.00 27.91 ? 239 ASN A OD1 1 
ATOM   997  N ND2 . ASN A 1 255 ? 14.416  20.731  -0.679  1.00 28.29 ? 239 ASN A ND2 1 
ATOM   998  N N   . ASN A 1 256 ? 13.507  17.665  -4.508  1.00 27.90 ? 240 ASN A N   1 
ATOM   999  C CA  . ASN A 1 256 ? 14.302  17.305  -5.684  1.00 27.98 ? 240 ASN A CA  1 
ATOM   1000 C C   . ASN A 1 256 ? 14.828  18.545  -6.395  1.00 27.96 ? 240 ASN A C   1 
ATOM   1001 O O   . ASN A 1 256 ? 15.152  18.502  -7.583  1.00 27.84 ? 240 ASN A O   1 
ATOM   1002 C CB  . ASN A 1 256 ? 13.488  16.480  -6.662  1.00 27.99 ? 240 ASN A CB  1 
ATOM   1003 C CG  . ASN A 1 256 ? 12.387  17.285  -7.282  1.00 28.02 ? 240 ASN A CG  1 
ATOM   1004 O OD1 . ASN A 1 256 ? 12.176  18.434  -6.874  1.00 27.79 ? 240 ASN A OD1 1 
ATOM   1005 N ND2 . ASN A 1 256 ? 11.697  16.734  -8.250  1.00 27.71 ? 240 ASN A ND2 1 
ATOM   1006 N N   . LYS A 1 257 ? 14.896  19.653  -5.675  1.00 27.62 ? 241 LYS A N   1 
ATOM   1007 C CA  . LYS A 1 257 ? 15.277  20.923  -6.290  1.00 27.68 ? 241 LYS A CA  1 
ATOM   1008 C C   . LYS A 1 257 ? 16.683  20.964  -6.910  1.00 28.30 ? 241 LYS A C   1 
ATOM   1009 O O   . LYS A 1 257 ? 16.897  21.705  -7.869  1.00 28.08 ? 241 LYS A O   1 
ATOM   1010 C CB  . LYS A 1 257 ? 15.093  22.066  -5.292  1.00 27.93 ? 241 LYS A CB  1 
ATOM   1011 C CG  . LYS A 1 257 ? 13.616  22.403  -5.040  1.00 27.82 ? 241 LYS A CG  1 
ATOM   1012 C CD  . LYS A 1 257 ? 13.414  23.421  -3.932  1.00 27.10 ? 241 LYS A CD  1 
ATOM   1013 C CE  . LYS A 1 257 ? 13.786  24.823  -4.373  1.00 26.75 ? 241 LYS A CE  1 
ATOM   1014 N NZ  . LYS A 1 257 ? 13.444  25.828  -3.336  1.00 27.18 ? 241 LYS A NZ  1 
ATOM   1015 N N   . ASN A 1 258 ? 17.645  20.181  -6.375  1.00 28.42 ? 242 ASN A N   1 
ATOM   1016 C CA  . ASN A 1 258 ? 19.025  20.178  -6.883  1.00 28.56 ? 242 ASN A CA  1 
ATOM   1017 C C   . ASN A 1 258 ? 19.267  19.110  -7.973  1.00 28.44 ? 242 ASN A C   1 
ATOM   1018 O O   . ASN A 1 258 ? 20.404  18.913  -8.400  1.00 28.97 ? 242 ASN A O   1 
ATOM   1019 C CB  . ASN A 1 258 ? 20.021  20.041  -5.714  1.00 28.76 ? 242 ASN A CB  1 
ATOM   1020 C CG  . ASN A 1 258 ? 20.334  18.587  -5.247  1.00 29.46 ? 242 ASN A CG  1 
ATOM   1021 O OD1 . ASN A 1 258 ? 19.664  17.611  -5.636  1.00 29.27 ? 242 ASN A OD1 1 
ATOM   1022 N ND2 . ASN A 1 258 ? 21.369  18.461  -4.416  1.00 29.61 ? 242 ASN A ND2 1 
ATOM   1023 N N   . GLY A 1 259 ? 18.197  18.429  -8.446  1.00 28.55 ? 243 GLY A N   1 
ATOM   1024 C CA  . GLY A 1 259 ? 18.268  17.408  -9.498  1.00 28.96 ? 243 GLY A CA  1 
ATOM   1025 C C   . GLY A 1 259 ? 18.220  15.972  -8.972  1.00 29.24 ? 243 GLY A C   1 
ATOM   1026 O O   . GLY A 1 259 ? 17.947  15.040  -9.730  1.00 29.18 ? 243 GLY A O   1 
ATOM   1027 N N   . THR A 1 260 ? 18.456  15.790  -7.680  1.00 28.60 ? 244 THR A N   1 
ATOM   1028 C CA  . THR A 1 260 ? 18.391  14.463  -7.078  1.00 28.40 ? 244 THR A CA  1 
ATOM   1029 C C   . THR A 1 260 ? 17.273  14.442  -6.064  1.00 28.69 ? 244 THR A C   1 
ATOM   1030 O O   . THR A 1 260 ? 17.165  15.347  -5.244  1.00 28.77 ? 244 THR A O   1 
ATOM   1031 C CB  . THR A 1 260 ? 19.717  14.078  -6.405  1.00 29.12 ? 244 THR A CB  1 
ATOM   1032 N N   . THR A 1 261 ? 16.425  13.427  -6.111  1.00 28.85 ? 245 THR A N   1 
ATOM   1033 C CA  . THR A 1 261 ? 15.323  13.401  -5.162  1.00 29.37 ? 245 THR A CA  1 
ATOM   1034 C C   . THR A 1 261 ? 15.795  12.885  -3.811  1.00 29.65 ? 245 THR A C   1 
ATOM   1035 O O   . THR A 1 261 ? 16.296  11.766  -3.699  1.00 30.08 ? 245 THR A O   1 
ATOM   1036 C CB  . THR A 1 261 ? 14.166  12.529  -5.685  1.00 29.39 ? 245 THR A CB  1 
ATOM   1037 O OG1 . THR A 1 261 ? 13.716  13.038  -6.947  1.00 29.30 ? 245 THR A OG1 1 
ATOM   1038 C CG2 . THR A 1 261 ? 13.012  12.573  -4.712  1.00 29.49 ? 245 THR A CG2 1 
ATOM   1039 N N   . ILE A 1 262 ? 15.610  13.707  -2.786  1.00 29.16 ? 246 ILE A N   1 
ATOM   1040 C CA  . ILE A 1 262 ? 16.027  13.394  -1.429  1.00 28.87 ? 246 ILE A CA  1 
ATOM   1041 C C   . ILE A 1 262 ? 14.828  13.222  -0.507  1.00 29.85 ? 246 ILE A C   1 
ATOM   1042 O O   . ILE A 1 262 ? 13.889  14.020  -0.534  1.00 29.77 ? 246 ILE A O   1 
ATOM   1043 C CB  . ILE A 1 262 ? 16.953  14.501  -0.892  1.00 29.17 ? 246 ILE A CB  1 
ATOM   1044 C CG1 . ILE A 1 262 ? 18.141  14.716  -1.872  1.00 29.01 ? 246 ILE A CG1 1 
ATOM   1045 C CG2 . ILE A 1 262 ? 17.441  14.170  0.520   1.00 30.14 ? 246 ILE A CG2 1 
ATOM   1046 C CD1 . ILE A 1 262 ? 19.032  13.509  -2.103  1.00 29.52 ? 246 ILE A CD1 1 
ATOM   1047 N N   . VAL A 1 263 ? 14.856  12.169  0.305   1.00 30.11 ? 247 VAL A N   1 
ATOM   1048 C CA  . VAL A 1 263 ? 13.767  11.880  1.235   1.00 30.42 ? 247 VAL A CA  1 
ATOM   1049 C C   . VAL A 1 263 ? 14.201  11.968  2.698   1.00 30.55 ? 247 VAL A C   1 
ATOM   1050 O O   . VAL A 1 263 ? 15.171  11.330  3.108   1.00 31.12 ? 247 VAL A O   1 
ATOM   1051 C CB  . VAL A 1 263 ? 13.204  10.476  0.949   1.00 30.97 ? 247 VAL A CB  1 
ATOM   1052 C CG1 . VAL A 1 263 ? 12.106  10.128  1.940   1.00 31.30 ? 247 VAL A CG1 1 
ATOM   1053 C CG2 . VAL A 1 263 ? 12.663  10.428  -0.478  1.00 31.47 ? 247 VAL A CG2 1 
ATOM   1054 N N   . SER A 1 264 ? 13.456  12.739  3.485   1.00 30.29 ? 248 SER A N   1 
ATOM   1055 C CA  . SER A 1 264 ? 13.720  12.914  4.914   1.00 30.88 ? 248 SER A CA  1 
ATOM   1056 C C   . SER A 1 264 ? 12.402  13.089  5.681   1.00 31.12 ? 248 SER A C   1 
ATOM   1057 O O   . SER A 1 264 ? 11.342  13.143  5.059   1.00 31.59 ? 248 SER A O   1 
ATOM   1058 C CB  . SER A 1 264 ? 14.637  14.106  5.124   1.00 31.71 ? 248 SER A CB  1 
ATOM   1059 N N   . ASN A 1 265 ? 12.455  13.138  7.024   1.00 31.45 ? 249 ASN A N   1 
ATOM   1060 C CA  . ASN A 1 265 ? 11.273  13.283  7.883   1.00 31.72 ? 249 ASN A CA  1 
ATOM   1061 C C   . ASN A 1 265 ? 10.933  14.760  8.138   1.00 32.15 ? 249 ASN A C   1 
ATOM   1062 O O   . ASN A 1 265 ? 11.836  15.590  8.281   1.00 31.97 ? 249 ASN A O   1 
ATOM   1063 C CB  . ASN A 1 265 ? 11.486  12.555  9.213   1.00 32.56 ? 249 ASN A CB  1 
ATOM   1064 C CG  . ASN A 1 265 ? 11.803  11.055  9.064   1.00 32.94 ? 249 ASN A CG  1 
ATOM   1065 O OD1 . ASN A 1 265 ? 11.185  10.368  8.239   1.00 33.39 ? 249 ASN A OD1 1 
ATOM   1066 N ND2 . ASN A 1 265 ? 12.745  10.564  9.861   1.00 33.80 ? 249 ASN A ND2 1 
ATOM   1067 N N   . CYS A 1 266 ? 9.619   15.087  8.240   1.00 31.53 ? 250 CYS A N   1 
ATOM   1068 C CA  . CYS A 1 266 ? 9.135   16.417  8.636   1.00 31.56 ? 250 CYS A CA  1 
ATOM   1069 C C   . CYS A 1 266 ? 7.688   16.300  9.122   1.00 31.47 ? 250 CYS A C   1 
ATOM   1070 O O   . CYS A 1 266 ? 7.137   15.202  9.169   1.00 31.67 ? 250 CYS A O   1 
ATOM   1071 C CB  . CYS A 1 266 ? 9.240   17.433  7.479   1.00 30.90 ? 250 CYS A CB  1 
HETATM 1072 C C1  . NAG B 2 .   ? 13.104  9.099   9.839   1.00 34.01 ? 1   NAG B C1  1 
HETATM 1073 C C2  . NAG B 2 .   ? 14.638  8.918   9.506   1.00 34.37 ? 1   NAG B C2  1 
HETATM 1074 C C3  . NAG B 2 .   ? 14.966  7.397   9.550   1.00 35.27 ? 1   NAG B C3  1 
HETATM 1075 C C4  . NAG B 2 .   ? 14.625  6.824   10.954  1.00 35.71 ? 1   NAG B C4  1 
HETATM 1076 C C5  . NAG B 2 .   ? 13.113  7.078   11.222  1.00 35.37 ? 1   NAG B C5  1 
HETATM 1077 C C6  . NAG B 2 .   ? 12.676  6.585   12.595  1.00 36.16 ? 1   NAG B C6  1 
HETATM 1078 C C7  . NAG B 2 .   ? 16.053  9.960   7.792   1.00 34.18 ? 1   NAG B C7  1 
HETATM 1079 C C8  . NAG B 2 .   ? 16.271  10.459  6.396   1.00 33.51 ? 1   NAG B C8  1 
HETATM 1080 N N2  . NAG B 2 .   ? 14.881  9.429   8.142   1.00 34.55 ? 1   NAG B N2  1 
HETATM 1081 O O3  . NAG B 2 .   ? 16.357  7.196   9.267   1.00 35.48 ? 1   NAG B O3  1 
HETATM 1082 O O4  . NAG B 2 .   ? 14.845  5.389   10.977  1.00 36.17 ? 1   NAG B O4  1 
HETATM 1083 O O5  . NAG B 2 .   ? 12.821  8.521   11.145  1.00 34.51 ? 1   NAG B O5  1 
HETATM 1084 O O6  . NAG B 2 .   ? 11.265  6.670   12.756  1.00 36.35 ? 1   NAG B O6  1 
HETATM 1085 O O7  . NAG B 2 .   ? 16.979  10.053  8.610   1.00 34.45 ? 1   NAG B O7  1 
HETATM 1086 C C1  . NAG B 2 .   ? 16.240  4.928   11.332  1.00 36.20 ? 2   NAG B C1  1 
HETATM 1087 C C2  . NAG B 2 .   ? 16.119  3.776   12.389  1.00 36.39 ? 2   NAG B C2  1 
HETATM 1088 C C3  . NAG B 2 .   ? 17.554  3.307   12.761  1.00 36.94 ? 2   NAG B C3  1 
HETATM 1089 C C4  . NAG B 2 .   ? 18.289  2.839   11.473  1.00 36.87 ? 2   NAG B C4  1 
HETATM 1090 C C5  . NAG B 2 .   ? 18.345  4.030   10.468  1.00 36.69 ? 2   NAG B C5  1 
HETATM 1091 C C6  . NAG B 2 .   ? 19.012  3.639   9.155   1.00 36.88 ? 2   NAG B C6  1 
HETATM 1092 C C7  . NAG B 2 .   ? 14.485  3.631   14.223  1.00 36.72 ? 2   NAG B C7  1 
HETATM 1093 C C8  . NAG B 2 .   ? 13.822  4.218   15.435  1.00 36.85 ? 2   NAG B C8  1 
HETATM 1094 N N2  . NAG B 2 .   ? 15.442  4.312   13.590  1.00 36.35 ? 2   NAG B N2  1 
HETATM 1095 O O3  . NAG B 2 .   ? 17.483  2.214   13.691  1.00 36.95 ? 2   NAG B O3  1 
HETATM 1096 O O4  . NAG B 2 .   ? 19.607  2.415   11.808  1.00 37.01 ? 2   NAG B O4  1 
HETATM 1097 O O5  . NAG B 2 .   ? 16.974  4.481   10.160  1.00 36.14 ? 2   NAG B O5  1 
HETATM 1098 O O6  . NAG B 2 .   ? 19.119  4.749   8.269   1.00 36.83 ? 2   NAG B O6  1 
HETATM 1099 O O7  . NAG B 2 .   ? 14.131  2.514   13.824  1.00 36.92 ? 2   NAG B O7  1 
HETATM 1100 C C1  . NAG C 3 .   ? 10.585  1.261   -8.410  1.00 40.43 ? 301 NAG A C1  1 
HETATM 1101 C C2  . NAG C 3 .   ? 10.494  1.821   -9.881  1.00 40.24 ? 301 NAG A C2  1 
HETATM 1102 C C3  . NAG C 3 .   ? 11.374  0.932   -10.799 1.00 40.13 ? 301 NAG A C3  1 
HETATM 1103 C C4  . NAG C 3 .   ? 12.836  0.982   -10.269 1.00 40.36 ? 301 NAG A C4  1 
HETATM 1104 C C5  . NAG C 3 .   ? 12.869  0.473   -8.794  1.00 40.26 ? 301 NAG A C5  1 
HETATM 1105 C C6  . NAG C 3 .   ? 14.265  0.568   -8.189  1.00 40.43 ? 301 NAG A C6  1 
HETATM 1106 C C7  . NAG C 3 .   ? 8.388   2.930   -10.503 1.00 39.92 ? 301 NAG A C7  1 
HETATM 1107 C C8  . NAG C 3 .   ? 6.938   2.861   -10.882 1.00 41.23 ? 301 NAG A C8  1 
HETATM 1108 N N2  . NAG C 3 .   ? 9.071   1.803   -10.280 1.00 40.09 ? 301 NAG A N2  1 
HETATM 1109 O O3  . NAG C 3 .   ? 11.326  1.428   -12.146 1.00 40.47 ? 301 NAG A O3  1 
HETATM 1110 O O4  . NAG C 3 .   ? 13.656  0.152   -11.087 1.00 40.68 ? 301 NAG A O4  1 
HETATM 1111 O O5  . NAG C 3 .   ? 11.970  1.296   -7.954  1.00 39.84 ? 301 NAG A O5  1 
HETATM 1112 O O6  . NAG C 3 .   ? 14.336  -0.102  -6.936  1.00 39.97 ? 301 NAG A O6  1 
HETATM 1113 O O7  . NAG C 3 .   ? 8.930   4.041   -10.398 1.00 39.53 ? 301 NAG A O7  1 
HETATM 1114 C C1  . NAG D 3 .   ? 21.884  17.099  -4.021  1.00 29.65 ? 302 NAG A C1  1 
HETATM 1115 C C2  . NAG D 3 .   ? 23.355  16.947  -4.561  1.00 29.33 ? 302 NAG A C2  1 
HETATM 1116 C C3  . NAG D 3 .   ? 23.879  15.536  -4.178  1.00 29.39 ? 302 NAG A C3  1 
HETATM 1117 C C4  . NAG D 3 .   ? 23.835  15.391  -2.632  1.00 29.81 ? 302 NAG A C4  1 
HETATM 1118 C C5  . NAG D 3 .   ? 22.373  15.600  -2.147  1.00 29.55 ? 302 NAG A C5  1 
HETATM 1119 C C6  . NAG D 3 .   ? 22.237  15.512  -0.631  1.00 29.73 ? 302 NAG A C6  1 
HETATM 1120 C C7  . NAG D 3 .   ? 24.121  17.987  -6.652  1.00 29.76 ? 302 NAG A C7  1 
HETATM 1121 C C8  . NAG D 3 .   ? 24.043  18.131  -8.142  1.00 29.60 ? 302 NAG A C8  1 
HETATM 1122 N N2  . NAG D 3 .   ? 23.323  17.118  -6.028  1.00 29.53 ? 302 NAG A N2  1 
HETATM 1123 O O3  . NAG D 3 .   ? 25.228  15.376  -4.644  1.00 29.75 ? 302 NAG A O3  1 
HETATM 1124 O O4  . NAG D 3 .   ? 24.284  14.086  -2.276  1.00 29.90 ? 302 NAG A O4  1 
HETATM 1125 O O5  . NAG D 3 .   ? 21.880  16.929  -2.571  1.00 29.53 ? 302 NAG A O5  1 
HETATM 1126 O O6  . NAG D 3 .   ? 23.012  16.501  0.041   1.00 29.67 ? 302 NAG A O6  1 
HETATM 1127 O O7  . NAG D 3 .   ? 24.929  18.682  -6.018  1.00 29.79 ? 302 NAG A O7  1 
# 
